data_3VQS
#
_entry.id   3VQS
#
_cell.length_a   101.120
_cell.length_b   101.180
_cell.length_c   250.060
_cell.angle_alpha   90.000
_cell.angle_beta   90.000
_cell.angle_gamma   90.000
#
_symmetry.space_group_name_H-M   'P 21 21 21'
#
loop_
_entity.id
_entity.type
_entity.pdbx_description
1 polymer 'RNA-directed RNA polymerase'
2 non-polymer (2R)-4-(5-cyclopropyl[1,3]thiazolo[4,5-d]pyrimidin-2-yl)-N-[3-fluoro-4-(trifluoromethoxy)benzyl]-1-{[4-(trifluoromethyl)phenyl]sulfonyl}piperazine-2-carboxamide
3 non-polymer 'CHLORIDE ION'
4 water water
#
_entity_poly.entity_id   1
_entity_poly.type   'polypeptide(L)'
_entity_poly.pdbx_seq_one_letter_code
;SMSYTWTGALITPCAAEESKLPINALSNSLLRHHNMVYATTSRSAGLRQKKVTFDRLQVLDDHYRDVLKEMKAKASTVKA
KLLSVEEACKLTPPHSAKSKFGYGAKDVRNLSSKAVNHIHSVWKDLLEDTVTPIDTTIMAKNEVFCVQPEKGGRKPARLI
VFPDLGVRVCEKMALYDVVSTLPQVVMGSSYGFQYSPGQRVEFLVNTWKSKKNPMGFSYDTRCFDSTVTENDIRVEESIY
QCCDLAPEARQAIKSLTERLYIGGPLTNSKGQNCGYRRCRASGVLTTSCGNTLTCYLKASAACRAAKLQDCTMLVNGDDL
VVICESAGTQEDAASLRVFTEAMTRYSAPPGDPPQPEYDLELITSCSSNVSVAHDASGKRVYYLTRDPTTPLARAAWETA
RHTPVNSWLGNIIMYAPTLWARMILMTHFFSILLAQEQLEKALDCQIYGACYSIEPLDLPQIIERLHGLSAFSLHSYSPG
EINRVASCLRKLGVPPLRVWRHRARSVRARLLSQGGRAATCGKYLFNWAVKTKLKLTPIPAASQLDLSGWFVAGYSGGDI
YHSLSRARPRGSHHHHHH
;
_entity_poly.pdbx_strand_id   A,B,C,D
#
loop_
_chem_comp.id
_chem_comp.type
_chem_comp.name
_chem_comp.formula
CL non-polymer 'CHLORIDE ION' 'Cl -1'
JT1 non-polymer (2R)-4-(5-cyclopropyl[1,3]thiazolo[4,5-d]pyrimidin-2-yl)-N-[3-fluoro-4-(trifluoromethoxy)benzyl]-1-{[4-(trifluoromethyl)phenyl]sulfonyl}piperazine-2-carboxamide 'C28 H23 F7 N6 O4 S2'
#
# COMPACT_ATOMS: atom_id res chain seq x y z
N SER A 1 -63.56 -11.82 14.52
CA SER A 1 -64.10 -10.48 14.52
C SER A 1 -63.64 -9.76 13.26
N MET A 2 -64.34 -8.70 12.87
CA MET A 2 -63.94 -7.89 11.74
C MET A 2 -62.66 -7.12 12.07
N SER A 3 -61.76 -7.05 11.10
CA SER A 3 -60.47 -6.34 11.31
C SER A 3 -60.74 -4.87 11.53
N TYR A 4 -61.76 -4.34 10.85
CA TYR A 4 -62.20 -2.94 11.02
C TYR A 4 -63.73 -2.90 10.88
N THR A 5 -64.32 -1.94 11.58
CA THR A 5 -65.70 -1.51 11.28
C THR A 5 -65.60 0.00 11.04
N TRP A 6 -66.45 0.49 10.15
CA TRP A 6 -66.34 1.88 9.69
C TRP A 6 -67.67 2.59 9.96
N THR A 7 -67.56 3.86 10.34
CA THR A 7 -68.76 4.71 10.56
C THR A 7 -69.25 5.34 9.24
N GLY A 8 -68.33 5.46 8.28
CA GLY A 8 -68.62 6.11 7.02
C GLY A 8 -68.00 7.50 6.93
N ALA A 9 -67.54 8.06 8.06
CA ALA A 9 -66.78 9.32 8.01
C ALA A 9 -65.46 9.07 7.26
N LEU A 10 -65.01 10.05 6.49
CA LEU A 10 -63.89 9.83 5.55
C LEU A 10 -62.52 9.85 6.23
N ILE A 11 -61.53 9.20 5.60
CA ILE A 11 -60.16 9.37 6.00
C ILE A 11 -59.66 10.66 5.31
N THR A 12 -59.36 11.67 6.12
CA THR A 12 -59.13 13.01 5.59
C THR A 12 -57.66 13.37 5.61
N PRO A 13 -57.20 14.19 4.64
CA PRO A 13 -55.80 14.67 4.68
C PRO A 13 -55.61 15.78 5.73
N CYS A 14 -54.37 16.08 6.13
CA CYS A 14 -54.13 17.30 6.94
C CYS A 14 -53.21 18.30 6.22
N ALA A 15 -52.36 17.79 5.33
CA ALA A 15 -51.61 18.65 4.39
C ALA A 15 -52.22 18.62 2.99
N ALA A 16 -51.80 19.56 2.15
CA ALA A 16 -52.20 19.54 0.73
C ALA A 16 -51.50 18.37 0.03
N GLU A 17 -52.27 17.50 -0.62
CA GLU A 17 -51.73 16.24 -1.21
C GLU A 17 -51.53 16.34 -2.72
N GLU A 18 -50.28 16.21 -3.16
CA GLU A 18 -49.96 16.21 -4.59
C GLU A 18 -49.91 14.79 -5.10
N SER A 19 -50.39 14.58 -6.33
CA SER A 19 -50.45 13.25 -6.92
C SER A 19 -49.62 13.08 -8.18
N LYS A 20 -49.14 14.18 -8.74
CA LYS A 20 -48.44 14.14 -10.03
C LYS A 20 -47.06 14.84 -9.97
N LEU A 21 -46.14 14.39 -10.81
CA LEU A 21 -44.79 14.93 -10.89
C LEU A 21 -44.75 16.28 -11.62
N PRO A 22 -44.16 17.32 -10.99
CA PRO A 22 -44.13 18.69 -11.54
C PRO A 22 -42.99 18.94 -12.54
N ILE A 23 -43.16 19.97 -13.39
CA ILE A 23 -42.14 20.39 -14.39
C ILE A 23 -40.81 20.83 -13.75
N ASN A 24 -39.72 20.10 -14.02
CA ASN A 24 -38.41 20.37 -13.40
C ASN A 24 -37.22 20.08 -14.29
N ALA A 25 -36.24 20.98 -14.24
CA ALA A 25 -35.03 20.89 -15.04
C ALA A 25 -34.17 19.68 -14.67
N LEU A 26 -33.86 19.56 -13.37
CA LEU A 26 -33.05 18.43 -12.84
C LEU A 26 -33.79 17.07 -12.92
N SER A 27 -35.12 17.09 -12.73
CA SER A 27 -35.93 15.87 -12.72
C SER A 27 -36.01 15.20 -14.08
N ASN A 28 -36.09 16.04 -15.10
CA ASN A 28 -36.19 15.57 -16.48
C ASN A 28 -34.94 14.87 -16.95
N SER A 29 -33.80 15.26 -16.37
CA SER A 29 -32.52 14.60 -16.67
C SER A 29 -32.42 13.20 -16.02
N LEU A 30 -33.27 12.97 -14.99
CA LEU A 30 -33.43 11.61 -14.43
C LEU A 30 -34.39 10.75 -15.30
N LEU A 31 -35.65 11.16 -15.43
CA LEU A 31 -36.62 10.43 -16.28
C LEU A 31 -37.56 11.36 -17.06
N ARG A 32 -37.86 10.98 -18.29
CA ARG A 32 -38.68 11.84 -19.16
C ARG A 32 -40.16 11.54 -19.03
N HIS A 33 -40.50 10.27 -18.82
CA HIS A 33 -41.94 9.91 -18.82
C HIS A 33 -42.53 10.23 -17.48
N HIS A 34 -42.65 11.53 -17.20
CA HIS A 34 -43.10 12.03 -15.89
C HIS A 34 -44.53 11.63 -15.56
N ASN A 35 -45.34 11.37 -16.60
CA ASN A 35 -46.75 11.01 -16.47
C ASN A 35 -46.95 9.55 -15.94
N MET A 36 -45.89 8.74 -15.98
CA MET A 36 -45.92 7.38 -15.39
C MET A 36 -45.80 7.38 -13.86
N VAL A 37 -45.41 8.51 -13.29
CA VAL A 37 -45.16 8.62 -11.86
C VAL A 37 -46.32 9.29 -11.15
N TYR A 38 -46.81 8.65 -10.08
CA TYR A 38 -47.92 9.17 -9.27
C TYR A 38 -47.65 8.97 -7.79
N ALA A 39 -48.33 9.77 -6.97
CA ALA A 39 -48.33 9.60 -5.54
C ALA A 39 -49.76 9.28 -5.07
N THR A 40 -49.88 8.38 -4.10
CA THR A 40 -51.18 8.06 -3.50
C THR A 40 -51.71 9.18 -2.59
N THR A 41 -53.01 9.45 -2.72
CA THR A 41 -53.66 10.46 -1.88
C THR A 41 -54.79 9.79 -1.09
N SER A 42 -55.38 10.55 -0.19
N SER A 42 -55.38 10.56 -0.18
CA SER A 42 -56.53 10.12 0.62
CA SER A 42 -56.52 10.14 0.63
C SER A 42 -57.75 9.77 -0.22
C SER A 42 -57.76 9.81 -0.21
N ARG A 43 -57.75 10.19 -1.49
CA ARG A 43 -58.90 9.95 -2.39
C ARG A 43 -59.10 8.48 -2.71
N SER A 44 -58.05 7.67 -2.54
CA SER A 44 -58.14 6.24 -2.75
C SER A 44 -58.24 5.44 -1.42
N ALA A 45 -58.39 6.14 -0.30
CA ALA A 45 -58.42 5.48 1.02
C ALA A 45 -59.58 4.50 1.14
N GLY A 46 -60.71 4.81 0.46
CA GLY A 46 -61.89 3.92 0.47
C GLY A 46 -61.58 2.57 -0.17
N LEU A 47 -60.78 2.56 -1.24
CA LEU A 47 -60.42 1.33 -1.92
C LEU A 47 -59.54 0.47 -0.99
N ARG A 48 -58.59 1.09 -0.29
CA ARG A 48 -57.75 0.37 0.67
C ARG A 48 -58.59 -0.19 1.83
N GLN A 49 -59.57 0.60 2.30
CA GLN A 49 -60.45 0.17 3.40
C GLN A 49 -61.12 -1.16 3.05
N LYS A 50 -61.59 -1.30 1.81
CA LYS A 50 -62.23 -2.52 1.36
C LYS A 50 -61.29 -3.73 1.43
N LYS A 51 -60.06 -3.55 0.95
CA LYS A 51 -59.07 -4.63 0.92
C LYS A 51 -58.80 -5.12 2.35
N VAL A 52 -58.61 -4.19 3.29
CA VAL A 52 -58.11 -4.52 4.63
C VAL A 52 -59.20 -4.89 5.62
N THR A 53 -60.47 -4.78 5.18
CA THR A 53 -61.63 -5.08 6.05
C THR A 53 -62.19 -6.48 5.77
N PHE A 54 -62.09 -7.36 6.76
CA PHE A 54 -62.59 -8.77 6.60
C PHE A 54 -62.69 -9.46 7.94
N ASP A 55 -63.47 -10.52 8.02
CA ASP A 55 -63.65 -11.27 9.27
C ASP A 55 -62.45 -12.24 9.38
N ARG A 56 -61.89 -12.38 10.57
CA ARG A 56 -60.81 -13.33 10.78
C ARG A 56 -61.36 -14.56 11.48
N LEU A 57 -61.07 -15.72 10.90
CA LEU A 57 -61.35 -16.99 11.55
C LEU A 57 -59.98 -17.57 11.88
N GLN A 58 -59.85 -18.10 13.09
CA GLN A 58 -58.57 -18.55 13.56
C GLN A 58 -58.78 -19.83 14.36
N VAL A 59 -58.07 -20.88 13.97
CA VAL A 59 -58.13 -22.14 14.67
C VAL A 59 -56.70 -22.58 14.96
N LEU A 60 -56.40 -22.85 16.21
CA LEU A 60 -55.01 -23.20 16.64
C LEU A 60 -54.89 -24.67 16.97
N ASP A 61 -53.69 -25.24 16.86
CA ASP A 61 -53.52 -26.68 17.05
C ASP A 61 -52.30 -26.96 17.90
N ASP A 62 -51.95 -28.23 18.07
CA ASP A 62 -50.83 -28.57 18.98
C ASP A 62 -49.48 -28.07 18.44
N HIS A 63 -49.33 -28.03 17.10
CA HIS A 63 -48.08 -27.49 16.53
C HIS A 63 -47.91 -26.02 16.91
N TYR A 64 -49.00 -25.27 16.85
CA TYR A 64 -48.96 -23.88 17.24
C TYR A 64 -48.60 -23.77 18.72
N ARG A 65 -49.29 -24.55 19.59
CA ARG A 65 -48.98 -24.56 21.02
C ARG A 65 -47.58 -24.98 21.33
N ASP A 66 -47.07 -26.01 20.65
CA ASP A 66 -45.66 -26.47 20.92
C ASP A 66 -44.64 -25.37 20.62
N VAL A 67 -44.81 -24.72 19.51
CA VAL A 67 -43.87 -23.63 19.07
C VAL A 67 -43.94 -22.52 20.08
N LEU A 68 -45.18 -22.15 20.47
CA LEU A 68 -45.30 -21.08 21.47
C LEU A 68 -44.59 -21.38 22.81
N LYS A 69 -44.81 -22.61 23.32
CA LYS A 69 -44.09 -23.03 24.52
C LYS A 69 -42.59 -22.85 24.39
N GLU A 70 -42.01 -23.27 23.25
CA GLU A 70 -40.55 -23.11 23.06
C GLU A 70 -40.13 -21.63 23.01
N MET A 71 -40.93 -20.82 22.33
CA MET A 71 -40.66 -19.35 22.33
C MET A 71 -40.73 -18.71 23.69
N LYS A 72 -41.74 -19.07 24.48
CA LYS A 72 -41.82 -18.52 25.81
C LYS A 72 -40.62 -18.95 26.67
N ALA A 73 -40.18 -20.20 26.52
CA ALA A 73 -39.00 -20.66 27.29
C ALA A 73 -37.77 -19.79 26.95
N LYS A 74 -37.51 -19.49 25.65
CA LYS A 74 -36.41 -18.56 25.30
C LYS A 74 -36.60 -17.17 25.89
N ALA A 75 -37.82 -16.66 25.74
CA ALA A 75 -38.16 -15.36 26.24
C ALA A 75 -37.93 -15.23 27.77
N SER A 76 -38.17 -16.33 28.50
CA SER A 76 -37.88 -16.37 29.97
C SER A 76 -36.42 -16.14 30.38
N THR A 77 -35.51 -16.21 29.42
CA THR A 77 -34.09 -15.89 29.71
C THR A 77 -33.73 -14.40 29.52
N VAL A 78 -34.71 -13.59 29.12
CA VAL A 78 -34.43 -12.17 28.83
C VAL A 78 -34.81 -11.30 30.02
N LYS A 79 -33.93 -10.39 30.36
CA LYS A 79 -34.22 -9.40 31.42
C LYS A 79 -34.30 -8.07 30.67
N ALA A 80 -35.38 -7.29 30.87
CA ALA A 80 -35.52 -6.01 30.19
C ALA A 80 -35.68 -4.90 31.20
N LYS A 81 -35.20 -3.73 30.84
CA LYS A 81 -35.28 -2.61 31.74
C LYS A 81 -36.38 -1.65 31.39
N LEU A 82 -36.97 -1.09 32.46
CA LEU A 82 -37.98 -0.08 32.35
C LEU A 82 -37.27 1.25 32.21
N LEU A 83 -37.48 1.98 31.12
CA LEU A 83 -36.81 3.28 30.94
C LEU A 83 -37.56 4.37 31.74
N SER A 84 -36.82 5.40 32.18
CA SER A 84 -37.48 6.52 32.87
C SER A 84 -38.13 7.36 31.75
N VAL A 85 -39.01 8.27 32.12
CA VAL A 85 -39.57 9.17 31.12
C VAL A 85 -38.48 9.83 30.31
N GLU A 86 -37.46 10.35 31.00
CA GLU A 86 -36.36 11.12 30.37
C GLU A 86 -35.57 10.30 29.38
N GLU A 87 -35.24 9.08 29.77
CA GLU A 87 -34.57 8.14 28.84
C GLU A 87 -35.40 7.87 27.58
N ALA A 88 -36.69 7.59 27.75
CA ALA A 88 -37.56 7.32 26.57
C ALA A 88 -37.72 8.60 25.71
N CYS A 89 -37.78 9.79 26.39
CA CYS A 89 -37.81 11.02 25.63
C CYS A 89 -36.62 11.14 24.64
N LYS A 90 -35.42 10.85 25.11
CA LYS A 90 -34.20 10.95 24.28
C LYS A 90 -34.19 9.99 23.07
N LEU A 91 -35.05 8.96 23.10
CA LEU A 91 -35.15 7.98 22.01
C LEU A 91 -36.24 8.33 20.98
N THR A 92 -36.90 9.46 21.19
CA THR A 92 -37.95 9.87 20.27
C THR A 92 -37.33 10.45 19.00
N PRO A 93 -37.84 10.06 17.82
CA PRO A 93 -37.30 10.61 16.55
C PRO A 93 -37.58 12.14 16.47
N PRO A 94 -36.64 12.92 15.87
CA PRO A 94 -36.78 14.37 15.81
C PRO A 94 -38.06 14.87 15.14
N HIS A 95 -38.56 14.19 14.11
CA HIS A 95 -39.72 14.74 13.38
C HIS A 95 -41.03 14.02 13.64
N SER A 96 -41.10 13.34 14.78
CA SER A 96 -42.31 12.63 15.21
C SER A 96 -43.54 13.58 15.33
N ALA A 97 -44.75 13.12 14.95
CA ALA A 97 -45.95 13.95 15.01
C ALA A 97 -46.18 14.52 16.42
N LYS A 98 -46.58 15.79 16.46
CA LYS A 98 -46.71 16.51 17.74
C LYS A 98 -47.86 15.93 18.54
N SER A 99 -47.84 16.12 19.87
CA SER A 99 -48.95 15.72 20.70
C SER A 99 -50.16 16.60 20.48
N LYS A 100 -51.37 16.09 20.70
CA LYS A 100 -52.54 16.99 20.73
C LYS A 100 -52.67 17.74 22.05
N PHE A 101 -51.78 17.43 22.99
CA PHE A 101 -51.80 18.05 24.33
C PHE A 101 -50.77 19.16 24.44
N GLY A 102 -50.41 19.77 23.30
CA GLY A 102 -49.68 21.05 23.29
C GLY A 102 -48.18 21.02 23.45
N TYR A 103 -47.53 20.00 22.89
CA TYR A 103 -46.07 19.99 22.82
C TYR A 103 -45.76 19.09 21.62
N GLY A 104 -44.53 19.16 21.13
CA GLY A 104 -44.14 18.29 20.00
C GLY A 104 -42.88 17.49 20.29
N ALA A 105 -42.35 16.84 19.24
CA ALA A 105 -41.17 15.96 19.46
C ALA A 105 -39.92 16.72 19.94
N LYS A 106 -39.75 17.97 19.45
CA LYS A 106 -38.59 18.77 19.82
C LYS A 106 -38.63 19.04 21.33
N ASP A 107 -39.83 19.35 21.86
CA ASP A 107 -40.03 19.58 23.31
C ASP A 107 -39.75 18.27 24.09
N VAL A 108 -40.21 17.13 23.52
CA VAL A 108 -39.95 15.83 24.19
C VAL A 108 -38.42 15.59 24.28
N ARG A 109 -37.71 15.71 23.15
CA ARG A 109 -36.24 15.46 23.13
C ARG A 109 -35.46 16.43 24.06
N ASN A 110 -35.97 17.67 24.17
CA ASN A 110 -35.36 18.66 25.08
C ASN A 110 -35.76 18.46 26.53
N LEU A 111 -36.61 17.47 26.80
CA LEU A 111 -37.14 17.25 28.17
C LEU A 111 -37.92 18.49 28.73
N SER A 112 -38.67 19.17 27.85
CA SER A 112 -39.60 20.24 28.29
C SER A 112 -40.45 19.75 29.44
N SER A 113 -40.64 20.60 30.44
CA SER A 113 -41.40 20.23 31.62
C SER A 113 -42.86 19.92 31.28
N LYS A 114 -43.45 20.68 30.36
CA LYS A 114 -44.85 20.44 29.98
C LYS A 114 -44.92 18.97 29.38
N ALA A 115 -43.99 18.68 28.49
CA ALA A 115 -43.94 17.29 27.80
C ALA A 115 -43.72 16.17 28.81
N VAL A 116 -42.65 16.28 29.59
CA VAL A 116 -42.30 15.28 30.61
C VAL A 116 -43.36 14.97 31.59
N ASN A 117 -44.00 16.04 32.12
CA ASN A 117 -45.02 15.80 33.12
C ASN A 117 -46.32 15.33 32.50
N HIS A 118 -46.59 15.74 31.25
CA HIS A 118 -47.72 15.08 30.57
C HIS A 118 -47.50 13.57 30.42
N ILE A 119 -46.28 13.19 30.03
CA ILE A 119 -45.98 11.75 29.80
C ILE A 119 -46.14 11.01 31.14
N HIS A 120 -45.73 11.65 32.24
CA HIS A 120 -45.92 11.04 33.56
C HIS A 120 -47.36 10.75 33.80
N SER A 121 -48.23 11.69 33.44
CA SER A 121 -49.69 11.51 33.65
C SER A 121 -50.23 10.38 32.78
N VAL A 122 -49.75 10.30 31.52
CA VAL A 122 -50.15 9.18 30.61
C VAL A 122 -49.72 7.85 31.20
N TRP A 123 -48.50 7.78 31.69
CA TRP A 123 -48.01 6.57 32.39
C TRP A 123 -48.84 6.20 33.56
N LYS A 124 -49.14 7.19 34.45
CA LYS A 124 -49.99 6.87 35.64
C LYS A 124 -51.31 6.29 35.24
N ASP A 125 -51.91 6.86 34.19
CA ASP A 125 -53.20 6.38 33.70
C ASP A 125 -53.09 4.94 33.14
N LEU A 126 -51.94 4.60 32.51
CA LEU A 126 -51.77 3.20 32.01
C LEU A 126 -51.67 2.24 33.21
N LEU A 127 -51.04 2.71 34.31
CA LEU A 127 -50.95 1.82 35.51
C LEU A 127 -52.30 1.58 36.20
N GLU A 128 -53.23 2.55 36.11
N GLU A 128 -53.22 2.56 36.14
CA GLU A 128 -54.50 2.46 36.87
CA GLU A 128 -54.48 2.50 36.90
C GLU A 128 -55.60 1.80 36.07
C GLU A 128 -55.70 2.05 36.08
N ASP A 129 -55.55 2.03 34.75
CA ASP A 129 -56.63 1.62 33.85
C ASP A 129 -56.04 0.69 32.79
N THR A 130 -56.51 -0.56 32.79
CA THR A 130 -56.03 -1.62 31.87
C THR A 130 -57.06 -1.84 30.76
N VAL A 131 -58.11 -1.02 30.71
CA VAL A 131 -59.28 -1.38 29.87
C VAL A 131 -59.69 -0.33 28.82
N THR A 132 -59.78 0.94 29.19
CA THR A 132 -60.37 1.91 28.27
C THR A 132 -59.54 2.07 27.00
N PRO A 133 -60.18 1.92 25.85
CA PRO A 133 -59.40 1.91 24.57
C PRO A 133 -58.80 3.31 24.40
N ILE A 134 -57.59 3.35 23.87
CA ILE A 134 -56.85 4.59 23.69
C ILE A 134 -57.15 5.08 22.30
N ASP A 135 -57.34 6.41 22.18
CA ASP A 135 -57.62 6.99 20.87
C ASP A 135 -56.46 6.76 19.89
N THR A 136 -56.77 6.65 18.59
CA THR A 136 -55.70 6.67 17.57
C THR A 136 -56.12 7.55 16.42
N THR A 137 -55.14 8.03 15.68
CA THR A 137 -55.39 8.74 14.43
C THR A 137 -55.20 7.77 13.26
N ILE A 138 -56.13 7.83 12.31
CA ILE A 138 -55.93 7.11 11.04
C ILE A 138 -55.64 8.14 9.93
N MET A 139 -54.64 7.89 9.12
CA MET A 139 -54.22 8.83 8.04
C MET A 139 -53.94 7.98 6.81
N ALA A 140 -54.23 8.52 5.62
CA ALA A 140 -53.76 7.90 4.41
C ALA A 140 -52.30 8.27 4.21
N LYS A 141 -51.48 7.25 3.89
CA LYS A 141 -50.07 7.50 3.60
C LYS A 141 -49.88 7.96 2.15
N ASN A 142 -49.07 8.99 1.97
CA ASN A 142 -48.67 9.44 0.63
C ASN A 142 -47.36 8.74 0.18
N GLU A 143 -47.44 7.82 -0.78
CA GLU A 143 -46.26 7.17 -1.36
C GLU A 143 -46.23 7.21 -2.88
N VAL A 144 -45.04 7.18 -3.44
CA VAL A 144 -44.82 7.32 -4.89
C VAL A 144 -44.57 6.00 -5.57
N PHE A 145 -45.24 5.82 -6.72
CA PHE A 145 -45.11 4.61 -7.54
C PHE A 145 -45.06 4.92 -9.02
N CYS A 146 -44.78 3.91 -9.83
CA CYS A 146 -44.86 4.03 -11.26
C CYS A 146 -46.03 3.16 -11.79
N VAL A 147 -46.79 3.67 -12.76
CA VAL A 147 -47.90 2.91 -13.39
C VAL A 147 -47.38 1.63 -14.06
N GLN A 148 -48.09 0.54 -13.82
CA GLN A 148 -47.79 -0.74 -14.44
C GLN A 148 -48.98 -1.16 -15.30
N PRO A 149 -48.86 -0.99 -16.64
CA PRO A 149 -49.91 -1.42 -17.56
C PRO A 149 -50.22 -2.93 -17.45
N GLU A 150 -49.21 -3.74 -17.09
CA GLU A 150 -49.40 -5.20 -16.90
C GLU A 150 -50.11 -5.60 -15.59
N LYS A 151 -49.86 -4.85 -14.52
CA LYS A 151 -50.53 -5.05 -13.23
C LYS A 151 -52.01 -4.64 -13.32
N GLY A 152 -52.80 -5.06 -12.33
CA GLY A 152 -54.22 -4.71 -12.25
C GLY A 152 -54.53 -3.23 -12.50
N GLY A 153 -53.83 -2.36 -11.78
CA GLY A 153 -54.00 -0.90 -11.89
C GLY A 153 -53.15 -0.13 -10.87
N ARG A 154 -53.49 1.15 -10.65
CA ARG A 154 -52.82 2.01 -9.65
C ARG A 154 -53.08 1.59 -8.22
N LYS A 155 -52.04 1.59 -7.38
CA LYS A 155 -52.15 1.20 -5.97
C LYS A 155 -52.91 2.25 -5.15
N PRO A 156 -53.87 1.82 -4.32
CA PRO A 156 -54.52 2.71 -3.36
C PRO A 156 -53.54 3.08 -2.24
N ALA A 157 -53.82 4.19 -1.57
CA ALA A 157 -53.03 4.65 -0.45
C ALA A 157 -53.01 3.60 0.67
N ARG A 158 -51.88 3.47 1.38
CA ARG A 158 -51.86 2.67 2.58
C ARG A 158 -52.43 3.50 3.72
N LEU A 159 -52.81 2.82 4.78
CA LEU A 159 -53.44 3.50 5.93
C LEU A 159 -52.49 3.34 7.11
N ILE A 160 -52.26 4.43 7.82
CA ILE A 160 -51.47 4.34 9.03
C ILE A 160 -52.35 4.67 10.23
N VAL A 161 -52.03 4.07 11.38
CA VAL A 161 -52.84 4.24 12.59
C VAL A 161 -51.84 4.44 13.72
N PHE A 162 -51.96 5.52 14.48
CA PHE A 162 -50.96 5.77 15.53
C PHE A 162 -51.60 6.50 16.72
N PRO A 163 -51.08 6.20 17.93
CA PRO A 163 -51.58 6.93 19.11
C PRO A 163 -50.85 8.27 19.26
N ASP A 164 -51.30 9.07 20.21
CA ASP A 164 -50.68 10.35 20.52
C ASP A 164 -49.23 10.25 21.00
N LEU A 165 -48.45 11.32 20.74
CA LEU A 165 -47.00 11.32 21.10
C LEU A 165 -46.72 10.91 22.56
N GLY A 166 -47.56 11.34 23.52
CA GLY A 166 -47.24 11.02 24.91
C GLY A 166 -47.36 9.50 25.12
N VAL A 167 -48.40 8.89 24.54
CA VAL A 167 -48.57 7.42 24.62
C VAL A 167 -47.33 6.76 23.95
N ARG A 168 -46.86 7.32 22.82
CA ARG A 168 -45.69 6.72 22.13
C ARG A 168 -44.44 6.72 23.01
N VAL A 169 -44.24 7.76 23.81
CA VAL A 169 -43.11 7.73 24.68
C VAL A 169 -43.29 6.70 25.78
N CYS A 170 -44.52 6.56 26.34
CA CYS A 170 -44.79 5.52 27.37
C CYS A 170 -44.47 4.11 26.77
N GLU A 171 -44.83 3.92 25.52
CA GLU A 171 -44.49 2.58 24.87
C GLU A 171 -43.00 2.28 24.98
N LYS A 172 -42.16 3.28 24.67
CA LYS A 172 -40.70 3.09 24.79
C LYS A 172 -40.29 2.80 26.21
N MET A 173 -40.83 3.57 27.18
CA MET A 173 -40.56 3.25 28.55
C MET A 173 -40.74 1.79 28.88
N ALA A 174 -41.92 1.25 28.55
CA ALA A 174 -42.24 -0.11 28.93
C ALA A 174 -41.57 -1.17 28.03
N LEU A 175 -41.39 -0.83 26.76
CA LEU A 175 -41.14 -1.91 25.73
C LEU A 175 -39.94 -1.70 24.86
N TYR A 176 -39.28 -0.55 24.93
CA TYR A 176 -38.15 -0.31 24.02
C TYR A 176 -37.06 -1.35 24.17
N ASP A 177 -36.71 -1.66 25.41
CA ASP A 177 -35.67 -2.64 25.62
C ASP A 177 -36.14 -4.04 25.21
N VAL A 178 -37.39 -4.38 25.48
CA VAL A 178 -37.93 -5.69 25.02
C VAL A 178 -37.88 -5.80 23.47
N VAL A 179 -38.41 -4.80 22.71
CA VAL A 179 -38.47 -4.99 21.25
C VAL A 179 -37.06 -4.98 20.67
N SER A 180 -36.14 -4.35 21.38
CA SER A 180 -34.73 -4.34 20.99
C SER A 180 -33.96 -5.66 21.13
N THR A 181 -34.34 -6.41 22.16
N THR A 181 -34.39 -6.38 22.16
CA THR A 181 -33.51 -7.55 22.56
CA THR A 181 -33.62 -7.50 22.68
C THR A 181 -34.21 -8.92 22.49
C THR A 181 -34.24 -8.88 22.47
N LEU A 182 -35.52 -8.95 22.72
CA LEU A 182 -36.21 -10.22 22.80
C LEU A 182 -36.26 -10.99 21.49
N PRO A 183 -36.54 -10.34 20.35
CA PRO A 183 -36.73 -11.15 19.15
C PRO A 183 -35.54 -11.96 18.77
N GLN A 184 -34.34 -11.40 18.90
CA GLN A 184 -33.10 -12.17 18.49
C GLN A 184 -32.85 -13.39 19.44
N VAL A 185 -33.19 -13.26 20.70
CA VAL A 185 -33.09 -14.39 21.65
C VAL A 185 -34.08 -15.48 21.29
N VAL A 186 -35.30 -15.08 20.96
CA VAL A 186 -36.38 -16.08 20.72
C VAL A 186 -36.16 -16.74 19.35
N MET A 187 -35.80 -15.93 18.36
CA MET A 187 -35.74 -16.47 16.97
C MET A 187 -34.36 -16.78 16.40
N GLY A 188 -33.31 -16.38 17.13
CA GLY A 188 -31.90 -16.62 16.70
C GLY A 188 -31.65 -16.19 15.22
N SER A 189 -31.08 -17.08 14.37
CA SER A 189 -30.66 -16.65 13.06
C SER A 189 -31.86 -16.36 12.13
N SER A 190 -33.07 -16.74 12.55
CA SER A 190 -34.27 -16.44 11.74
C SER A 190 -34.71 -14.98 11.88
N TYR A 191 -34.14 -14.26 12.85
CA TYR A 191 -34.60 -12.90 13.10
C TYR A 191 -34.04 -11.92 12.12
N GLY A 192 -34.88 -11.42 11.19
CA GLY A 192 -34.32 -10.64 10.05
C GLY A 192 -33.66 -9.32 10.36
N PHE A 193 -34.09 -8.64 11.41
CA PHE A 193 -33.58 -7.24 11.61
C PHE A 193 -32.17 -7.16 12.18
N GLN A 194 -31.59 -8.28 12.56
CA GLN A 194 -30.20 -8.26 13.05
C GLN A 194 -29.22 -8.11 11.87
N TYR A 195 -29.71 -8.25 10.62
CA TYR A 195 -28.85 -8.34 9.48
C TYR A 195 -28.76 -7.07 8.63
N SER A 196 -27.53 -6.69 8.31
CA SER A 196 -27.28 -5.82 7.14
C SER A 196 -27.57 -6.58 5.83
N PRO A 197 -27.65 -5.87 4.65
CA PRO A 197 -27.86 -6.61 3.38
C PRO A 197 -26.69 -7.60 3.16
N GLY A 198 -25.47 -7.22 3.52
CA GLY A 198 -24.31 -8.19 3.36
C GLY A 198 -24.55 -9.46 4.20
N GLN A 199 -24.99 -9.28 5.42
CA GLN A 199 -25.24 -10.41 6.31
C GLN A 199 -26.52 -11.22 5.95
N ARG A 200 -27.54 -10.55 5.41
CA ARG A 200 -28.73 -11.30 5.04
C ARG A 200 -28.44 -12.10 3.81
N VAL A 201 -27.75 -11.52 2.83
CA VAL A 201 -27.42 -12.36 1.61
C VAL A 201 -26.47 -13.50 1.98
N GLU A 202 -25.51 -13.24 2.89
CA GLU A 202 -24.66 -14.32 3.33
C GLU A 202 -25.50 -15.42 4.00
N PHE A 203 -26.47 -15.07 4.85
CA PHE A 203 -27.24 -16.09 5.56
C PHE A 203 -28.11 -16.87 4.56
N LEU A 204 -28.72 -16.15 3.61
CA LEU A 204 -29.60 -16.84 2.62
C LEU A 204 -28.74 -17.79 1.79
N VAL A 205 -27.60 -17.30 1.26
CA VAL A 205 -26.76 -18.17 0.39
C VAL A 205 -26.24 -19.40 1.15
N ASN A 206 -25.69 -19.18 2.34
CA ASN A 206 -25.10 -20.31 3.09
C ASN A 206 -26.18 -21.28 3.59
N THR A 207 -27.34 -20.77 3.92
CA THR A 207 -28.50 -21.64 4.25
C THR A 207 -28.83 -22.49 3.01
N TRP A 208 -28.86 -21.84 1.85
CA TRP A 208 -29.17 -22.60 0.60
C TRP A 208 -28.09 -23.64 0.33
N LYS A 209 -26.80 -23.23 0.45
CA LYS A 209 -25.67 -24.14 0.24
C LYS A 209 -25.59 -25.30 1.26
N SER A 210 -26.18 -25.09 2.42
CA SER A 210 -26.06 -26.06 3.48
C SER A 210 -26.98 -27.28 3.27
N LYS A 211 -28.02 -27.12 2.45
CA LYS A 211 -28.95 -28.23 2.25
C LYS A 211 -28.36 -29.23 1.23
N LYS A 212 -28.55 -30.50 1.52
CA LYS A 212 -28.24 -31.60 0.51
C LYS A 212 -28.94 -31.27 -0.81
N ASN A 213 -30.22 -30.92 -0.74
CA ASN A 213 -30.97 -30.68 -2.00
C ASN A 213 -32.03 -29.61 -1.72
N PRO A 214 -31.67 -28.33 -1.92
CA PRO A 214 -32.49 -27.24 -1.34
C PRO A 214 -33.82 -26.97 -2.11
N MET A 215 -34.80 -26.47 -1.37
CA MET A 215 -36.03 -25.98 -1.93
C MET A 215 -36.34 -24.76 -1.08
N GLY A 216 -36.88 -23.70 -1.69
CA GLY A 216 -37.27 -22.55 -0.84
C GLY A 216 -38.53 -21.90 -1.41
N PHE A 217 -39.16 -21.07 -0.60
CA PHE A 217 -40.28 -20.30 -1.10
C PHE A 217 -40.42 -19.05 -0.21
N SER A 218 -40.91 -17.98 -0.81
CA SER A 218 -41.44 -16.86 -0.04
C SER A 218 -42.91 -17.11 0.26
N TYR A 219 -43.43 -16.54 1.34
CA TYR A 219 -44.84 -16.74 1.63
C TYR A 219 -45.42 -15.35 1.85
N ASP A 220 -46.35 -14.94 0.99
CA ASP A 220 -46.90 -13.61 1.01
C ASP A 220 -48.26 -13.63 1.70
N THR A 221 -48.33 -13.16 2.95
CA THR A 221 -49.63 -13.10 3.63
C THR A 221 -50.43 -11.91 3.04
N ARG A 222 -51.70 -12.17 2.69
CA ARG A 222 -52.57 -11.09 2.21
C ARG A 222 -52.85 -10.11 3.38
N CYS A 223 -52.41 -8.85 3.26
CA CYS A 223 -52.72 -7.77 4.24
C CYS A 223 -52.37 -8.24 5.63
N PHE A 224 -51.09 -8.50 5.87
CA PHE A 224 -50.70 -9.20 7.10
C PHE A 224 -51.32 -8.51 8.33
N ASP A 225 -51.23 -7.18 8.38
CA ASP A 225 -51.63 -6.45 9.62
C ASP A 225 -53.10 -6.71 9.96
N SER A 226 -53.93 -6.76 8.93
CA SER A 226 -55.36 -7.04 9.13
C SER A 226 -55.64 -8.48 9.56
N THR A 227 -54.72 -9.43 9.23
CA THR A 227 -54.93 -10.83 9.60
C THR A 227 -54.51 -11.08 11.07
N VAL A 228 -53.76 -10.18 11.65
CA VAL A 228 -53.37 -10.30 13.07
C VAL A 228 -54.60 -10.12 13.96
N THR A 229 -54.91 -11.15 14.73
CA THR A 229 -56.11 -11.09 15.57
C THR A 229 -55.81 -10.53 16.93
N GLU A 230 -56.89 -10.22 17.70
CA GLU A 230 -56.70 -9.77 19.05
C GLU A 230 -56.00 -10.86 19.83
N ASN A 231 -56.35 -12.12 19.55
CA ASN A 231 -55.70 -13.21 20.24
C ASN A 231 -54.15 -13.26 19.97
N ASP A 232 -53.78 -13.07 18.71
CA ASP A 232 -52.33 -12.99 18.32
C ASP A 232 -51.61 -11.93 19.16
N ILE A 233 -52.25 -10.78 19.28
CA ILE A 233 -51.62 -9.62 20.04
C ILE A 233 -51.53 -9.92 21.51
N ARG A 234 -52.51 -10.64 22.07
CA ARG A 234 -52.43 -11.11 23.46
C ARG A 234 -51.40 -12.20 23.66
N VAL A 235 -51.29 -13.08 22.68
CA VAL A 235 -50.24 -14.14 22.70
C VAL A 235 -48.87 -13.46 22.70
N GLU A 236 -48.70 -12.46 21.83
N GLU A 236 -48.72 -12.47 21.82
CA GLU A 236 -47.47 -11.64 21.86
CA GLU A 236 -47.52 -11.61 21.83
C GLU A 236 -47.22 -11.07 23.25
C GLU A 236 -47.24 -11.09 23.23
N GLU A 237 -48.27 -10.50 23.86
CA GLU A 237 -48.12 -9.98 25.20
C GLU A 237 -47.65 -11.04 26.17
N SER A 238 -48.20 -12.27 26.05
CA SER A 238 -47.86 -13.31 27.01
C SER A 238 -46.35 -13.70 26.79
N ILE A 239 -45.85 -13.58 25.55
CA ILE A 239 -44.42 -13.78 25.33
C ILE A 239 -43.57 -12.68 26.07
N TYR A 240 -43.90 -11.41 25.85
CA TYR A 240 -43.23 -10.33 26.46
C TYR A 240 -43.22 -10.50 27.97
N GLN A 241 -44.34 -10.97 28.54
CA GLN A 241 -44.43 -11.08 30.06
C GLN A 241 -43.56 -12.22 30.59
N CYS A 242 -42.99 -13.07 29.70
CA CYS A 242 -42.03 -14.06 30.14
C CYS A 242 -40.69 -13.44 30.51
N CYS A 243 -40.41 -12.22 30.02
CA CYS A 243 -39.20 -11.54 30.39
C CYS A 243 -39.19 -11.21 31.89
N ASP A 244 -37.99 -10.98 32.37
CA ASP A 244 -37.81 -10.49 33.74
C ASP A 244 -38.04 -8.98 33.62
N LEU A 245 -39.15 -8.52 34.17
CA LEU A 245 -39.57 -7.13 33.94
C LEU A 245 -39.83 -6.44 35.29
N ALA A 246 -39.64 -5.13 35.37
CA ALA A 246 -40.06 -4.33 36.55
C ALA A 246 -41.59 -4.40 36.71
N PRO A 247 -42.09 -4.36 37.97
CA PRO A 247 -43.58 -4.47 38.13
C PRO A 247 -44.36 -3.41 37.35
N GLU A 248 -43.86 -2.17 37.25
CA GLU A 248 -44.59 -1.12 36.47
C GLU A 248 -44.53 -1.36 34.93
N ALA A 249 -43.43 -1.95 34.45
CA ALA A 249 -43.39 -2.37 33.04
C ALA A 249 -44.44 -3.45 32.77
N ARG A 250 -44.56 -4.41 33.65
CA ARG A 250 -45.53 -5.50 33.46
C ARG A 250 -46.93 -4.93 33.35
N GLN A 251 -47.26 -3.98 34.24
CA GLN A 251 -48.56 -3.38 34.23
C GLN A 251 -48.80 -2.52 32.96
N ALA A 252 -47.85 -1.68 32.58
CA ALA A 252 -48.01 -0.84 31.37
C ALA A 252 -48.09 -1.69 30.11
N ILE A 253 -47.33 -2.80 30.04
CA ILE A 253 -47.42 -3.69 28.86
C ILE A 253 -48.83 -4.30 28.75
N LYS A 254 -49.40 -4.72 29.89
CA LYS A 254 -50.79 -5.23 29.89
C LYS A 254 -51.78 -4.14 29.39
N SER A 255 -51.70 -2.96 29.98
CA SER A 255 -52.57 -1.85 29.62
C SER A 255 -52.41 -1.48 28.15
N LEU A 256 -51.17 -1.27 27.70
CA LEU A 256 -50.91 -0.95 26.26
C LEU A 256 -51.47 -2.07 25.39
N THR A 257 -51.26 -3.34 25.78
CA THR A 257 -51.88 -4.44 24.97
C THR A 257 -53.42 -4.32 24.86
N GLU A 258 -54.10 -4.13 26.01
CA GLU A 258 -55.56 -4.23 26.03
C GLU A 258 -56.22 -2.94 25.52
N ARG A 259 -55.57 -1.81 25.75
CA ARG A 259 -56.13 -0.50 25.39
C ARG A 259 -55.71 0.01 24.02
N LEU A 260 -54.55 -0.46 23.51
CA LEU A 260 -54.04 0.07 22.27
C LEU A 260 -53.72 -1.04 21.25
N TYR A 261 -52.86 -2.01 21.64
CA TYR A 261 -52.38 -2.97 20.66
C TYR A 261 -53.49 -3.87 20.06
N ILE A 262 -54.41 -4.37 20.88
CA ILE A 262 -55.44 -5.23 20.31
C ILE A 262 -56.48 -4.47 19.47
N GLY A 263 -56.54 -3.15 19.59
CA GLY A 263 -57.50 -2.40 18.74
C GLY A 263 -58.00 -1.16 19.52
N GLY A 264 -58.94 -0.43 18.94
CA GLY A 264 -59.45 0.80 19.55
C GLY A 264 -60.10 1.69 18.49
N PRO A 265 -60.64 2.83 18.92
CA PRO A 265 -61.30 3.73 17.99
C PRO A 265 -60.30 4.43 17.08
N LEU A 266 -60.77 4.71 15.87
CA LEU A 266 -60.02 5.41 14.86
C LEU A 266 -60.63 6.83 14.68
N THR A 267 -59.78 7.86 14.77
CA THR A 267 -60.16 9.27 14.60
C THR A 267 -59.46 9.85 13.40
N ASN A 268 -60.19 10.53 12.51
CA ASN A 268 -59.54 11.20 11.36
C ASN A 268 -58.85 12.50 11.73
N SER A 269 -58.23 13.16 10.73
CA SER A 269 -57.47 14.41 10.97
C SER A 269 -58.42 15.56 11.39
N LYS A 270 -59.71 15.41 11.10
CA LYS A 270 -60.74 16.41 11.48
C LYS A 270 -61.37 16.11 12.83
N GLY A 271 -60.96 15.02 13.48
CA GLY A 271 -61.42 14.65 14.83
C GLY A 271 -62.72 13.90 14.83
N GLN A 272 -63.15 13.40 13.67
CA GLN A 272 -64.39 12.63 13.57
C GLN A 272 -64.10 11.14 13.82
N ASN A 273 -65.02 10.44 14.49
CA ASN A 273 -64.94 9.00 14.63
C ASN A 273 -65.09 8.29 13.26
N CYS A 274 -64.02 7.60 12.84
CA CYS A 274 -64.00 6.85 11.56
C CYS A 274 -64.39 5.40 11.73
N GLY A 275 -64.34 4.89 12.95
CA GLY A 275 -64.57 3.47 13.17
C GLY A 275 -63.71 2.81 14.25
N TYR A 276 -63.50 1.52 14.06
CA TYR A 276 -62.89 0.76 15.15
C TYR A 276 -61.98 -0.32 14.53
N ARG A 277 -60.79 -0.48 15.10
CA ARG A 277 -59.80 -1.49 14.61
C ARG A 277 -59.74 -2.65 15.62
N ARG A 278 -59.65 -3.88 15.12
CA ARG A 278 -59.40 -5.03 15.98
C ARG A 278 -58.21 -5.88 15.36
N CYS A 279 -57.21 -5.16 14.88
CA CYS A 279 -56.03 -5.84 14.26
C CYS A 279 -54.80 -4.97 14.52
N ARG A 280 -53.67 -5.35 13.89
CA ARG A 280 -52.43 -4.59 14.09
C ARG A 280 -52.54 -3.14 13.61
N ALA A 281 -52.15 -2.19 14.45
CA ALA A 281 -51.92 -0.78 14.06
C ALA A 281 -50.49 -0.66 13.50
N SER A 282 -50.32 0.06 12.40
CA SER A 282 -49.00 0.19 11.73
C SER A 282 -48.10 1.08 12.56
N GLY A 283 -48.66 2.04 13.29
CA GLY A 283 -47.79 3.04 13.97
C GLY A 283 -47.58 2.91 15.47
N VAL A 284 -47.48 1.66 15.99
CA VAL A 284 -47.19 1.48 17.38
C VAL A 284 -45.79 0.85 17.59
N LEU A 285 -45.21 0.94 18.79
CA LEU A 285 -43.81 0.56 18.94
C LEU A 285 -43.58 -0.94 18.61
N THR A 286 -44.58 -1.78 18.91
CA THR A 286 -44.44 -3.23 18.79
C THR A 286 -44.75 -3.79 17.42
N THR A 287 -45.10 -2.96 16.44
CA THR A 287 -45.59 -3.52 15.17
C THR A 287 -44.46 -4.38 14.51
N SER A 288 -43.24 -3.84 14.36
CA SER A 288 -42.22 -4.72 13.66
C SER A 288 -41.92 -5.96 14.45
N CYS A 289 -41.71 -5.81 15.74
CA CYS A 289 -41.28 -6.93 16.63
C CYS A 289 -42.45 -7.92 16.69
N GLY A 290 -43.65 -7.39 16.96
CA GLY A 290 -44.87 -8.28 17.07
C GLY A 290 -45.14 -9.03 15.72
N ASN A 291 -45.09 -8.37 14.59
CA ASN A 291 -45.32 -9.01 13.29
C ASN A 291 -44.25 -10.06 13.06
N THR A 292 -43.00 -9.78 13.51
CA THR A 292 -41.90 -10.81 13.26
C THR A 292 -42.16 -12.03 14.14
N LEU A 293 -42.45 -11.83 15.42
CA LEU A 293 -42.82 -12.95 16.33
C LEU A 293 -43.99 -13.76 15.86
N THR A 294 -45.08 -13.06 15.46
CA THR A 294 -46.32 -13.74 15.07
C THR A 294 -46.11 -14.51 13.78
N CYS A 295 -45.44 -13.87 12.81
CA CYS A 295 -45.19 -14.57 11.55
C CYS A 295 -44.30 -15.79 11.81
N TYR A 296 -43.27 -15.65 12.66
CA TYR A 296 -42.38 -16.79 12.96
C TYR A 296 -43.11 -17.91 13.69
N LEU A 297 -43.99 -17.56 14.66
CA LEU A 297 -44.74 -18.59 15.41
C LEU A 297 -45.64 -19.36 14.39
N LYS A 298 -46.47 -18.64 13.62
CA LYS A 298 -47.36 -19.30 12.66
C LYS A 298 -46.58 -20.13 11.63
N ALA A 299 -45.55 -19.50 11.06
CA ALA A 299 -44.75 -20.24 10.08
C ALA A 299 -44.08 -21.46 10.63
N SER A 300 -43.49 -21.36 11.80
CA SER A 300 -42.79 -22.51 12.41
C SER A 300 -43.73 -23.68 12.71
N ALA A 301 -44.92 -23.36 13.24
CA ALA A 301 -45.96 -24.37 13.48
C ALA A 301 -46.41 -25.01 12.15
N ALA A 302 -46.62 -24.16 11.12
CA ALA A 302 -47.05 -24.63 9.79
C ALA A 302 -46.01 -25.51 9.13
N CYS A 303 -44.72 -25.19 9.35
N CYS A 303 -44.73 -25.24 9.38
CA CYS A 303 -43.64 -26.11 8.88
CA CYS A 303 -43.66 -26.14 8.92
C CYS A 303 -43.81 -27.50 9.51
C CYS A 303 -43.80 -27.53 9.51
N ARG A 304 -44.12 -27.57 10.80
CA ARG A 304 -44.30 -28.88 11.48
C ARG A 304 -45.55 -29.56 10.98
N ALA A 305 -46.61 -28.80 10.70
CA ALA A 305 -47.86 -29.35 10.14
C ALA A 305 -47.59 -30.01 8.76
N ALA A 306 -46.80 -29.33 7.93
CA ALA A 306 -46.54 -29.75 6.57
C ALA A 306 -45.38 -30.76 6.54
N LYS A 307 -44.74 -31.01 7.70
CA LYS A 307 -43.59 -31.91 7.78
C LYS A 307 -42.50 -31.55 6.81
N LEU A 308 -42.23 -30.23 6.65
CA LEU A 308 -41.08 -29.81 5.82
C LEU A 308 -39.82 -30.29 6.51
N GLN A 309 -38.82 -30.70 5.77
N GLN A 309 -38.84 -30.74 5.75
CA GLN A 309 -37.61 -31.24 6.37
CA GLN A 309 -37.61 -31.22 6.34
C GLN A 309 -36.59 -30.11 6.58
C GLN A 309 -36.58 -30.11 6.45
N ASP A 310 -36.12 -29.91 7.83
N ASP A 310 -35.98 -30.03 7.64
CA ASP A 310 -35.05 -28.96 8.10
CA ASP A 310 -34.91 -29.06 7.95
C ASP A 310 -35.42 -27.58 7.56
C ASP A 310 -35.25 -27.64 7.51
N CYS A 311 -36.61 -27.11 7.90
N CYS A 311 -36.37 -27.17 8.01
CA CYS A 311 -37.05 -25.84 7.38
CA CYS A 311 -36.91 -25.89 7.61
C CYS A 311 -36.36 -24.67 8.09
C CYS A 311 -36.09 -24.77 8.24
N THR A 312 -35.56 -23.88 7.41
CA THR A 312 -34.89 -22.70 8.02
C THR A 312 -35.78 -21.49 7.67
N MET A 313 -36.23 -20.76 8.70
CA MET A 313 -37.11 -19.59 8.51
C MET A 313 -36.24 -18.30 8.52
N LEU A 314 -36.62 -17.31 7.70
CA LEU A 314 -36.00 -15.99 7.77
C LEU A 314 -37.17 -14.99 7.75
N VAL A 315 -37.36 -14.30 8.86
CA VAL A 315 -38.59 -13.50 9.06
C VAL A 315 -38.18 -12.07 9.31
N ASN A 316 -38.83 -11.14 8.59
CA ASN A 316 -38.55 -9.71 8.72
C ASN A 316 -39.88 -9.03 8.74
N GLY A 317 -40.39 -8.72 9.92
CA GLY A 317 -41.84 -8.23 10.05
C GLY A 317 -42.76 -9.29 9.51
N ASP A 318 -43.57 -8.94 8.55
CA ASP A 318 -44.45 -9.90 7.88
C ASP A 318 -43.80 -10.65 6.73
N ASP A 319 -42.58 -10.30 6.41
CA ASP A 319 -41.87 -10.97 5.31
C ASP A 319 -41.31 -12.33 5.73
N LEU A 320 -41.71 -13.37 5.01
CA LEU A 320 -41.30 -14.76 5.35
C LEU A 320 -40.63 -15.42 4.20
N VAL A 321 -39.43 -16.00 4.42
N VAL A 321 -39.44 -16.00 4.40
CA VAL A 321 -38.78 -16.90 3.43
CA VAL A 321 -38.85 -16.85 3.35
C VAL A 321 -38.50 -18.18 4.17
C VAL A 321 -38.35 -18.13 4.05
N VAL A 322 -38.60 -19.31 3.47
CA VAL A 322 -38.36 -20.59 4.10
C VAL A 322 -37.44 -21.40 3.17
N ILE A 323 -36.33 -21.93 3.71
CA ILE A 323 -35.46 -22.74 2.89
C ILE A 323 -35.35 -24.11 3.58
N CYS A 324 -35.60 -25.19 2.82
N CYS A 324 -35.68 -25.19 2.87
CA CYS A 324 -35.67 -26.50 3.41
CA CYS A 324 -35.64 -26.52 3.47
C CYS A 324 -35.03 -27.55 2.50
C CYS A 324 -34.94 -27.53 2.56
N GLU A 325 -34.99 -28.79 3.00
CA GLU A 325 -34.57 -29.92 2.16
C GLU A 325 -35.71 -30.41 1.30
N SER A 326 -35.49 -30.50 -0.02
CA SER A 326 -36.53 -30.98 -0.94
C SER A 326 -36.81 -32.49 -0.59
N ALA A 327 -38.08 -32.86 -0.61
CA ALA A 327 -38.53 -34.24 -0.47
C ALA A 327 -38.83 -34.81 -1.90
N GLY A 328 -38.40 -34.08 -2.93
CA GLY A 328 -38.80 -34.35 -4.32
C GLY A 328 -39.92 -33.43 -4.85
N THR A 329 -40.01 -33.36 -6.16
CA THR A 329 -40.90 -32.44 -6.90
C THR A 329 -42.36 -32.45 -6.42
N GLN A 330 -43.00 -33.61 -6.50
N GLN A 330 -42.99 -33.61 -6.49
CA GLN A 330 -44.40 -33.73 -6.14
CA GLN A 330 -44.39 -33.79 -6.14
C GLN A 330 -44.63 -33.61 -4.63
C GLN A 330 -44.61 -33.61 -4.65
N GLU A 331 -43.69 -34.13 -3.83
CA GLU A 331 -43.81 -34.09 -2.36
C GLU A 331 -43.70 -32.60 -1.90
N ASP A 332 -42.84 -31.81 -2.54
CA ASP A 332 -42.65 -30.38 -2.16
C ASP A 332 -43.93 -29.60 -2.50
N ALA A 333 -44.49 -29.81 -3.71
CA ALA A 333 -45.72 -29.13 -4.11
C ALA A 333 -46.85 -29.45 -3.17
N ALA A 334 -46.96 -30.73 -2.77
CA ALA A 334 -48.01 -31.12 -1.80
C ALA A 334 -47.77 -30.49 -0.41
N SER A 335 -46.53 -30.55 0.06
N SER A 335 -46.53 -30.55 0.06
CA SER A 335 -46.18 -30.06 1.39
CA SER A 335 -46.17 -30.06 1.38
C SER A 335 -46.40 -28.57 1.51
C SER A 335 -46.43 -28.58 1.51
N LEU A 336 -46.16 -27.81 0.45
CA LEU A 336 -46.38 -26.37 0.45
C LEU A 336 -47.89 -26.03 0.49
N ARG A 337 -48.72 -26.83 -0.14
CA ARG A 337 -50.17 -26.65 0.04
C ARG A 337 -50.59 -26.94 1.44
N VAL A 338 -50.00 -27.95 2.08
CA VAL A 338 -50.37 -28.19 3.49
C VAL A 338 -49.85 -27.08 4.41
N PHE A 339 -48.63 -26.63 4.14
CA PHE A 339 -48.10 -25.42 4.84
C PHE A 339 -49.07 -24.26 4.75
N THR A 340 -49.51 -23.96 3.54
CA THR A 340 -50.50 -22.91 3.30
C THR A 340 -51.86 -23.09 3.99
N GLU A 341 -52.35 -24.34 4.02
CA GLU A 341 -53.60 -24.64 4.80
C GLU A 341 -53.40 -24.35 6.26
N ALA A 342 -52.24 -24.74 6.81
CA ALA A 342 -51.98 -24.47 8.23
C ALA A 342 -51.87 -22.93 8.51
N MET A 343 -51.13 -22.19 7.66
CA MET A 343 -51.04 -20.76 7.82
C MET A 343 -52.46 -20.11 7.74
N THR A 344 -53.30 -20.61 6.84
CA THR A 344 -54.65 -20.12 6.71
C THR A 344 -55.49 -20.41 7.92
N ARG A 345 -55.39 -21.58 8.51
CA ARG A 345 -56.17 -21.80 9.77
C ARG A 345 -55.67 -20.85 10.87
N TYR A 346 -54.36 -20.54 10.83
CA TYR A 346 -53.80 -19.61 11.85
C TYR A 346 -54.11 -18.15 11.56
N SER A 347 -54.95 -17.89 10.56
N SER A 347 -54.96 -17.88 10.56
CA SER A 347 -55.34 -16.55 10.09
CA SER A 347 -55.33 -16.54 10.11
C SER A 347 -54.16 -15.83 9.45
C SER A 347 -54.14 -15.83 9.47
N ALA A 348 -53.49 -16.50 8.52
CA ALA A 348 -52.42 -15.86 7.71
C ALA A 348 -52.51 -16.48 6.30
N PRO A 349 -53.68 -16.29 5.64
CA PRO A 349 -53.95 -16.73 4.30
C PRO A 349 -53.03 -16.05 3.32
N PRO A 350 -52.67 -16.75 2.21
CA PRO A 350 -51.74 -16.13 1.28
C PRO A 350 -52.36 -15.12 0.33
N GLY A 351 -51.57 -14.15 -0.16
CA GLY A 351 -52.02 -13.32 -1.26
C GLY A 351 -51.81 -14.18 -2.51
N ASP A 352 -50.65 -14.06 -3.10
CA ASP A 352 -50.20 -15.02 -4.14
C ASP A 352 -49.97 -16.38 -3.48
N PRO A 353 -50.54 -17.46 -4.02
CA PRO A 353 -50.22 -18.78 -3.45
C PRO A 353 -48.68 -19.10 -3.60
N PRO A 354 -48.06 -19.67 -2.58
CA PRO A 354 -46.62 -19.92 -2.63
C PRO A 354 -46.22 -20.96 -3.67
N GLN A 355 -45.02 -20.85 -4.19
CA GLN A 355 -44.58 -21.91 -5.08
C GLN A 355 -43.14 -22.33 -4.72
N PRO A 356 -42.85 -23.64 -4.79
CA PRO A 356 -41.48 -24.12 -4.48
C PRO A 356 -40.52 -23.54 -5.51
N GLU A 357 -39.32 -23.15 -5.09
CA GLU A 357 -38.30 -22.75 -6.04
C GLU A 357 -37.03 -23.55 -5.73
N TYR A 358 -36.27 -23.80 -6.76
CA TYR A 358 -35.06 -24.62 -6.68
C TYR A 358 -33.84 -23.84 -7.11
N ASP A 359 -34.01 -22.52 -7.25
CA ASP A 359 -32.91 -21.61 -7.55
C ASP A 359 -33.12 -20.43 -6.66
N LEU A 360 -32.13 -20.14 -5.80
CA LEU A 360 -32.27 -19.09 -4.79
C LEU A 360 -32.56 -17.71 -5.44
N GLU A 361 -32.06 -17.52 -6.66
CA GLU A 361 -32.17 -16.22 -7.37
C GLU A 361 -33.60 -15.94 -7.84
N LEU A 362 -34.43 -16.97 -7.86
CA LEU A 362 -35.86 -16.86 -8.24
C LEU A 362 -36.79 -16.51 -7.08
N ILE A 363 -36.29 -16.54 -5.83
CA ILE A 363 -37.09 -16.19 -4.70
C ILE A 363 -37.05 -14.65 -4.53
N THR A 364 -38.23 -14.03 -4.36
CA THR A 364 -38.28 -12.63 -3.98
C THR A 364 -38.68 -12.56 -2.52
N SER A 365 -37.90 -11.82 -1.74
CA SER A 365 -38.23 -11.64 -0.31
C SER A 365 -37.66 -10.33 0.13
N CYS A 366 -38.39 -9.63 1.01
CA CYS A 366 -38.07 -8.20 1.31
C CYS A 366 -37.94 -7.42 -0.03
N SER A 367 -38.85 -7.70 -0.97
CA SER A 367 -38.92 -7.03 -2.29
C SER A 367 -37.66 -7.28 -3.12
N SER A 368 -36.83 -8.26 -2.73
CA SER A 368 -35.47 -8.33 -3.29
C SER A 368 -35.16 -9.77 -3.72
N ASN A 369 -34.23 -9.95 -4.69
CA ASN A 369 -33.78 -11.26 -5.04
C ASN A 369 -32.26 -11.27 -4.99
N VAL A 370 -31.70 -12.45 -4.70
CA VAL A 370 -30.26 -12.66 -4.80
C VAL A 370 -29.80 -12.67 -6.23
N SER A 371 -28.69 -12.00 -6.51
CA SER A 371 -28.08 -12.05 -7.84
C SER A 371 -26.57 -12.19 -7.67
N VAL A 372 -25.85 -12.41 -8.77
N VAL A 372 -25.87 -12.40 -8.80
CA VAL A 372 -24.43 -12.63 -8.64
CA VAL A 372 -24.46 -12.65 -8.79
C VAL A 372 -23.62 -11.69 -9.53
C VAL A 372 -23.65 -11.61 -9.55
N ALA A 373 -22.50 -11.23 -9.01
CA ALA A 373 -21.51 -10.48 -9.82
C ALA A 373 -20.11 -10.98 -9.47
N HIS A 374 -19.08 -10.27 -9.93
CA HIS A 374 -17.69 -10.60 -9.60
C HIS A 374 -16.96 -9.45 -9.00
N ASP A 375 -16.13 -9.74 -8.02
CA ASP A 375 -15.32 -8.72 -7.36
C ASP A 375 -14.04 -8.46 -8.15
N ALA A 376 -13.17 -7.62 -7.59
CA ALA A 376 -11.97 -7.20 -8.32
C ALA A 376 -11.07 -8.39 -8.63
N SER A 377 -11.14 -9.43 -7.81
CA SER A 377 -10.35 -10.70 -8.04
C SER A 377 -10.99 -11.65 -9.02
N GLY A 378 -12.22 -11.37 -9.45
CA GLY A 378 -12.95 -12.30 -10.33
C GLY A 378 -13.83 -13.30 -9.55
N LYS A 379 -13.74 -13.26 -8.22
CA LYS A 379 -14.55 -14.17 -7.37
C LYS A 379 -16.05 -13.82 -7.48
N ARG A 380 -16.88 -14.86 -7.42
CA ARG A 380 -18.35 -14.67 -7.41
C ARG A 380 -18.77 -14.00 -6.11
N VAL A 381 -19.60 -12.97 -6.17
CA VAL A 381 -20.06 -12.32 -4.95
C VAL A 381 -21.58 -12.27 -5.12
N TYR A 382 -22.31 -12.65 -4.07
CA TYR A 382 -23.81 -12.59 -4.08
C TYR A 382 -24.25 -11.30 -3.44
N TYR A 383 -25.36 -10.75 -3.94
CA TYR A 383 -25.84 -9.46 -3.31
C TYR A 383 -27.36 -9.41 -3.68
N LEU A 384 -28.08 -8.53 -2.98
CA LEU A 384 -29.52 -8.40 -3.13
C LEU A 384 -29.81 -7.22 -4.00
N THR A 385 -30.72 -7.47 -4.91
CA THR A 385 -31.17 -6.41 -5.83
C THR A 385 -32.68 -6.46 -5.89
N ARG A 386 -33.28 -5.62 -6.73
CA ARG A 386 -34.73 -5.59 -6.92
C ARG A 386 -35.00 -4.87 -8.24
N ASP A 387 -36.24 -4.93 -8.69
CA ASP A 387 -36.64 -4.19 -9.87
C ASP A 387 -36.46 -2.70 -9.51
N PRO A 388 -35.75 -1.92 -10.36
CA PRO A 388 -35.47 -0.56 -9.93
C PRO A 388 -36.60 0.47 -10.21
N THR A 389 -37.74 0.02 -10.74
CA THR A 389 -38.83 0.95 -11.10
C THR A 389 -39.21 1.87 -10.00
N THR A 390 -39.66 1.30 -8.87
CA THR A 390 -40.11 2.15 -7.79
C THR A 390 -39.02 3.07 -7.19
N PRO A 391 -37.79 2.52 -6.91
CA PRO A 391 -36.74 3.44 -6.48
C PRO A 391 -36.53 4.65 -7.46
N LEU A 392 -36.54 4.40 -8.77
CA LEU A 392 -36.28 5.43 -9.77
C LEU A 392 -37.45 6.46 -9.84
N ALA A 393 -38.70 5.97 -9.79
CA ALA A 393 -39.91 6.87 -9.73
C ALA A 393 -39.81 7.75 -8.51
N ARG A 394 -39.50 7.15 -7.34
CA ARG A 394 -39.38 7.95 -6.13
C ARG A 394 -38.20 8.91 -6.21
N ALA A 395 -37.09 8.46 -6.85
CA ALA A 395 -35.92 9.35 -7.00
C ALA A 395 -36.30 10.58 -7.88
N ALA A 396 -37.04 10.34 -8.95
CA ALA A 396 -37.51 11.46 -9.80
C ALA A 396 -38.34 12.48 -8.98
N TRP A 397 -39.21 11.94 -8.12
CA TRP A 397 -40.08 12.74 -7.30
C TRP A 397 -39.31 13.58 -6.31
N GLU A 398 -38.30 12.96 -5.67
CA GLU A 398 -37.51 13.64 -4.65
C GLU A 398 -36.52 14.66 -5.24
N THR A 399 -36.25 14.54 -6.53
CA THR A 399 -35.44 15.51 -7.26
C THR A 399 -36.29 16.77 -7.53
N ALA A 400 -37.58 16.57 -7.81
CA ALA A 400 -38.43 17.67 -8.26
C ALA A 400 -39.02 18.41 -7.07
N ARG A 401 -39.39 17.67 -6.03
CA ARG A 401 -40.00 18.26 -4.85
C ARG A 401 -39.18 18.02 -3.61
N HIS A 402 -39.23 18.97 -2.68
CA HIS A 402 -38.61 18.81 -1.39
C HIS A 402 -39.37 17.80 -0.56
N THR A 403 -38.67 16.76 -0.09
CA THR A 403 -39.32 15.70 0.70
C THR A 403 -38.62 15.59 2.05
N PRO A 404 -39.40 15.45 3.15
CA PRO A 404 -38.77 15.23 4.46
C PRO A 404 -38.00 13.89 4.56
N VAL A 405 -38.49 12.86 3.84
CA VAL A 405 -37.83 11.53 3.79
C VAL A 405 -37.26 11.23 2.40
N ASN A 406 -36.01 10.79 2.37
CA ASN A 406 -35.26 10.59 1.13
C ASN A 406 -35.13 9.10 0.82
N SER A 407 -36.11 8.54 0.10
CA SER A 407 -35.99 7.13 -0.30
C SER A 407 -34.71 6.85 -1.13
N TRP A 408 -34.22 7.87 -1.88
CA TRP A 408 -33.04 7.63 -2.75
C TRP A 408 -31.85 7.27 -1.87
N LEU A 409 -31.74 7.94 -0.73
CA LEU A 409 -30.58 7.73 0.16
C LEU A 409 -30.70 6.34 0.82
N GLY A 410 -31.91 5.99 1.27
CA GLY A 410 -32.09 4.63 1.85
C GLY A 410 -31.82 3.55 0.76
N ASN A 411 -32.19 3.81 -0.50
CA ASN A 411 -31.96 2.87 -1.57
C ASN A 411 -30.48 2.77 -1.91
N ILE A 412 -29.74 3.90 -1.88
CA ILE A 412 -28.29 3.83 -2.07
C ILE A 412 -27.64 2.95 -1.00
N ILE A 413 -28.10 3.14 0.26
CA ILE A 413 -27.49 2.38 1.37
C ILE A 413 -27.84 0.90 1.30
N MET A 414 -29.11 0.56 1.09
CA MET A 414 -29.54 -0.87 1.10
C MET A 414 -29.18 -1.59 -0.18
N TYR A 415 -29.09 -0.84 -1.30
CA TYR A 415 -28.81 -1.49 -2.60
C TYR A 415 -27.47 -1.00 -3.21
N ALA A 416 -26.52 -0.56 -2.36
CA ALA A 416 -25.23 -0.07 -2.86
C ALA A 416 -24.47 -0.99 -3.85
N PRO A 417 -24.53 -2.34 -3.70
CA PRO A 417 -23.73 -3.17 -4.64
C PRO A 417 -24.46 -3.28 -6.01
N THR A 418 -25.68 -2.79 -6.12
CA THR A 418 -26.41 -3.00 -7.39
C THR A 418 -25.96 -2.06 -8.53
N LEU A 419 -26.10 -2.57 -9.77
N LEU A 419 -26.10 -2.57 -9.76
CA LEU A 419 -25.77 -1.82 -10.99
CA LEU A 419 -25.76 -1.84 -10.97
C LEU A 419 -26.54 -0.51 -11.02
C LEU A 419 -26.55 -0.52 -11.02
N TRP A 420 -27.82 -0.56 -10.65
CA TRP A 420 -28.66 0.63 -10.74
C TRP A 420 -28.44 1.66 -9.67
N ALA A 421 -28.21 1.21 -8.43
CA ALA A 421 -27.96 2.26 -7.36
C ALA A 421 -26.60 2.93 -7.62
N ARG A 422 -25.60 2.18 -8.13
CA ARG A 422 -24.23 2.74 -8.34
C ARG A 422 -24.21 3.69 -9.57
N MET A 423 -24.67 3.18 -10.70
CA MET A 423 -24.67 3.95 -11.95
C MET A 423 -25.63 5.11 -11.99
N ILE A 424 -26.84 4.94 -11.46
CA ILE A 424 -27.83 5.98 -11.58
C ILE A 424 -28.04 6.80 -10.30
N LEU A 425 -28.43 6.14 -9.22
CA LEU A 425 -28.75 6.89 -8.00
C LEU A 425 -27.55 7.62 -7.44
N MET A 426 -26.38 6.97 -7.35
CA MET A 426 -25.21 7.68 -6.80
C MET A 426 -24.80 8.86 -7.74
N THR A 427 -24.70 8.58 -9.01
CA THR A 427 -24.26 9.61 -9.95
C THR A 427 -25.23 10.82 -9.95
N HIS A 428 -26.51 10.51 -9.99
CA HIS A 428 -27.52 11.57 -10.06
C HIS A 428 -27.56 12.43 -8.85
N PHE A 429 -27.51 11.83 -7.65
CA PHE A 429 -27.63 12.64 -6.44
C PHE A 429 -26.35 13.30 -6.03
N PHE A 430 -25.20 12.63 -6.26
CA PHE A 430 -23.94 13.32 -5.96
C PHE A 430 -23.75 14.55 -6.90
N SER A 431 -24.20 14.42 -8.15
CA SER A 431 -24.18 15.57 -9.09
C SER A 431 -25.00 16.75 -8.49
N ILE A 432 -26.23 16.43 -8.03
CA ILE A 432 -27.12 17.43 -7.40
C ILE A 432 -26.50 18.02 -6.14
N LEU A 433 -25.97 17.19 -5.23
CA LEU A 433 -25.39 17.67 -3.98
C LEU A 433 -24.16 18.56 -4.22
N LEU A 434 -23.33 18.20 -5.20
CA LEU A 434 -22.17 19.02 -5.60
C LEU A 434 -22.61 20.41 -6.04
N ALA A 435 -23.60 20.47 -6.94
CA ALA A 435 -24.11 21.72 -7.53
C ALA A 435 -24.81 22.60 -6.52
N GLN A 436 -25.45 21.98 -5.54
CA GLN A 436 -26.14 22.72 -4.46
C GLN A 436 -25.21 23.04 -3.32
N GLU A 437 -24.00 22.51 -3.36
CA GLU A 437 -23.06 22.56 -2.26
C GLU A 437 -23.64 22.04 -0.95
N GLN A 438 -24.28 20.88 -1.00
N GLN A 438 -24.27 20.88 -1.00
CA GLN A 438 -24.88 20.29 0.20
CA GLN A 438 -24.91 20.29 0.18
C GLN A 438 -24.37 18.88 0.47
C GLN A 438 -24.35 18.91 0.57
N LEU A 439 -23.11 18.61 0.14
CA LEU A 439 -22.49 17.30 0.45
C LEU A 439 -22.42 16.98 1.98
N GLU A 440 -22.23 18.02 2.80
CA GLU A 440 -22.11 17.85 4.26
C GLU A 440 -23.42 17.83 5.03
N LYS A 441 -24.51 18.24 4.39
CA LYS A 441 -25.77 18.34 5.06
C LYS A 441 -26.39 16.96 5.37
N ALA A 442 -26.58 16.67 6.68
CA ALA A 442 -27.18 15.41 7.14
C ALA A 442 -28.61 15.29 6.62
N LEU A 443 -29.01 14.10 6.15
CA LEU A 443 -30.36 13.87 5.67
C LEU A 443 -31.02 12.71 6.41
N ASP A 444 -32.35 12.76 6.56
CA ASP A 444 -33.10 11.68 7.17
C ASP A 444 -33.37 10.58 6.17
N CYS A 445 -33.21 9.33 6.61
CA CYS A 445 -33.76 8.25 5.79
C CYS A 445 -34.38 7.20 6.69
N GLN A 446 -35.33 6.44 6.14
CA GLN A 446 -36.00 5.43 6.93
C GLN A 446 -35.90 4.13 6.27
N ILE A 447 -35.48 3.12 7.05
CA ILE A 447 -35.24 1.82 6.48
C ILE A 447 -36.04 0.84 7.34
N TYR A 448 -37.10 0.23 6.76
CA TYR A 448 -37.87 -0.81 7.45
C TYR A 448 -38.16 -0.44 8.90
N GLY A 449 -38.64 0.82 9.11
CA GLY A 449 -39.09 1.22 10.44
C GLY A 449 -38.04 1.91 11.32
N ALA A 450 -36.75 1.85 10.95
CA ALA A 450 -35.70 2.58 11.73
C ALA A 450 -35.33 3.87 10.97
N CYS A 451 -35.10 4.97 11.70
CA CYS A 451 -34.85 6.31 11.10
C CYS A 451 -33.43 6.64 11.40
N TYR A 452 -32.71 7.18 10.40
CA TYR A 452 -31.29 7.54 10.60
C TYR A 452 -31.05 8.99 10.11
N SER A 453 -30.01 9.63 10.60
CA SER A 453 -29.60 10.93 10.06
C SER A 453 -28.22 10.72 9.44
N ILE A 454 -28.12 10.82 8.12
N ILE A 454 -28.13 10.81 8.13
CA ILE A 454 -26.92 10.37 7.40
CA ILE A 454 -26.89 10.42 7.45
C ILE A 454 -26.33 11.60 6.62
C ILE A 454 -26.33 11.56 6.58
N GLU A 455 -25.05 11.86 6.79
CA GLU A 455 -24.34 12.74 5.89
C GLU A 455 -23.88 11.94 4.62
N PRO A 456 -24.23 12.38 3.42
CA PRO A 456 -23.83 11.68 2.17
C PRO A 456 -22.33 11.45 2.05
N LEU A 457 -21.50 12.36 2.60
CA LEU A 457 -20.08 12.17 2.61
C LEU A 457 -19.61 10.94 3.36
N ASP A 458 -20.45 10.37 4.22
CA ASP A 458 -20.03 9.18 5.01
C ASP A 458 -20.49 7.89 4.33
N LEU A 459 -21.12 8.00 3.16
CA LEU A 459 -21.58 6.80 2.48
C LEU A 459 -20.48 5.75 2.24
N PRO A 460 -19.25 6.14 1.88
CA PRO A 460 -18.27 5.03 1.60
C PRO A 460 -18.03 4.09 2.78
N GLN A 461 -17.77 4.64 3.98
CA GLN A 461 -17.60 3.75 5.17
C GLN A 461 -18.94 3.02 5.59
N ILE A 462 -20.10 3.63 5.37
CA ILE A 462 -21.38 3.00 5.73
C ILE A 462 -21.55 1.81 4.79
N ILE A 463 -21.30 2.01 3.48
CA ILE A 463 -21.49 0.92 2.52
C ILE A 463 -20.47 -0.20 2.84
N GLU A 464 -19.22 0.17 3.15
CA GLU A 464 -18.26 -0.90 3.45
C GLU A 464 -18.75 -1.73 4.67
N ARG A 465 -19.29 -1.04 5.68
CA ARG A 465 -19.70 -1.73 6.94
C ARG A 465 -20.89 -2.66 6.62
N LEU A 466 -21.81 -2.23 5.76
CA LEU A 466 -23.09 -2.97 5.51
C LEU A 466 -22.95 -4.02 4.40
N HIS A 467 -21.99 -3.83 3.50
CA HIS A 467 -21.85 -4.65 2.33
C HIS A 467 -20.48 -5.31 2.12
N GLY A 468 -19.46 -4.76 2.72
CA GLY A 468 -18.07 -5.24 2.47
C GLY A 468 -17.47 -4.37 1.32
N LEU A 469 -16.15 -4.37 1.25
CA LEU A 469 -15.41 -3.64 0.22
C LEU A 469 -15.76 -4.06 -1.20
N SER A 470 -16.23 -5.29 -1.42
CA SER A 470 -16.58 -5.70 -2.76
C SER A 470 -17.68 -4.87 -3.40
N ALA A 471 -18.49 -4.17 -2.60
CA ALA A 471 -19.61 -3.37 -3.15
C ALA A 471 -19.07 -2.29 -4.10
N PHE A 472 -17.81 -1.92 -3.94
CA PHE A 472 -17.19 -0.87 -4.81
C PHE A 472 -16.45 -1.46 -6.02
N SER A 473 -16.47 -2.79 -6.17
N SER A 473 -16.46 -2.79 -6.20
CA SER A 473 -15.72 -3.44 -7.25
CA SER A 473 -15.74 -3.37 -7.35
C SER A 473 -16.49 -4.52 -7.97
C SER A 473 -16.56 -4.34 -8.17
N LEU A 474 -17.81 -4.55 -7.81
CA LEU A 474 -18.63 -5.48 -8.53
C LEU A 474 -18.70 -5.15 -10.02
N HIS A 475 -18.57 -6.18 -10.83
CA HIS A 475 -18.69 -6.03 -12.28
C HIS A 475 -19.14 -7.37 -12.81
N SER A 476 -19.32 -7.45 -14.13
CA SER A 476 -19.88 -8.67 -14.78
C SER A 476 -21.15 -9.12 -14.08
N TYR A 477 -22.13 -8.21 -14.02
CA TYR A 477 -23.43 -8.52 -13.48
C TYR A 477 -24.14 -9.49 -14.45
N SER A 478 -25.19 -10.16 -13.97
N SER A 478 -25.18 -10.16 -13.96
CA SER A 478 -25.80 -11.24 -14.77
CA SER A 478 -25.87 -11.22 -14.72
C SER A 478 -26.59 -10.62 -15.91
C SER A 478 -26.61 -10.59 -15.91
N PRO A 479 -26.75 -11.34 -17.03
CA PRO A 479 -27.55 -10.82 -18.15
C PRO A 479 -28.96 -10.48 -17.75
N GLY A 480 -29.58 -11.31 -16.91
CA GLY A 480 -30.92 -11.08 -16.48
C GLY A 480 -31.04 -9.79 -15.64
N GLU A 481 -30.07 -9.53 -14.78
CA GLU A 481 -30.08 -8.24 -14.00
C GLU A 481 -29.82 -7.06 -14.96
N ILE A 482 -28.81 -7.18 -15.84
CA ILE A 482 -28.57 -6.07 -16.79
C ILE A 482 -29.83 -5.80 -17.65
N ASN A 483 -30.43 -6.86 -18.21
N ASN A 483 -30.44 -6.86 -18.20
CA ASN A 483 -31.66 -6.72 -19.01
CA ASN A 483 -31.67 -6.71 -18.98
C ASN A 483 -32.80 -6.06 -18.23
C ASN A 483 -32.79 -6.04 -18.21
N ARG A 484 -32.98 -6.46 -16.95
CA ARG A 484 -34.06 -5.87 -16.13
C ARG A 484 -33.88 -4.36 -15.94
N VAL A 485 -32.63 -3.97 -15.59
CA VAL A 485 -32.33 -2.54 -15.47
C VAL A 485 -32.51 -1.78 -16.79
N ALA A 486 -31.86 -2.28 -17.86
CA ALA A 486 -31.90 -1.62 -19.19
C ALA A 486 -33.36 -1.44 -19.62
N SER A 487 -34.17 -2.48 -19.44
CA SER A 487 -35.56 -2.44 -19.83
C SER A 487 -36.32 -1.43 -19.02
N CYS A 488 -36.08 -1.38 -17.69
CA CYS A 488 -36.75 -0.41 -16.88
C CYS A 488 -36.39 1.02 -17.32
N LEU A 489 -35.13 1.28 -17.68
CA LEU A 489 -34.79 2.69 -18.08
C LEU A 489 -35.55 3.08 -19.39
N ARG A 490 -35.63 2.16 -20.34
CA ARG A 490 -36.42 2.44 -21.60
C ARG A 490 -37.88 2.70 -21.28
N LYS A 491 -38.45 1.93 -20.36
CA LYS A 491 -39.85 2.11 -19.93
C LYS A 491 -40.10 3.46 -19.30
N LEU A 492 -39.19 3.92 -18.43
CA LEU A 492 -39.40 5.16 -17.73
C LEU A 492 -38.88 6.40 -18.42
N GLY A 493 -38.15 6.20 -19.52
CA GLY A 493 -37.50 7.33 -20.20
C GLY A 493 -36.32 7.89 -19.38
N VAL A 494 -35.54 6.97 -18.80
CA VAL A 494 -34.29 7.34 -18.09
C VAL A 494 -33.14 7.12 -19.08
N PRO A 495 -32.19 8.06 -19.15
CA PRO A 495 -31.01 7.84 -20.02
C PRO A 495 -30.35 6.48 -19.85
N PRO A 496 -29.85 5.86 -20.93
CA PRO A 496 -29.24 4.54 -20.84
C PRO A 496 -27.97 4.55 -19.98
N LEU A 497 -27.55 3.35 -19.53
CA LEU A 497 -26.37 3.23 -18.60
C LEU A 497 -25.10 3.88 -19.17
N ARG A 498 -24.91 3.82 -20.50
CA ARG A 498 -23.74 4.50 -21.10
C ARG A 498 -23.71 6.02 -20.82
N VAL A 499 -24.86 6.67 -20.77
CA VAL A 499 -24.92 8.11 -20.43
C VAL A 499 -24.48 8.32 -18.93
N TRP A 500 -24.97 7.47 -18.05
CA TRP A 500 -24.61 7.57 -16.64
C TRP A 500 -23.16 7.39 -16.40
N ARG A 501 -22.53 6.51 -17.16
CA ARG A 501 -21.07 6.29 -17.00
C ARG A 501 -20.33 7.65 -17.26
N HIS A 502 -20.72 8.34 -18.31
CA HIS A 502 -20.10 9.63 -18.63
C HIS A 502 -20.40 10.70 -17.56
N ARG A 503 -21.66 10.79 -17.12
CA ARG A 503 -22.00 11.75 -16.06
C ARG A 503 -21.18 11.42 -14.76
N ALA A 504 -20.98 10.14 -14.48
CA ALA A 504 -20.26 9.72 -13.27
C ALA A 504 -18.79 10.08 -13.36
N ARG A 505 -18.16 9.97 -14.55
CA ARG A 505 -16.79 10.41 -14.65
C ARG A 505 -16.63 11.88 -14.26
N SER A 506 -17.60 12.71 -14.63
N SER A 506 -17.60 12.72 -14.65
CA SER A 506 -17.51 14.13 -14.33
CA SER A 506 -17.59 14.15 -14.36
C SER A 506 -17.74 14.39 -12.82
C SER A 506 -17.78 14.41 -12.85
N VAL A 507 -18.80 13.79 -12.26
CA VAL A 507 -19.07 13.88 -10.79
C VAL A 507 -17.86 13.40 -9.99
N ARG A 508 -17.33 12.25 -10.37
CA ARG A 508 -16.16 11.67 -9.69
C ARG A 508 -14.98 12.70 -9.71
N ALA A 509 -14.64 13.26 -10.90
CA ALA A 509 -13.52 14.21 -10.97
C ALA A 509 -13.77 15.40 -10.00
N ARG A 510 -14.98 15.95 -10.03
CA ARG A 510 -15.27 17.13 -9.22
C ARG A 510 -15.17 16.77 -7.72
N LEU A 511 -15.59 15.55 -7.33
CA LEU A 511 -15.42 15.10 -5.94
C LEU A 511 -13.95 14.99 -5.53
N LEU A 512 -13.14 14.38 -6.39
CA LEU A 512 -11.72 14.25 -6.10
C LEU A 512 -11.08 15.64 -5.87
N SER A 513 -11.48 16.63 -6.66
CA SER A 513 -10.84 17.96 -6.57
C SER A 513 -11.06 18.61 -5.18
N GLN A 514 -12.13 18.18 -4.52
CA GLN A 514 -12.48 18.79 -3.22
C GLN A 514 -11.63 18.21 -2.08
N GLY A 515 -10.93 17.09 -2.32
CA GLY A 515 -10.17 16.38 -1.27
C GLY A 515 -11.07 15.87 -0.13
N GLY A 516 -10.46 15.50 0.99
CA GLY A 516 -11.17 15.06 2.20
C GLY A 516 -12.17 13.90 1.94
N ARG A 517 -13.33 13.98 2.57
CA ARG A 517 -14.31 12.95 2.46
C ARG A 517 -14.92 12.92 1.06
N ALA A 518 -15.06 14.09 0.44
CA ALA A 518 -15.61 14.16 -0.95
C ALA A 518 -14.71 13.36 -1.88
N ALA A 519 -13.38 13.48 -1.73
CA ALA A 519 -12.47 12.72 -2.57
C ALA A 519 -12.59 11.21 -2.31
N THR A 520 -12.82 10.84 -1.03
CA THR A 520 -13.03 9.42 -0.72
C THR A 520 -14.34 8.95 -1.43
N CYS A 521 -15.38 9.76 -1.41
CA CYS A 521 -16.58 9.45 -2.20
C CYS A 521 -16.25 9.25 -3.69
N GLY A 522 -15.44 10.15 -4.28
CA GLY A 522 -15.17 10.00 -5.70
C GLY A 522 -14.37 8.75 -5.97
N LYS A 523 -13.35 8.47 -5.14
CA LYS A 523 -12.48 7.32 -5.27
C LYS A 523 -13.27 5.97 -5.11
N TYR A 524 -14.08 5.86 -4.07
CA TYR A 524 -14.77 4.54 -3.79
C TYR A 524 -16.07 4.40 -4.54
N LEU A 525 -16.93 5.42 -4.44
CA LEU A 525 -18.26 5.23 -5.02
C LEU A 525 -18.24 5.14 -6.56
N PHE A 526 -17.26 5.76 -7.18
CA PHE A 526 -17.25 5.84 -8.67
C PHE A 526 -16.04 5.21 -9.32
N ASN A 527 -15.32 4.35 -8.61
CA ASN A 527 -14.23 3.57 -9.25
C ASN A 527 -14.72 2.73 -10.42
N TRP A 528 -16.00 2.33 -10.39
CA TRP A 528 -16.57 1.57 -11.54
C TRP A 528 -16.59 2.41 -12.85
N ALA A 529 -16.70 3.76 -12.74
CA ALA A 529 -16.86 4.62 -13.91
C ALA A 529 -15.58 4.83 -14.78
N VAL A 530 -14.40 4.60 -14.21
CA VAL A 530 -13.17 4.93 -14.91
C VAL A 530 -12.52 3.67 -15.53
N LYS A 531 -11.84 3.82 -16.67
CA LYS A 531 -11.15 2.69 -17.34
C LYS A 531 -10.04 2.13 -16.47
N THR A 532 -9.14 2.98 -16.02
CA THR A 532 -8.08 2.53 -15.14
C THR A 532 -8.42 2.73 -13.69
N LYS A 533 -8.62 1.61 -13.02
CA LYS A 533 -9.16 1.59 -11.65
C LYS A 533 -8.13 1.98 -10.61
N LEU A 534 -8.55 2.66 -9.56
CA LEU A 534 -7.71 2.84 -8.38
C LEU A 534 -7.75 1.57 -7.49
N LYS A 535 -6.77 1.44 -6.58
CA LYS A 535 -6.68 0.33 -5.61
C LYS A 535 -7.45 0.79 -4.42
N LEU A 536 -8.49 0.02 -4.08
CA LEU A 536 -9.33 0.41 -2.99
C LEU A 536 -9.04 -0.48 -1.81
N THR A 537 -8.69 0.15 -0.70
CA THR A 537 -8.32 -0.57 0.53
C THR A 537 -9.35 -0.30 1.63
N PRO A 538 -9.43 -1.19 2.66
CA PRO A 538 -10.39 -0.98 3.75
C PRO A 538 -10.31 0.43 4.33
N ILE A 539 -11.44 1.12 4.41
CA ILE A 539 -11.50 2.46 5.02
C ILE A 539 -11.44 2.34 6.52
N PRO A 540 -10.52 3.11 7.17
CA PRO A 540 -10.33 3.08 8.62
C PRO A 540 -11.62 3.29 9.42
N ALA A 541 -12.35 4.37 9.09
CA ALA A 541 -13.61 4.73 9.80
C ALA A 541 -14.77 3.73 9.64
N ALA A 542 -14.66 2.78 8.71
CA ALA A 542 -15.66 1.73 8.51
C ALA A 542 -15.83 0.77 9.70
N SER A 543 -14.79 0.68 10.53
CA SER A 543 -14.87 -0.13 11.75
C SER A 543 -15.65 0.55 12.84
N GLN A 544 -15.20 1.76 13.21
CA GLN A 544 -15.84 2.62 14.20
C GLN A 544 -17.02 3.37 13.58
N LEU A 545 -18.19 2.74 13.60
CA LEU A 545 -19.38 3.36 13.01
C LEU A 545 -20.61 3.24 13.90
N ASP A 546 -21.20 4.40 14.17
CA ASP A 546 -22.47 4.47 14.87
C ASP A 546 -23.61 4.21 13.87
N LEU A 547 -24.02 2.96 13.77
CA LEU A 547 -25.09 2.59 12.85
C LEU A 547 -26.47 2.54 13.58
N SER A 548 -26.58 3.19 14.74
CA SER A 548 -27.82 3.16 15.50
C SER A 548 -28.80 4.23 14.97
N GLY A 549 -30.08 3.99 15.16
CA GLY A 549 -31.07 5.01 14.80
C GLY A 549 -32.20 5.05 15.80
N TRP A 550 -33.35 5.55 15.34
CA TRP A 550 -34.56 5.66 16.14
C TRP A 550 -35.63 4.81 15.53
N PHE A 551 -36.49 4.20 16.35
CA PHE A 551 -37.73 3.63 15.81
C PHE A 551 -38.80 4.72 15.52
N VAL A 552 -39.30 4.73 14.27
CA VAL A 552 -40.48 5.55 13.94
C VAL A 552 -41.81 4.83 14.26
N ALA A 553 -41.70 3.63 14.86
CA ALA A 553 -42.85 2.80 15.24
C ALA A 553 -43.79 2.44 14.07
N SER B 1 6.42 13.57 23.37
CA SER B 1 5.80 14.91 23.32
C SER B 1 6.07 15.67 22.02
N MET B 2 5.33 16.77 21.81
CA MET B 2 5.59 17.63 20.66
C MET B 2 6.88 18.44 20.88
N SER B 3 7.71 18.54 19.84
CA SER B 3 8.99 19.29 19.97
C SER B 3 8.70 20.77 20.23
N TYR B 4 7.61 21.28 19.65
CA TYR B 4 7.18 22.67 19.88
C TYR B 4 5.65 22.74 19.94
N THR B 5 5.12 23.65 20.75
CA THR B 5 3.72 24.07 20.63
C THR B 5 3.77 25.54 20.25
N TRP B 6 2.86 25.97 19.37
CA TRP B 6 2.86 27.35 18.91
C TRP B 6 1.56 28.05 19.29
N THR B 7 1.64 29.32 19.63
CA THR B 7 0.45 30.13 19.99
C THR B 7 -0.20 30.78 18.75
N GLY B 8 0.60 31.10 17.74
CA GLY B 8 0.13 31.86 16.57
C GLY B 8 0.85 33.19 16.43
N ALA B 9 1.40 33.72 17.53
CA ALA B 9 2.27 34.90 17.47
C ALA B 9 3.45 34.63 16.52
N LEU B 10 3.83 35.64 15.75
CA LEU B 10 4.84 35.44 14.71
C LEU B 10 6.27 35.46 15.33
N ILE B 11 7.19 34.88 14.59
CA ILE B 11 8.59 35.06 14.93
C ILE B 11 9.03 36.34 14.24
N THR B 12 9.40 37.34 15.04
CA THR B 12 9.61 38.69 14.53
C THR B 12 11.09 39.07 14.40
N PRO B 13 11.41 39.95 13.44
CA PRO B 13 12.80 40.40 13.29
C PRO B 13 13.17 41.44 14.37
N CYS B 14 14.47 41.71 14.50
CA CYS B 14 14.94 42.69 15.45
C CYS B 14 15.32 43.99 14.77
N ALA B 15 15.86 43.89 13.56
CA ALA B 15 16.08 45.07 12.71
C ALA B 15 15.61 44.74 11.29
N ALA B 16 15.66 45.72 10.38
CA ALA B 16 15.41 45.48 8.95
C ALA B 16 16.31 44.34 8.47
N GLU B 17 15.73 43.39 7.75
CA GLU B 17 16.50 42.23 7.28
C GLU B 17 16.72 42.32 5.76
N GLU B 18 17.97 42.31 5.34
CA GLU B 18 18.33 42.30 3.92
C GLU B 18 18.25 40.84 3.40
N SER B 19 17.65 40.63 2.22
CA SER B 19 17.58 39.28 1.63
C SER B 19 18.29 39.14 0.26
N LYS B 20 18.80 40.25 -0.23
CA LYS B 20 19.43 40.27 -1.56
C LYS B 20 20.75 41.02 -1.50
N LEU B 21 21.66 40.65 -2.39
CA LEU B 21 22.94 41.35 -2.55
C LEU B 21 22.76 42.77 -3.08
N PRO B 22 23.61 43.70 -2.63
CA PRO B 22 23.73 44.99 -3.35
C PRO B 22 24.77 44.88 -4.48
N ILE B 23 24.50 45.54 -5.60
CA ILE B 23 25.35 45.44 -6.78
C ILE B 23 26.67 46.23 -6.55
N ASN B 24 27.74 45.53 -6.14
CA ASN B 24 28.99 46.20 -5.67
C ASN B 24 30.14 46.10 -6.68
N ALA B 25 31.05 47.08 -6.69
CA ALA B 25 32.23 47.09 -7.61
C ALA B 25 33.23 45.96 -7.31
N LEU B 26 33.69 45.87 -6.05
CA LEU B 26 34.59 44.78 -5.58
C LEU B 26 33.89 43.41 -5.55
N SER B 27 32.58 43.40 -5.27
CA SER B 27 31.78 42.17 -5.16
C SER B 27 31.55 41.51 -6.52
N ASN B 28 31.28 42.34 -7.52
CA ASN B 28 31.06 41.85 -8.88
C ASN B 28 32.31 41.24 -9.51
N SER B 29 33.47 41.68 -9.04
CA SER B 29 34.77 41.09 -9.47
C SER B 29 34.97 39.67 -8.90
N LEU B 30 34.18 39.35 -7.84
CA LEU B 30 34.14 37.97 -7.33
C LEU B 30 33.08 37.15 -8.00
N LEU B 31 31.84 37.65 -8.00
CA LEU B 31 30.72 36.83 -8.44
C LEU B 31 29.74 37.65 -9.31
N ARG B 32 29.43 37.14 -10.49
CA ARG B 32 28.53 37.86 -11.44
C ARG B 32 27.05 37.59 -11.23
N HIS B 33 26.68 36.34 -10.96
CA HIS B 33 25.28 35.97 -10.90
C HIS B 33 24.68 36.31 -9.58
N HIS B 34 24.56 37.60 -9.32
CA HIS B 34 24.20 38.10 -8.00
C HIS B 34 22.83 37.64 -7.53
N ASN B 35 21.94 37.38 -8.50
CA ASN B 35 20.56 36.88 -8.27
C ASN B 35 20.48 35.51 -7.63
N MET B 36 21.58 34.75 -7.71
CA MET B 36 21.60 33.38 -7.16
C MET B 36 21.85 33.37 -5.63
N VAL B 37 22.29 34.51 -5.10
CA VAL B 37 22.68 34.64 -3.69
C VAL B 37 21.54 35.32 -2.92
N TYR B 38 21.14 34.74 -1.80
CA TYR B 38 20.06 35.25 -0.94
C TYR B 38 20.39 35.02 0.56
N ALA B 39 19.76 35.79 1.44
CA ALA B 39 19.86 35.58 2.88
C ALA B 39 18.51 35.24 3.44
N THR B 40 18.48 34.27 4.35
CA THR B 40 17.23 33.89 5.02
C THR B 40 16.71 35.01 5.93
N THR B 41 15.38 35.13 6.05
CA THR B 41 14.75 36.16 6.87
C THR B 41 13.61 35.55 7.65
N SER B 42 13.11 36.34 8.62
CA SER B 42 11.96 35.95 9.40
C SER B 42 10.70 35.63 8.58
N ARG B 43 10.67 36.04 7.30
CA ARG B 43 9.55 35.74 6.39
C ARG B 43 9.37 34.26 6.12
N SER B 44 10.45 33.48 6.21
CA SER B 44 10.35 32.03 5.94
C SER B 44 10.26 31.22 7.26
N ALA B 45 10.13 31.92 8.39
CA ALA B 45 10.19 31.25 9.69
C ALA B 45 9.06 30.24 9.83
N GLY B 46 7.86 30.60 9.38
CA GLY B 46 6.69 29.68 9.34
C GLY B 46 6.99 28.34 8.66
N LEU B 47 7.71 28.35 7.57
CA LEU B 47 8.12 27.08 6.89
C LEU B 47 9.04 26.19 7.77
N ARG B 48 9.97 26.86 8.46
CA ARG B 48 10.86 26.13 9.39
C ARG B 48 10.05 25.54 10.56
N GLN B 49 9.11 26.33 11.09
CA GLN B 49 8.30 25.87 12.22
C GLN B 49 7.63 24.57 11.91
N LYS B 50 7.08 24.49 10.68
CA LYS B 50 6.40 23.26 10.25
C LYS B 50 7.34 22.07 10.23
N LYS B 51 8.54 22.25 9.68
CA LYS B 51 9.54 21.18 9.62
C LYS B 51 9.97 20.66 10.96
N VAL B 52 10.12 21.56 11.95
CA VAL B 52 10.74 21.21 13.22
C VAL B 52 9.73 20.79 14.28
N THR B 53 8.43 20.91 13.96
CA THR B 53 7.36 20.55 14.91
C THR B 53 6.80 19.17 14.65
N PHE B 54 6.98 18.26 15.59
CA PHE B 54 6.54 16.85 15.43
C PHE B 54 6.59 16.12 16.76
N ASP B 55 5.84 15.00 16.85
CA ASP B 55 5.75 14.25 18.08
C ASP B 55 6.95 13.32 18.12
N ARG B 56 7.62 13.20 19.26
CA ARG B 56 8.76 12.29 19.35
C ARG B 56 8.33 10.97 20.01
N LEU B 57 8.66 9.86 19.38
CA LEU B 57 8.48 8.53 19.98
C LEU B 57 9.87 8.01 20.22
N GLN B 58 10.06 7.55 21.44
CA GLN B 58 11.38 7.11 21.81
C GLN B 58 11.22 5.85 22.60
N VAL B 59 11.90 4.81 22.14
CA VAL B 59 11.91 3.54 22.82
C VAL B 59 13.39 3.15 23.00
N LEU B 60 13.76 2.99 24.26
CA LEU B 60 15.11 2.64 24.67
C LEU B 60 15.25 1.13 24.89
N ASP B 61 16.44 0.57 24.63
CA ASP B 61 16.69 -0.89 24.76
C ASP B 61 17.96 -1.15 25.57
N ASP B 62 18.40 -2.43 25.61
CA ASP B 62 19.57 -2.84 26.43
C ASP B 62 20.86 -2.24 25.87
N HIS B 63 20.95 -2.13 24.55
CA HIS B 63 22.15 -1.59 23.90
C HIS B 63 22.40 -0.16 24.32
N TYR B 64 21.35 0.64 24.30
CA TYR B 64 21.40 2.01 24.83
C TYR B 64 21.86 2.02 26.27
N ARG B 65 21.23 1.16 27.10
CA ARG B 65 21.52 1.14 28.55
C ARG B 65 22.99 0.80 28.79
N ASP B 66 23.51 -0.14 28.01
CA ASP B 66 24.89 -0.59 28.21
C ASP B 66 25.84 0.53 27.85
N VAL B 67 25.63 1.12 26.66
CA VAL B 67 26.47 2.24 26.20
C VAL B 67 26.43 3.37 27.24
N LEU B 68 25.22 3.69 27.72
CA LEU B 68 25.07 4.79 28.69
C LEU B 68 25.87 4.49 29.98
N LYS B 69 25.77 3.24 30.45
CA LYS B 69 26.51 2.83 31.68
C LYS B 69 28.01 3.03 31.43
N GLU B 70 28.50 2.62 30.22
CA GLU B 70 29.90 2.78 29.92
C GLU B 70 30.35 4.26 29.89
N MET B 71 29.49 5.12 29.33
CA MET B 71 29.78 6.57 29.29
C MET B 71 29.87 7.14 30.67
N LYS B 72 28.93 6.75 31.53
CA LYS B 72 28.96 7.22 32.93
C LYS B 72 30.21 6.82 33.71
N ALA B 73 30.71 5.59 33.47
CA ALA B 73 31.94 5.12 34.13
C ALA B 73 33.09 6.04 33.76
N LYS B 74 33.19 6.43 32.46
CA LYS B 74 34.28 7.32 32.04
C LYS B 74 34.08 8.74 32.66
N ALA B 75 32.84 9.22 32.58
CA ALA B 75 32.47 10.53 33.19
C ALA B 75 32.84 10.63 34.67
N SER B 76 32.72 9.49 35.38
N SER B 76 32.72 9.50 35.39
CA SER B 76 33.00 9.46 36.83
CA SER B 76 33.00 9.48 36.84
C SER B 76 34.46 9.62 37.19
C SER B 76 34.44 9.77 37.19
N THR B 77 35.32 9.81 36.19
CA THR B 77 36.74 10.09 36.41
C THR B 77 37.07 11.53 36.24
N VAL B 78 36.09 12.36 35.88
CA VAL B 78 36.35 13.76 35.60
C VAL B 78 36.02 14.62 36.81
N LYS B 79 36.90 15.59 37.08
CA LYS B 79 36.65 16.56 38.17
C LYS B 79 36.50 17.88 37.49
N ALA B 80 35.42 18.59 37.82
CA ALA B 80 35.17 19.84 37.14
C ALA B 80 34.95 21.00 38.13
N LYS B 81 35.42 22.22 37.78
CA LYS B 81 35.37 23.34 38.73
C LYS B 81 34.20 24.27 38.45
N LEU B 82 33.71 24.92 39.49
CA LEU B 82 32.72 25.95 39.35
C LEU B 82 33.49 27.23 39.11
N LEU B 83 33.18 27.93 38.03
CA LEU B 83 33.80 29.28 37.81
C LEU B 83 33.15 30.36 38.67
N SER B 84 33.94 31.33 39.17
CA SER B 84 33.41 32.55 39.76
C SER B 84 32.61 33.38 38.71
N VAL B 85 31.73 34.27 39.18
CA VAL B 85 31.05 35.20 38.26
C VAL B 85 32.09 35.85 37.31
N GLU B 86 33.18 36.34 37.88
CA GLU B 86 34.19 37.11 37.12
C GLU B 86 34.84 36.35 36.00
N GLU B 87 35.21 35.08 36.26
CA GLU B 87 35.72 34.22 35.24
C GLU B 87 34.71 33.94 34.15
N ALA B 88 33.42 33.71 34.52
CA ALA B 88 32.44 33.38 33.50
C ALA B 88 32.13 34.63 32.66
N CYS B 89 32.13 35.79 33.31
CA CYS B 89 32.03 37.07 32.58
C CYS B 89 33.11 37.25 31.49
N LYS B 90 34.36 36.93 31.84
CA LYS B 90 35.52 37.04 30.88
C LYS B 90 35.48 36.08 29.72
N LEU B 91 34.66 35.03 29.82
CA LEU B 91 34.45 34.05 28.73
C LEU B 91 33.26 34.38 27.81
N THR B 92 32.57 35.49 28.12
CA THR B 92 31.42 35.89 27.36
C THR B 92 31.88 36.50 26.03
N PRO B 93 31.28 36.06 24.89
CA PRO B 93 31.60 36.60 23.54
C PRO B 93 31.31 38.09 23.53
N PRO B 94 32.21 38.90 22.93
CA PRO B 94 32.12 40.38 22.94
C PRO B 94 30.85 40.91 22.34
N HIS B 95 30.20 40.15 21.47
CA HIS B 95 28.97 40.72 20.84
C HIS B 95 27.66 39.93 21.06
N SER B 96 27.61 39.11 22.12
CA SER B 96 26.40 38.35 22.38
C SER B 96 25.25 39.33 22.80
N ALA B 97 24.03 38.90 22.56
CA ALA B 97 22.83 39.70 22.71
C ALA B 97 22.81 40.32 24.15
N LYS B 98 22.59 41.62 24.23
CA LYS B 98 22.53 42.31 25.54
C LYS B 98 21.41 41.74 26.45
N SER B 99 21.53 41.89 27.75
CA SER B 99 20.47 41.43 28.64
C SER B 99 19.22 42.33 28.54
N LYS B 100 18.04 41.77 28.82
CA LYS B 100 16.86 42.63 28.92
C LYS B 100 16.80 43.38 30.24
N PHE B 101 17.77 43.11 31.14
CA PHE B 101 17.78 43.70 32.45
C PHE B 101 18.78 44.85 32.56
N GLY B 102 19.15 45.48 31.45
CA GLY B 102 19.78 46.78 31.47
C GLY B 102 21.29 46.81 31.29
N TYR B 103 21.88 45.78 30.65
CA TYR B 103 23.33 45.74 30.47
C TYR B 103 23.67 44.82 29.32
N GLY B 104 24.90 44.94 28.77
CA GLY B 104 25.33 44.21 27.58
C GLY B 104 26.59 43.39 27.78
N ALA B 105 27.01 42.69 26.74
CA ALA B 105 28.19 41.84 26.82
C ALA B 105 29.45 42.65 27.23
N LYS B 106 29.51 43.93 26.85
CA LYS B 106 30.62 44.78 27.24
C LYS B 106 30.66 45.04 28.73
N ASP B 107 29.50 45.34 29.34
CA ASP B 107 29.42 45.54 30.76
C ASP B 107 29.79 44.23 31.48
N VAL B 108 29.35 43.09 30.96
CA VAL B 108 29.73 41.80 31.55
C VAL B 108 31.25 41.60 31.51
N ARG B 109 31.84 41.83 30.36
CA ARG B 109 33.29 41.59 30.22
C ARG B 109 34.08 42.55 31.11
N ASN B 110 33.57 43.74 31.30
CA ASN B 110 34.21 44.76 32.13
C ASN B 110 33.92 44.63 33.61
N LEU B 111 33.17 43.60 33.98
CA LEU B 111 32.74 43.41 35.37
C LEU B 111 31.99 44.62 35.95
N SER B 112 31.08 45.20 35.15
CA SER B 112 30.27 46.29 35.74
C SER B 112 29.45 45.73 36.89
N SER B 113 29.35 46.47 38.01
CA SER B 113 28.66 45.93 39.18
C SER B 113 27.15 45.71 38.96
N LYS B 114 26.56 46.43 37.99
CA LYS B 114 25.15 46.18 37.69
C LYS B 114 25.03 44.74 37.06
N ALA B 115 25.91 44.46 36.12
CA ALA B 115 25.86 43.11 35.45
C ALA B 115 26.14 42.05 36.50
N VAL B 116 27.24 42.21 37.27
CA VAL B 116 27.66 41.25 38.28
C VAL B 116 26.61 41.01 39.32
N ASN B 117 26.02 42.10 39.85
CA ASN B 117 24.96 41.96 40.81
C ASN B 117 23.77 41.20 40.25
N HIS B 118 23.39 41.49 39.03
CA HIS B 118 22.30 40.77 38.43
C HIS B 118 22.61 39.29 38.26
N ILE B 119 23.83 38.98 37.83
CA ILE B 119 24.25 37.62 37.60
C ILE B 119 24.22 36.84 38.93
N HIS B 120 24.68 37.49 40.02
CA HIS B 120 24.54 36.89 41.35
C HIS B 120 23.12 36.54 41.63
N SER B 121 22.19 37.44 41.25
CA SER B 121 20.77 37.17 41.60
C SER B 121 20.20 36.00 40.77
N VAL B 122 20.63 35.88 39.50
CA VAL B 122 20.16 34.75 38.62
C VAL B 122 20.73 33.46 39.21
N TRP B 123 21.96 33.47 39.67
CA TRP B 123 22.58 32.27 40.29
C TRP B 123 21.83 31.87 41.52
N LYS B 124 21.51 32.88 42.37
CA LYS B 124 20.87 32.54 43.64
C LYS B 124 19.48 31.94 43.36
N ASP B 125 18.78 32.50 42.35
CA ASP B 125 17.47 32.03 41.97
C ASP B 125 17.56 30.60 41.39
N LEU B 126 18.61 30.31 40.60
CA LEU B 126 18.84 28.89 40.12
C LEU B 126 18.98 27.92 41.32
N LEU B 127 19.67 28.33 42.38
CA LEU B 127 19.88 27.41 43.52
C LEU B 127 18.58 27.20 44.34
N GLU B 128 17.76 28.24 44.43
CA GLU B 128 16.52 28.23 45.27
C GLU B 128 15.32 27.62 44.56
N ASP B 129 15.26 27.80 43.22
CA ASP B 129 14.12 27.39 42.42
C ASP B 129 14.64 26.41 41.34
N THR B 130 14.23 25.14 41.43
CA THR B 130 14.64 24.12 40.40
C THR B 130 13.44 23.74 39.54
N VAL B 131 12.44 24.61 39.51
CA VAL B 131 11.16 24.27 38.84
C VAL B 131 10.69 25.23 37.73
N THR B 132 10.68 26.55 37.98
CA THR B 132 10.02 27.45 37.07
C THR B 132 10.74 27.54 35.68
N PRO B 133 10.00 27.25 34.61
CA PRO B 133 10.66 27.35 33.29
C PRO B 133 11.23 28.73 33.06
N ILE B 134 12.41 28.78 32.47
CA ILE B 134 13.08 30.05 32.23
C ILE B 134 12.74 30.54 30.82
N ASP B 135 12.50 31.82 30.69
CA ASP B 135 12.16 32.40 29.38
C ASP B 135 13.33 32.33 28.41
N THR B 136 12.97 32.22 27.13
CA THR B 136 13.97 32.31 26.06
C THR B 136 13.40 33.14 24.97
N THR B 137 14.28 33.66 24.13
CA THR B 137 13.89 34.40 22.94
C THR B 137 14.05 33.48 21.77
N ILE B 138 13.10 33.54 20.85
CA ILE B 138 13.20 32.83 19.58
C ILE B 138 13.36 33.87 18.47
N MET B 139 14.34 33.64 17.60
CA MET B 139 14.62 34.54 16.42
C MET B 139 14.85 33.69 15.20
N ALA B 140 14.62 34.27 14.01
CA ALA B 140 14.91 33.59 12.74
C ALA B 140 16.35 34.00 12.38
N LYS B 141 17.20 33.03 12.07
CA LYS B 141 18.59 33.35 11.76
C LYS B 141 18.71 33.87 10.33
N ASN B 142 19.49 34.93 10.14
CA ASN B 142 19.76 35.46 8.80
C ASN B 142 21.08 34.88 8.30
N GLU B 143 21.01 33.95 7.35
CA GLU B 143 22.21 33.31 6.78
C GLU B 143 22.16 33.32 5.26
N VAL B 144 23.35 33.32 4.63
CA VAL B 144 23.45 33.46 3.16
C VAL B 144 23.66 32.09 2.52
N PHE B 145 22.97 31.84 1.40
CA PHE B 145 23.10 30.66 0.60
C PHE B 145 23.05 31.00 -0.92
N CYS B 146 23.23 29.98 -1.74
CA CYS B 146 23.00 30.08 -3.20
C CYS B 146 21.77 29.20 -3.56
N VAL B 147 20.97 29.64 -4.55
CA VAL B 147 19.83 28.83 -5.04
C VAL B 147 20.26 27.47 -5.65
N GLN B 148 19.53 26.40 -5.33
CA GLN B 148 19.78 25.10 -5.97
C GLN B 148 18.44 24.47 -6.36
N PRO B 149 18.00 24.67 -7.61
CA PRO B 149 16.63 24.27 -8.01
C PRO B 149 16.42 22.74 -8.14
N GLU B 150 17.48 22.02 -8.48
CA GLU B 150 17.37 20.56 -8.72
C GLU B 150 17.00 19.71 -7.50
N LYS B 151 17.36 20.18 -6.31
CA LYS B 151 17.01 19.47 -5.06
C LYS B 151 15.68 19.95 -4.48
N GLY B 152 15.32 21.22 -4.73
CA GLY B 152 14.08 21.84 -4.20
C GLY B 152 14.13 23.38 -4.26
N GLY B 153 13.25 24.06 -3.52
CA GLY B 153 13.30 25.55 -3.43
C GLY B 153 14.32 26.06 -2.41
N ARG B 154 14.35 27.38 -2.16
CA ARG B 154 15.25 28.03 -1.18
C ARG B 154 15.09 27.53 0.26
N LYS B 155 16.15 27.58 1.05
CA LYS B 155 16.09 27.14 2.46
C LYS B 155 15.34 28.13 3.35
N PRO B 156 14.41 27.62 4.19
CA PRO B 156 13.82 28.50 5.18
C PRO B 156 14.83 28.86 6.29
N ALA B 157 14.67 30.03 6.91
CA ALA B 157 15.49 30.45 8.06
C ALA B 157 15.59 29.37 9.12
N ARG B 158 16.75 29.22 9.73
CA ARG B 158 16.82 28.38 10.93
C ARG B 158 16.31 29.17 12.13
N LEU B 159 15.84 28.46 13.15
CA LEU B 159 15.29 29.12 14.34
C LEU B 159 16.28 29.04 15.51
N ILE B 160 16.60 30.19 16.11
CA ILE B 160 17.56 30.18 17.23
C ILE B 160 16.82 30.53 18.49
N VAL B 161 17.20 29.85 19.59
CA VAL B 161 16.45 29.96 20.85
C VAL B 161 17.52 30.14 21.91
N PHE B 162 17.42 31.22 22.69
CA PHE B 162 18.49 31.49 23.70
C PHE B 162 17.93 32.16 24.93
N PRO B 163 18.49 31.84 26.12
CA PRO B 163 18.04 32.52 27.33
C PRO B 163 18.74 33.89 27.43
N ASP B 164 18.36 34.66 28.44
CA ASP B 164 18.92 36.02 28.62
C ASP B 164 20.45 35.90 28.99
N LEU B 165 21.18 36.98 28.68
CA LEU B 165 22.64 37.04 28.96
C LEU B 165 23.01 36.67 30.40
N GLY B 166 22.24 37.14 31.41
CA GLY B 166 22.57 36.83 32.80
C GLY B 166 22.55 35.31 33.01
N VAL B 167 21.49 34.65 32.52
CA VAL B 167 21.45 33.16 32.56
C VAL B 167 22.65 32.53 31.81
N ARG B 168 22.99 33.08 30.65
CA ARG B 168 24.13 32.56 29.84
C ARG B 168 25.40 32.58 30.63
N VAL B 169 25.68 33.67 31.40
CA VAL B 169 26.85 33.67 32.24
C VAL B 169 26.79 32.62 33.36
N CYS B 170 25.60 32.46 33.99
CA CYS B 170 25.49 31.39 35.00
C CYS B 170 25.70 30.00 34.34
N GLU B 171 25.25 29.81 33.09
CA GLU B 171 25.53 28.51 32.45
C GLU B 171 27.04 28.21 32.48
N LYS B 172 27.86 29.21 32.11
CA LYS B 172 29.31 29.05 32.11
C LYS B 172 29.86 28.76 33.49
N MET B 173 29.38 29.52 34.53
CA MET B 173 29.75 29.22 35.92
C MET B 173 29.58 27.75 36.25
N ALA B 174 28.43 27.21 35.91
CA ALA B 174 28.08 25.82 36.31
C ALA B 174 28.76 24.75 35.40
N LEU B 175 28.91 25.05 34.08
CA LEU B 175 29.13 23.97 33.11
C LEU B 175 30.25 24.24 32.12
N TYR B 176 30.87 25.42 32.13
CA TYR B 176 31.96 25.67 31.16
C TYR B 176 33.06 24.66 31.30
N ASP B 177 33.48 24.39 32.53
CA ASP B 177 34.61 23.44 32.70
C ASP B 177 34.15 22.03 32.32
N VAL B 178 32.93 21.65 32.67
CA VAL B 178 32.34 20.35 32.23
C VAL B 178 32.32 20.16 30.67
N VAL B 179 31.75 21.12 29.97
CA VAL B 179 31.63 20.96 28.47
C VAL B 179 33.00 21.08 27.80
N SER B 180 33.90 21.79 28.47
CA SER B 180 35.30 21.90 28.05
C SER B 180 36.15 20.66 28.23
N THR B 181 35.86 19.84 29.22
CA THR B 181 36.69 18.70 29.51
C THR B 181 36.04 17.32 29.46
N LEU B 182 34.76 17.22 29.74
CA LEU B 182 34.10 15.92 29.82
C LEU B 182 33.97 15.08 28.52
N PRO B 183 33.60 15.71 27.41
CA PRO B 183 33.35 14.95 26.15
C PRO B 183 34.59 14.19 25.68
N GLN B 184 35.76 14.82 25.74
CA GLN B 184 36.97 14.09 25.33
C GLN B 184 37.25 12.87 26.16
N VAL B 185 37.05 12.97 27.47
CA VAL B 185 37.19 11.78 28.33
C VAL B 185 36.14 10.69 28.04
N VAL B 186 34.89 11.04 27.84
CA VAL B 186 33.82 10.04 27.59
C VAL B 186 33.99 9.36 26.23
N MET B 187 34.32 10.18 25.20
CA MET B 187 34.26 9.69 23.79
C MET B 187 35.59 9.44 23.16
N GLY B 188 36.71 9.84 23.86
CA GLY B 188 38.07 9.61 23.31
C GLY B 188 38.23 10.16 21.88
N SER B 189 38.89 9.39 21.03
CA SER B 189 39.17 9.86 19.67
C SER B 189 37.89 10.03 18.80
N SER B 190 36.73 9.56 19.27
CA SER B 190 35.46 9.81 18.52
C SER B 190 35.00 11.24 18.71
N TYR B 191 35.58 11.93 19.71
CA TYR B 191 35.09 13.33 19.98
C TYR B 191 35.68 14.29 18.97
N GLY B 192 34.82 14.80 18.06
CA GLY B 192 35.33 15.58 16.91
C GLY B 192 35.84 16.99 17.22
N PHE B 193 35.37 17.64 18.29
CA PHE B 193 35.80 19.08 18.51
C PHE B 193 37.24 19.24 18.98
N GLN B 194 37.82 18.17 19.40
CA GLN B 194 39.26 18.11 19.73
C GLN B 194 40.19 18.28 18.53
N TYR B 195 39.69 18.10 17.29
CA TYR B 195 40.54 18.14 16.15
C TYR B 195 40.64 19.42 15.36
N SER B 196 41.85 19.75 14.92
CA SER B 196 41.99 20.66 13.77
C SER B 196 41.65 19.90 12.47
N PRO B 197 41.51 20.62 11.35
CA PRO B 197 41.26 19.87 10.06
C PRO B 197 42.34 18.81 9.76
N GLY B 198 43.66 19.16 9.90
CA GLY B 198 44.75 18.17 9.73
C GLY B 198 44.53 16.94 10.65
N GLN B 199 44.16 17.17 11.90
CA GLN B 199 43.97 16.05 12.84
C GLN B 199 42.71 15.22 12.54
N ARG B 200 41.62 15.89 12.08
CA ARG B 200 40.42 15.15 11.68
C ARG B 200 40.71 14.28 10.49
N VAL B 201 41.42 14.78 9.48
N VAL B 201 41.40 14.80 9.48
CA VAL B 201 41.75 14.02 8.30
CA VAL B 201 41.79 14.04 8.32
C VAL B 201 42.75 12.91 8.60
C VAL B 201 42.64 12.86 8.74
N GLU B 202 43.66 13.15 9.56
CA GLU B 202 44.53 12.04 9.98
C GLU B 202 43.70 10.90 10.65
N PHE B 203 42.81 11.25 11.58
CA PHE B 203 41.98 10.27 12.28
C PHE B 203 41.10 9.48 11.26
N LEU B 204 40.47 10.23 10.34
CA LEU B 204 39.60 9.54 9.31
C LEU B 204 40.39 8.54 8.49
N VAL B 205 41.54 9.00 7.97
CA VAL B 205 42.36 8.20 7.09
C VAL B 205 42.91 6.98 7.81
N ASN B 206 43.43 7.20 9.02
CA ASN B 206 44.02 6.02 9.75
C ASN B 206 42.95 5.07 10.25
N THR B 207 41.79 5.60 10.64
CA THR B 207 40.65 4.72 10.98
C THR B 207 40.24 3.87 9.71
N TRP B 208 40.12 4.53 8.57
CA TRP B 208 39.78 3.83 7.27
C TRP B 208 40.88 2.79 6.97
N LYS B 209 42.15 3.18 7.11
CA LYS B 209 43.30 2.25 6.83
C LYS B 209 43.37 1.09 7.77
N SER B 210 42.88 1.26 9.00
CA SER B 210 42.95 0.22 10.04
C SER B 210 41.99 -0.96 9.80
N LYS B 211 40.98 -0.78 8.94
CA LYS B 211 39.97 -1.84 8.75
C LYS B 211 40.54 -2.84 7.76
N LYS B 212 40.26 -4.11 7.98
CA LYS B 212 40.64 -5.14 7.00
C LYS B 212 39.92 -4.88 5.67
N ASN B 213 38.64 -4.53 5.76
CA ASN B 213 37.83 -4.28 4.58
C ASN B 213 36.80 -3.21 4.94
N PRO B 214 37.20 -1.92 4.82
CA PRO B 214 36.39 -0.82 5.39
C PRO B 214 35.07 -0.52 4.65
N MET B 215 34.06 -0.14 5.42
CA MET B 215 32.84 0.44 4.88
C MET B 215 32.62 1.64 5.75
N GLY B 216 32.11 2.73 5.19
CA GLY B 216 31.74 3.87 6.08
C GLY B 216 30.50 4.59 5.58
N PHE B 217 29.88 5.31 6.50
CA PHE B 217 28.74 6.12 6.08
C PHE B 217 28.60 7.34 7.00
N SER B 218 28.06 8.40 6.43
CA SER B 218 27.60 9.53 7.28
C SER B 218 26.18 9.24 7.59
N TYR B 219 25.70 9.70 8.76
CA TYR B 219 24.29 9.58 9.06
C TYR B 219 23.72 10.95 9.36
N ASP B 220 22.73 11.36 8.56
CA ASP B 220 22.13 12.68 8.70
C ASP B 220 20.81 12.53 9.48
N THR B 221 20.76 13.07 10.69
CA THR B 221 19.51 13.07 11.51
C THR B 221 18.66 14.19 10.99
N ARG B 222 17.40 13.90 10.75
CA ARG B 222 16.48 14.97 10.27
C ARG B 222 16.27 15.98 11.46
N CYS B 223 16.72 17.23 11.30
CA CYS B 223 16.44 18.33 12.34
C CYS B 223 16.83 17.81 13.70
N PHE B 224 18.15 17.52 13.89
CA PHE B 224 18.60 16.84 15.10
C PHE B 224 18.05 17.51 16.37
N ASP B 225 18.14 18.83 16.45
CA ASP B 225 17.77 19.50 17.74
C ASP B 225 16.31 19.22 18.13
N SER B 226 15.40 19.15 17.15
CA SER B 226 13.99 18.82 17.40
C SER B 226 13.79 17.38 17.85
N THR B 227 14.72 16.49 17.48
CA THR B 227 14.63 15.08 17.86
C THR B 227 15.14 14.80 19.25
N VAL B 228 15.82 15.77 19.86
CA VAL B 228 16.35 15.60 21.23
C VAL B 228 15.19 15.68 22.22
N THR B 229 15.01 14.61 22.98
CA THR B 229 13.86 14.55 23.86
C THR B 229 14.19 15.08 25.23
N GLU B 230 13.15 15.32 26.06
CA GLU B 230 13.39 15.72 27.42
C GLU B 230 14.17 14.63 28.14
N ASN B 231 13.83 13.36 27.87
N ASN B 231 13.87 13.37 27.87
CA ASN B 231 14.59 12.18 28.44
CA ASN B 231 14.68 12.30 28.50
C ASN B 231 16.10 12.26 28.07
C ASN B 231 16.14 12.31 28.07
N ASP B 232 16.38 12.50 26.77
CA ASP B 232 17.78 12.70 26.30
C ASP B 232 18.50 13.79 27.13
N ILE B 233 17.80 14.92 27.38
CA ILE B 233 18.44 16.05 28.13
C ILE B 233 18.64 15.69 29.61
N ARG B 234 17.70 14.96 30.22
CA ARG B 234 17.96 14.41 31.58
C ARG B 234 19.07 13.33 31.59
N VAL B 235 19.11 12.53 30.55
CA VAL B 235 20.23 11.54 30.46
C VAL B 235 21.57 12.28 30.38
N GLU B 236 21.62 13.32 29.55
N GLU B 236 21.61 13.31 29.55
CA GLU B 236 22.83 14.17 29.47
CA GLU B 236 22.81 14.15 29.45
C GLU B 236 23.21 14.74 30.83
C GLU B 236 23.20 14.72 30.81
N GLU B 237 22.20 15.23 31.57
CA GLU B 237 22.48 15.74 32.93
C GLU B 237 23.06 14.64 33.85
N SER B 238 22.53 13.43 33.74
CA SER B 238 23.04 12.34 34.59
C SER B 238 24.53 12.08 34.29
N ILE B 239 24.92 12.20 33.01
CA ILE B 239 26.34 12.04 32.65
C ILE B 239 27.18 13.16 33.29
N TYR B 240 26.68 14.43 33.19
CA TYR B 240 27.37 15.55 33.84
C TYR B 240 27.51 15.33 35.32
N GLN B 241 26.45 14.81 35.96
CA GLN B 241 26.46 14.65 37.40
C GLN B 241 27.39 13.49 37.85
N CYS B 242 27.87 12.66 36.92
CA CYS B 242 28.90 11.67 37.27
C CYS B 242 30.24 12.30 37.59
N CYS B 243 30.49 13.53 37.11
CA CYS B 243 31.72 14.27 37.41
C CYS B 243 31.82 14.55 38.93
N ASP B 244 33.06 14.77 39.35
CA ASP B 244 33.32 15.30 40.72
C ASP B 244 33.01 16.78 40.66
N LEU B 245 31.88 17.19 41.24
CA LEU B 245 31.46 18.57 41.18
C LEU B 245 31.25 19.21 42.56
N ALA B 246 31.41 20.53 42.65
CA ALA B 246 31.02 21.28 43.87
C ALA B 246 29.50 21.21 44.13
N PRO B 247 29.09 21.23 45.41
CA PRO B 247 27.66 21.11 45.70
C PRO B 247 26.81 22.16 44.98
N GLU B 248 27.29 23.39 44.87
CA GLU B 248 26.52 24.46 44.18
C GLU B 248 26.42 24.19 42.67
N ALA B 249 27.48 23.58 42.13
CA ALA B 249 27.47 23.23 40.67
C ALA B 249 26.40 22.17 40.40
N ARG B 250 26.31 21.12 41.26
CA ARG B 250 25.27 20.09 41.08
C ARG B 250 23.86 20.66 41.09
N GLN B 251 23.62 21.56 42.06
CA GLN B 251 22.30 22.16 42.17
C GLN B 251 22.00 23.03 40.95
N ALA B 252 22.95 23.84 40.54
CA ALA B 252 22.73 24.71 39.35
C ALA B 252 22.53 23.91 38.06
N ILE B 253 23.25 22.79 37.95
CA ILE B 253 23.17 21.95 36.74
C ILE B 253 21.75 21.30 36.68
N LYS B 254 21.26 20.85 37.84
CA LYS B 254 19.93 20.35 37.93
C LYS B 254 18.89 21.40 37.60
N SER B 255 19.05 22.57 38.19
CA SER B 255 18.11 23.68 37.95
C SER B 255 18.12 24.12 36.47
N LEU B 256 19.32 24.28 35.89
CA LEU B 256 19.38 24.63 34.45
C LEU B 256 18.76 23.54 33.59
N THR B 257 18.97 22.27 33.97
CA THR B 257 18.41 21.16 33.13
C THR B 257 16.87 21.25 33.18
N GLU B 258 16.27 21.44 34.37
CA GLU B 258 14.83 21.36 34.49
C GLU B 258 14.09 22.63 34.03
N ARG B 259 14.75 23.77 34.23
CA ARG B 259 14.15 25.05 33.90
C ARG B 259 14.47 25.57 32.50
N LEU B 260 15.59 25.12 31.93
CA LEU B 260 16.03 25.67 30.66
C LEU B 260 16.28 24.58 29.61
N TYR B 261 17.15 23.64 29.92
CA TYR B 261 17.58 22.71 28.88
C TYR B 261 16.46 21.82 28.36
N ILE B 262 15.59 21.31 29.24
CA ILE B 262 14.52 20.40 28.75
C ILE B 262 13.42 21.09 27.99
N GLY B 263 13.34 22.41 28.08
CA GLY B 263 12.28 23.15 27.39
C GLY B 263 11.89 24.42 28.13
N GLY B 264 10.92 25.14 27.56
CA GLY B 264 10.43 26.32 28.22
C GLY B 264 9.74 27.24 27.22
N PRO B 265 9.18 28.32 27.71
CA PRO B 265 8.44 29.22 26.82
C PRO B 265 9.33 30.02 25.86
N LEU B 266 8.76 30.35 24.71
CA LEU B 266 9.43 31.07 23.63
C LEU B 266 8.77 32.46 23.43
N THR B 267 9.60 33.50 23.39
CA THR B 267 9.17 34.87 23.38
C THR B 267 9.80 35.47 22.17
N ASN B 268 8.99 36.13 21.33
CA ASN B 268 9.57 36.81 20.17
C ASN B 268 10.23 38.16 20.56
N SER B 269 10.82 38.85 19.59
CA SER B 269 11.53 40.11 19.86
C SER B 269 10.59 41.23 20.27
N LYS B 270 9.29 41.06 20.00
CA LYS B 270 8.28 42.05 20.45
C LYS B 270 7.80 41.76 21.87
N GLY B 271 8.30 40.66 22.48
CA GLY B 271 7.91 40.29 23.85
C GLY B 271 6.62 39.48 23.92
N GLN B 272 6.18 38.94 22.78
CA GLN B 272 4.93 38.16 22.76
C GLN B 272 5.22 36.69 22.95
N ASN B 273 4.28 35.97 23.58
CA ASN B 273 4.42 34.51 23.72
C ASN B 273 4.23 33.77 22.43
N CYS B 274 5.30 33.15 21.87
CA CYS B 274 5.19 32.38 20.63
C CYS B 274 4.79 30.91 20.81
N GLY B 275 5.02 30.39 22.01
CA GLY B 275 4.73 28.97 22.26
C GLY B 275 5.73 28.37 23.25
N TYR B 276 6.02 27.09 23.05
CA TYR B 276 6.74 26.32 24.08
C TYR B 276 7.63 25.31 23.38
N ARG B 277 8.84 25.14 23.92
CA ARG B 277 9.83 24.18 23.38
C ARG B 277 9.98 22.96 24.31
N ARG B 278 10.11 21.76 23.76
CA ARG B 278 10.36 20.57 24.55
C ARG B 278 11.54 19.74 23.92
N CYS B 279 12.49 20.47 23.36
CA CYS B 279 13.64 19.82 22.63
C CYS B 279 14.83 20.75 22.82
N ARG B 280 15.93 20.48 22.13
CA ARG B 280 17.18 21.22 22.29
C ARG B 280 17.03 22.70 21.88
N ALA B 281 17.39 23.66 22.75
CA ALA B 281 17.62 25.03 22.34
C ALA B 281 18.95 25.18 21.62
N SER B 282 18.95 25.90 20.51
CA SER B 282 20.19 26.06 19.73
C SER B 282 21.22 26.89 20.48
N GLY B 283 20.75 27.80 21.30
CA GLY B 283 21.61 28.83 21.90
C GLY B 283 21.94 28.66 23.35
N VAL B 284 21.98 27.44 23.87
CA VAL B 284 22.41 27.28 25.30
C VAL B 284 23.85 26.75 25.30
N LEU B 285 24.56 26.90 26.41
CA LEU B 285 25.96 26.50 26.42
C LEU B 285 26.16 25.03 26.11
N THR B 286 25.20 24.18 26.51
CA THR B 286 25.43 22.70 26.36
C THR B 286 25.01 22.15 25.01
N THR B 287 24.59 22.98 24.08
CA THR B 287 24.14 22.41 22.80
C THR B 287 25.18 21.56 22.05
N SER B 288 26.37 22.13 21.76
CA SER B 288 27.41 21.31 21.06
C SER B 288 27.84 20.05 21.82
N CYS B 289 28.13 20.17 23.13
CA CYS B 289 28.57 19.05 24.00
C CYS B 289 27.44 18.02 24.15
N GLY B 290 26.23 18.52 24.44
CA GLY B 290 25.06 17.64 24.60
C GLY B 290 24.74 16.92 23.28
N ASN B 291 24.65 17.65 22.19
CA ASN B 291 24.34 16.98 20.88
C ASN B 291 25.42 15.91 20.60
N THR B 292 26.68 16.24 20.84
CA THR B 292 27.77 15.27 20.55
C THR B 292 27.55 14.02 21.44
N LEU B 293 27.33 14.22 22.75
CA LEU B 293 27.13 13.06 23.68
C LEU B 293 25.90 12.25 23.25
N THR B 294 24.79 12.93 22.94
CA THR B 294 23.53 12.27 22.59
C THR B 294 23.68 11.49 21.24
N CYS B 295 24.27 12.14 20.23
CA CYS B 295 24.43 11.50 18.90
C CYS B 295 25.37 10.25 19.10
N TYR B 296 26.44 10.43 19.87
CA TYR B 296 27.38 9.32 20.12
C TYR B 296 26.71 8.16 20.85
N LEU B 297 25.89 8.50 21.87
CA LEU B 297 25.17 7.45 22.62
C LEU B 297 24.24 6.63 21.73
N LYS B 298 23.38 7.33 20.99
CA LYS B 298 22.41 6.67 20.09
C LYS B 298 23.10 5.86 19.00
N ALA B 299 24.13 6.46 18.38
CA ALA B 299 24.87 5.77 17.34
C ALA B 299 25.59 4.56 17.80
N SER B 300 26.26 4.64 18.95
CA SER B 300 27.04 3.50 19.51
C SER B 300 26.09 2.34 19.83
N ALA B 301 24.91 2.65 20.40
CA ALA B 301 23.88 1.64 20.68
C ALA B 301 23.34 1.08 19.40
N ALA B 302 23.08 1.94 18.40
CA ALA B 302 22.56 1.50 17.12
C ALA B 302 23.54 0.60 16.38
N CYS B 303 24.85 0.87 16.53
N CYS B 303 24.85 0.85 16.54
CA CYS B 303 25.88 -0.02 15.96
CA CYS B 303 25.87 -0.04 15.94
C CYS B 303 25.71 -1.44 16.51
C CYS B 303 25.78 -1.45 16.52
N ARG B 304 25.45 -1.52 17.81
CA ARG B 304 25.26 -2.81 18.52
C ARG B 304 23.97 -3.49 18.12
N ALA B 305 22.93 -2.69 17.93
CA ALA B 305 21.65 -3.18 17.39
C ALA B 305 21.78 -3.76 15.99
N ALA B 306 22.53 -3.06 15.12
CA ALA B 306 22.69 -3.40 13.76
C ALA B 306 23.78 -4.48 13.61
N LYS B 307 24.45 -4.82 14.72
CA LYS B 307 25.54 -5.78 14.72
C LYS B 307 26.65 -5.41 13.72
N LEU B 308 26.96 -4.12 13.61
CA LEU B 308 28.04 -3.64 12.75
C LEU B 308 29.30 -4.12 13.38
N GLN B 309 30.27 -4.47 12.57
CA GLN B 309 31.53 -5.05 13.11
C GLN B 309 32.57 -3.95 13.27
N ASP B 310 33.07 -3.82 14.50
CA ASP B 310 34.14 -2.89 14.83
C ASP B 310 33.88 -1.44 14.33
N CYS B 311 32.76 -0.87 14.76
N CYS B 311 32.75 -0.87 14.76
CA CYS B 311 32.33 0.46 14.35
CA CYS B 311 32.42 0.50 14.47
C CYS B 311 33.13 1.57 15.08
C CYS B 311 33.43 1.42 15.10
N THR B 312 33.84 2.41 14.33
CA THR B 312 34.53 3.58 14.91
C THR B 312 33.67 4.79 14.59
N MET B 313 33.31 5.57 15.61
CA MET B 313 32.48 6.76 15.40
C MET B 313 33.35 8.01 15.34
N LEU B 314 32.87 9.02 14.64
CA LEU B 314 33.44 10.35 14.73
C LEU B 314 32.27 11.28 14.77
N VAL B 315 32.12 12.03 15.89
CA VAL B 315 30.84 12.75 16.13
C VAL B 315 31.21 14.19 16.44
N ASN B 316 30.55 15.13 15.74
N ASN B 316 30.51 15.13 15.80
CA ASN B 316 30.75 16.58 15.98
CA ASN B 316 30.81 16.58 15.98
C ASN B 316 29.39 17.17 16.06
C ASN B 316 29.45 17.25 16.05
N GLY B 317 28.91 17.42 17.28
CA GLY B 317 27.52 17.89 17.48
C GLY B 317 26.59 16.83 16.93
N ASP B 318 25.71 17.22 16.03
CA ASP B 318 24.81 16.25 15.40
C ASP B 318 25.43 15.56 14.17
N ASP B 319 26.67 15.90 13.81
CA ASP B 319 27.25 15.28 12.64
C ASP B 319 27.86 13.95 13.05
N LEU B 320 27.60 12.91 12.27
CA LEU B 320 28.01 11.55 12.60
C LEU B 320 28.60 10.84 11.38
N VAL B 321 29.78 10.24 11.58
N VAL B 321 29.81 10.27 11.52
CA VAL B 321 30.38 9.34 10.59
CA VAL B 321 30.33 9.35 10.49
C VAL B 321 30.68 8.05 11.32
C VAL B 321 30.79 8.09 11.22
N VAL B 322 30.54 6.93 10.60
CA VAL B 322 30.82 5.60 11.14
C VAL B 322 31.70 4.88 10.14
N ILE B 323 32.80 4.28 10.64
CA ILE B 323 33.65 3.50 9.76
C ILE B 323 33.74 2.16 10.45
N CYS B 324 33.48 1.07 9.68
CA CYS B 324 33.35 -0.22 10.25
C CYS B 324 33.94 -1.25 9.29
N GLU B 325 33.96 -2.49 9.72
CA GLU B 325 34.41 -3.59 8.84
C GLU B 325 33.24 -4.03 7.96
N SER B 326 33.46 -4.14 6.65
CA SER B 326 32.36 -4.58 5.74
C SER B 326 32.08 -6.09 5.95
N ALA B 327 30.82 -6.48 5.92
CA ALA B 327 30.47 -7.91 5.90
C ALA B 327 30.07 -8.35 4.48
N GLY B 328 30.37 -7.56 3.47
CA GLY B 328 29.91 -7.83 2.10
C GLY B 328 28.90 -6.77 1.71
N THR B 329 28.77 -6.49 0.41
CA THR B 329 27.93 -5.35 0.00
C THR B 329 26.45 -5.53 0.33
N GLN B 330 25.90 -6.73 0.16
CA GLN B 330 24.47 -6.96 0.53
C GLN B 330 24.25 -6.90 2.02
N GLU B 331 25.16 -7.48 2.77
CA GLU B 331 25.08 -7.59 4.22
C GLU B 331 25.16 -6.13 4.79
N ASP B 332 26.06 -5.31 4.23
CA ASP B 332 26.24 -3.93 4.74
C ASP B 332 24.97 -3.10 4.44
N ALA B 333 24.36 -3.29 3.27
CA ALA B 333 23.13 -2.53 2.90
C ALA B 333 22.01 -2.81 3.89
N ALA B 334 21.88 -4.09 4.25
CA ALA B 334 20.88 -4.55 5.21
C ALA B 334 21.18 -4.06 6.62
N SER B 335 22.44 -4.20 7.04
CA SER B 335 22.88 -3.79 8.37
C SER B 335 22.64 -2.28 8.58
N LEU B 336 22.90 -1.47 7.55
CA LEU B 336 22.70 0.00 7.65
C LEU B 336 21.20 0.33 7.80
N ARG B 337 20.33 -0.45 7.13
CA ARG B 337 18.86 -0.35 7.43
C ARG B 337 18.52 -0.66 8.87
N VAL B 338 19.15 -1.70 9.46
CA VAL B 338 18.87 -1.98 10.85
C VAL B 338 19.43 -0.86 11.78
N PHE B 339 20.56 -0.29 11.37
CA PHE B 339 21.14 0.82 12.15
C PHE B 339 20.15 1.98 12.14
N THR B 340 19.64 2.32 10.96
CA THR B 340 18.68 3.44 10.81
C THR B 340 17.40 3.17 11.61
N GLU B 341 16.91 1.93 11.56
CA GLU B 341 15.72 1.56 12.41
C GLU B 341 15.99 1.76 13.87
N ALA B 342 17.21 1.43 14.32
CA ALA B 342 17.52 1.59 15.74
C ALA B 342 17.63 3.10 16.11
N MET B 343 18.34 3.86 15.26
CA MET B 343 18.41 5.33 15.48
C MET B 343 16.98 5.96 15.52
N THR B 344 16.14 5.51 14.60
CA THR B 344 14.72 5.97 14.58
C THR B 344 13.97 5.70 15.90
N ARG B 345 14.14 4.49 16.47
CA ARG B 345 13.52 4.17 17.74
C ARG B 345 14.09 5.03 18.88
N TYR B 346 15.36 5.40 18.75
CA TYR B 346 16.00 6.24 19.76
C TYR B 346 15.63 7.75 19.57
N SER B 347 14.76 8.06 18.59
CA SER B 347 14.38 9.40 18.23
C SER B 347 15.58 10.14 17.62
N ALA B 348 16.18 9.52 16.59
CA ALA B 348 17.10 10.17 15.68
C ALA B 348 16.85 9.61 14.25
N PRO B 349 15.66 9.87 13.69
CA PRO B 349 15.35 9.42 12.35
C PRO B 349 16.19 10.15 11.29
N PRO B 350 16.43 9.52 10.13
CA PRO B 350 17.26 10.12 9.10
C PRO B 350 16.58 11.15 8.21
N GLY B 351 17.33 12.12 7.72
CA GLY B 351 16.91 12.95 6.63
C GLY B 351 17.15 12.16 5.35
N ASP B 352 18.31 12.30 4.76
CA ASP B 352 18.71 11.42 3.63
C ASP B 352 18.95 10.02 4.21
N PRO B 353 18.40 8.95 3.58
CA PRO B 353 18.72 7.61 4.04
C PRO B 353 20.24 7.41 3.92
N PRO B 354 20.85 6.79 4.92
CA PRO B 354 22.34 6.62 4.82
C PRO B 354 22.68 5.61 3.71
N GLN B 355 23.90 5.69 3.19
CA GLN B 355 24.31 4.82 2.11
C GLN B 355 25.76 4.35 2.43
N PRO B 356 26.02 3.02 2.33
CA PRO B 356 27.39 2.52 2.54
C PRO B 356 28.32 3.13 1.51
N GLU B 357 29.56 3.47 1.90
CA GLU B 357 30.54 3.86 0.93
C GLU B 357 31.82 3.03 1.17
N TYR B 358 32.61 2.85 0.13
CA TYR B 358 33.81 1.98 0.22
C TYR B 358 34.99 2.77 -0.25
N ASP B 359 34.84 4.07 -0.37
CA ASP B 359 35.92 4.97 -0.67
C ASP B 359 35.77 6.13 0.32
N LEU B 360 36.78 6.36 1.18
CA LEU B 360 36.68 7.42 2.19
C LEU B 360 36.32 8.77 1.62
N GLU B 361 36.81 9.05 0.42
CA GLU B 361 36.68 10.35 -0.26
C GLU B 361 35.21 10.63 -0.69
N LEU B 362 34.35 9.62 -0.71
CA LEU B 362 32.93 9.75 -1.09
C LEU B 362 32.04 10.03 0.09
N ILE B 363 32.60 10.03 1.30
CA ILE B 363 31.79 10.33 2.47
C ILE B 363 31.80 11.82 2.70
N THR B 364 30.62 12.39 2.86
CA THR B 364 30.50 13.79 3.28
C THR B 364 30.14 13.83 4.77
N SER B 365 30.97 14.52 5.57
CA SER B 365 30.66 14.75 7.02
C SER B 365 31.24 16.10 7.42
N CYS B 366 30.54 16.78 8.32
CA CYS B 366 30.78 18.19 8.55
C CYS B 366 30.84 18.93 7.23
N SER B 367 29.91 18.60 6.29
CA SER B 367 29.77 19.25 4.99
C SER B 367 31.02 19.11 4.11
N SER B 368 31.92 18.20 4.46
CA SER B 368 33.25 18.16 3.89
C SER B 368 33.58 16.69 3.51
N ASN B 369 34.51 16.51 2.58
CA ASN B 369 35.01 15.18 2.17
C ASN B 369 36.55 15.19 2.10
N VAL B 370 37.15 14.01 2.35
CA VAL B 370 38.58 13.84 2.21
C VAL B 370 38.90 13.88 0.73
N SER B 371 40.01 14.56 0.37
CA SER B 371 40.47 14.48 -1.03
C SER B 371 41.97 14.29 -0.98
N VAL B 372 42.63 14.13 -2.14
CA VAL B 372 44.08 13.88 -2.13
C VAL B 372 44.76 14.88 -3.07
N ALA B 373 45.94 15.30 -2.71
CA ALA B 373 46.81 16.09 -3.58
C ALA B 373 48.26 15.66 -3.28
N HIS B 374 49.21 16.40 -3.85
CA HIS B 374 50.63 16.14 -3.59
C HIS B 374 51.31 17.34 -3.14
N ASP B 375 52.20 17.18 -2.19
CA ASP B 375 53.02 18.27 -1.70
C ASP B 375 54.32 18.48 -2.53
N ALA B 376 55.22 19.34 -2.02
CA ALA B 376 56.36 19.79 -2.80
C ALA B 376 57.32 18.61 -3.13
N SER B 377 57.42 17.63 -2.23
CA SER B 377 58.15 16.38 -2.50
C SER B 377 57.45 15.41 -3.48
N GLY B 378 56.19 15.64 -3.82
CA GLY B 378 55.46 14.72 -4.73
C GLY B 378 54.59 13.71 -3.95
N LYS B 379 54.77 13.63 -2.63
CA LYS B 379 54.11 12.68 -1.75
C LYS B 379 52.58 12.96 -1.64
N ARG B 380 51.77 11.88 -1.65
CA ARG B 380 50.32 11.98 -1.40
C ARG B 380 49.97 12.66 -0.07
N VAL B 381 49.05 13.62 -0.11
CA VAL B 381 48.61 14.33 1.14
C VAL B 381 47.08 14.36 1.08
N TYR B 382 46.44 13.94 2.17
CA TYR B 382 45.00 13.98 2.29
C TYR B 382 44.62 15.31 3.00
N TYR B 383 43.48 15.83 2.60
CA TYR B 383 43.01 17.09 3.18
C TYR B 383 41.52 17.13 3.08
N LEU B 384 40.87 18.05 3.83
CA LEU B 384 39.42 18.16 3.69
C LEU B 384 38.97 19.31 2.83
N THR B 385 37.97 19.06 2.05
CA THR B 385 37.42 20.10 1.18
C THR B 385 35.90 20.01 1.21
N ARG B 386 35.25 20.82 0.36
CA ARG B 386 33.78 20.85 0.29
C ARG B 386 33.43 21.54 -0.97
N ASP B 387 32.18 21.37 -1.38
CA ASP B 387 31.64 22.16 -2.46
C ASP B 387 31.83 23.62 -2.03
N PRO B 388 32.38 24.46 -2.94
CA PRO B 388 32.69 25.83 -2.54
C PRO B 388 31.55 26.84 -2.71
N THR B 389 30.37 26.38 -3.15
CA THR B 389 29.22 27.27 -3.42
C THR B 389 28.80 28.19 -2.29
N THR B 390 28.59 27.62 -1.11
CA THR B 390 28.14 28.45 -0.01
C THR B 390 29.26 29.39 0.48
N PRO B 391 30.51 28.85 0.71
CA PRO B 391 31.63 29.77 0.98
C PRO B 391 31.72 30.96 0.02
N LEU B 392 31.59 30.71 -1.29
CA LEU B 392 31.74 31.76 -2.32
C LEU B 392 30.54 32.75 -2.33
N ALA B 393 29.34 32.22 -2.14
CA ALA B 393 28.11 33.06 -1.99
C ALA B 393 28.27 33.98 -0.80
N ARG B 394 28.76 33.43 0.33
CA ARG B 394 28.91 34.25 1.54
C ARG B 394 30.04 35.25 1.39
N ALA B 395 31.14 34.85 0.71
CA ALA B 395 32.24 35.79 0.48
C ALA B 395 31.77 37.01 -0.35
N ALA B 396 30.94 36.73 -1.35
CA ALA B 396 30.33 37.80 -2.18
C ALA B 396 29.51 38.79 -1.32
N TRP B 397 28.68 38.26 -0.41
CA TRP B 397 27.83 39.08 0.47
C TRP B 397 28.71 39.94 1.35
N GLU B 398 29.74 39.32 1.93
CA GLU B 398 30.60 39.99 2.88
C GLU B 398 31.49 41.06 2.22
N THR B 399 31.74 40.91 0.93
CA THR B 399 32.51 41.91 0.19
C THR B 399 31.58 43.13 -0.04
N ALA B 400 30.33 42.84 -0.39
CA ALA B 400 29.32 43.87 -0.71
C ALA B 400 28.73 44.57 0.49
N ARG B 401 28.59 43.87 1.63
CA ARG B 401 28.06 44.47 2.88
C ARG B 401 29.03 44.21 4.01
N HIS B 402 29.24 45.20 4.89
CA HIS B 402 30.00 44.95 6.11
C HIS B 402 29.25 44.02 7.05
N THR B 403 29.84 42.87 7.38
CA THR B 403 29.23 41.90 8.28
C THR B 403 30.13 41.76 9.50
N PRO B 404 29.54 41.82 10.70
CA PRO B 404 30.35 41.70 11.93
C PRO B 404 31.10 40.36 12.06
N VAL B 405 30.52 39.30 11.48
CA VAL B 405 31.19 37.98 11.42
C VAL B 405 31.60 37.57 9.98
N ASN B 406 32.88 37.27 9.79
CA ASN B 406 33.48 37.06 8.48
C ASN B 406 33.69 35.57 8.16
N SER B 407 32.69 34.95 7.51
CA SER B 407 32.81 33.53 7.15
C SER B 407 33.99 33.30 6.17
N TRP B 408 34.36 34.33 5.39
CA TRP B 408 35.46 34.16 4.50
C TRP B 408 36.74 33.81 5.22
N LEU B 409 36.95 34.46 6.39
CA LEU B 409 38.15 34.23 7.16
C LEU B 409 38.16 32.80 7.80
N GLY B 410 37.04 32.39 8.39
CA GLY B 410 36.87 31.02 8.88
C GLY B 410 37.06 29.99 7.80
N ASN B 411 36.52 30.24 6.60
CA ASN B 411 36.75 29.37 5.45
C ASN B 411 38.19 29.29 5.00
N ILE B 412 38.90 30.45 5.00
CA ILE B 412 40.35 30.41 4.65
C ILE B 412 41.10 29.53 5.67
N ILE B 413 40.75 29.66 6.94
CA ILE B 413 41.50 28.96 8.04
C ILE B 413 41.20 27.46 7.98
N MET B 414 39.94 27.08 7.89
CA MET B 414 39.51 25.63 7.86
C MET B 414 39.78 24.88 6.60
N TYR B 415 39.76 25.59 5.47
CA TYR B 415 39.97 25.00 4.15
C TYR B 415 41.22 25.53 3.45
N ALA B 416 42.20 25.99 4.23
CA ALA B 416 43.44 26.53 3.68
C ALA B 416 44.13 25.66 2.59
N PRO B 417 44.11 24.31 2.72
CA PRO B 417 44.82 23.49 1.71
C PRO B 417 44.05 23.37 0.41
N THR B 418 42.80 23.83 0.34
CA THR B 418 41.97 23.53 -0.81
C THR B 418 42.32 24.46 -1.98
N LEU B 419 42.02 23.96 -3.15
N LEU B 419 42.03 23.95 -3.17
CA LEU B 419 42.26 24.67 -4.44
CA LEU B 419 42.26 24.67 -4.44
C LEU B 419 41.51 26.00 -4.44
C LEU B 419 41.49 25.98 -4.48
N TRP B 420 40.23 25.93 -4.09
CA TRP B 420 39.35 27.11 -4.03
C TRP B 420 39.66 28.13 -2.97
N ALA B 421 39.96 27.73 -1.74
CA ALA B 421 40.32 28.72 -0.75
C ALA B 421 41.61 29.47 -1.10
N ARG B 422 42.64 28.75 -1.51
CA ARG B 422 43.89 29.39 -1.89
C ARG B 422 43.79 30.29 -3.16
N MET B 423 43.19 29.76 -4.22
CA MET B 423 43.10 30.48 -5.48
C MET B 423 42.14 31.63 -5.49
N ILE B 424 41.00 31.47 -4.83
CA ILE B 424 39.96 32.50 -4.85
C ILE B 424 39.86 33.34 -3.60
N LEU B 425 39.61 32.72 -2.43
CA LEU B 425 39.39 33.46 -1.24
C LEU B 425 40.61 34.26 -0.83
N MET B 426 41.77 33.61 -0.72
CA MET B 426 43.00 34.30 -0.30
C MET B 426 43.31 35.46 -1.26
N THR B 427 43.24 35.21 -2.57
CA THR B 427 43.52 36.22 -3.59
C THR B 427 42.52 37.39 -3.51
N HIS B 428 41.25 37.08 -3.45
CA HIS B 428 40.21 38.13 -3.41
C HIS B 428 40.31 38.99 -2.17
N PHE B 429 40.44 38.37 -0.99
CA PHE B 429 40.44 39.15 0.23
C PHE B 429 41.77 39.83 0.50
N PHE B 430 42.89 39.18 0.21
CA PHE B 430 44.15 39.92 0.35
C PHE B 430 44.23 41.15 -0.57
N SER B 431 43.70 41.02 -1.78
CA SER B 431 43.61 42.17 -2.70
C SER B 431 42.81 43.35 -2.04
N ILE B 432 41.67 43.03 -1.43
CA ILE B 432 40.83 44.10 -0.77
C ILE B 432 41.59 44.68 0.44
N LEU B 433 42.17 43.81 1.26
CA LEU B 433 42.85 44.26 2.46
C LEU B 433 44.01 45.17 2.13
N LEU B 434 44.77 44.83 1.06
CA LEU B 434 45.83 45.70 0.58
C LEU B 434 45.31 47.09 0.17
N ALA B 435 44.22 47.10 -0.60
CA ALA B 435 43.66 48.30 -1.17
C ALA B 435 43.14 49.20 -0.05
N GLN B 436 42.53 48.61 0.97
CA GLN B 436 41.99 49.34 2.10
C GLN B 436 42.98 49.53 3.23
N GLU B 437 44.23 49.09 3.07
CA GLU B 437 45.23 49.12 4.12
C GLU B 437 44.71 48.58 5.45
N GLN B 438 44.12 47.39 5.43
CA GLN B 438 43.56 46.77 6.64
C GLN B 438 44.23 45.44 6.98
N LEU B 439 45.41 45.18 6.40
CA LEU B 439 46.09 43.94 6.68
C LEU B 439 46.33 43.70 8.22
N GLU B 440 46.58 44.78 8.96
CA GLU B 440 46.89 44.66 10.38
C GLU B 440 45.65 44.67 11.26
N LYS B 441 44.48 44.82 10.69
CA LYS B 441 43.26 44.93 11.50
C LYS B 441 42.72 43.56 11.90
N ALA B 442 42.65 43.30 13.22
CA ALA B 442 42.13 42.02 13.71
C ALA B 442 40.66 41.90 13.35
N LEU B 443 40.21 40.74 12.90
CA LEU B 443 38.82 40.54 12.56
C LEU B 443 38.22 39.37 13.32
N ASP B 444 36.91 39.48 13.59
CA ASP B 444 36.20 38.46 14.32
C ASP B 444 35.95 37.31 13.44
N CYS B 445 36.04 36.14 14.10
CA CYS B 445 35.95 34.91 13.35
C CYS B 445 35.29 33.85 14.25
N GLN B 446 34.33 33.10 13.68
CA GLN B 446 33.60 32.12 14.50
C GLN B 446 33.58 30.77 13.78
N ILE B 447 34.12 29.75 14.44
CA ILE B 447 34.16 28.41 13.84
C ILE B 447 33.46 27.37 14.72
N TYR B 448 32.38 26.79 14.24
CA TYR B 448 31.65 25.73 14.95
C TYR B 448 31.43 26.15 16.38
N GLY B 449 31.10 27.41 16.59
CA GLY B 449 30.83 27.96 17.91
C GLY B 449 31.93 28.53 18.76
N ALA B 450 33.18 28.49 18.31
CA ALA B 450 34.24 29.13 19.06
C ALA B 450 34.64 30.50 18.45
N CYS B 451 35.03 31.50 19.27
CA CYS B 451 35.28 32.90 18.80
C CYS B 451 36.68 33.31 18.86
N TYR B 452 37.19 33.81 17.72
CA TYR B 452 38.62 34.23 17.70
C TYR B 452 38.69 35.68 17.17
N SER B 453 39.80 36.33 17.43
CA SER B 453 40.07 37.62 16.83
C SER B 453 41.42 37.46 16.16
N ILE B 454 41.44 37.62 14.83
CA ILE B 454 42.63 37.18 14.05
C ILE B 454 43.02 38.31 13.08
N GLU B 455 44.29 38.68 13.09
CA GLU B 455 44.86 39.62 12.11
C GLU B 455 45.15 38.79 10.85
N PRO B 456 44.69 39.27 9.69
CA PRO B 456 45.03 38.50 8.46
C PRO B 456 46.51 38.26 8.28
N LEU B 457 47.37 39.20 8.69
CA LEU B 457 48.84 38.99 8.63
C LEU B 457 49.39 37.76 9.38
N ASP B 458 48.60 37.20 10.29
CA ASP B 458 49.01 36.00 11.00
C ASP B 458 48.49 34.72 10.39
N LEU B 459 47.76 34.81 9.24
CA LEU B 459 47.30 33.59 8.55
C LEU B 459 48.34 32.51 8.27
N PRO B 460 49.57 32.85 7.79
CA PRO B 460 50.52 31.81 7.48
C PRO B 460 50.88 30.88 8.68
N GLN B 461 51.23 31.47 9.81
CA GLN B 461 51.52 30.64 11.00
C GLN B 461 50.29 29.84 11.51
N ILE B 462 49.09 30.42 11.40
CA ILE B 462 47.86 29.71 11.79
C ILE B 462 47.60 28.50 10.91
N ILE B 463 47.76 28.68 9.60
CA ILE B 463 47.50 27.62 8.66
C ILE B 463 48.48 26.50 8.90
N GLU B 464 49.74 26.85 9.11
CA GLU B 464 50.78 25.83 9.28
C GLU B 464 50.47 25.00 10.57
N ARG B 465 49.99 25.67 11.61
CA ARG B 465 49.59 24.96 12.86
C ARG B 465 48.42 23.99 12.60
N LEU B 466 47.42 24.37 11.78
CA LEU B 466 46.21 23.56 11.67
C LEU B 466 46.22 22.53 10.60
N HIS B 467 47.15 22.72 9.63
CA HIS B 467 47.21 21.91 8.46
C HIS B 467 48.57 21.32 8.20
N GLY B 468 49.62 21.90 8.78
CA GLY B 468 51.02 21.56 8.37
C GLY B 468 51.51 22.41 7.17
N LEU B 469 52.82 22.46 7.00
CA LEU B 469 53.49 23.16 5.93
C LEU B 469 53.07 22.79 4.53
N SER B 470 52.66 21.53 4.29
CA SER B 470 52.17 21.09 3.00
C SER B 470 50.98 21.91 2.43
N ALA B 471 50.22 22.59 3.29
CA ALA B 471 49.07 23.37 2.85
C ALA B 471 49.52 24.48 1.86
N PHE B 472 50.81 24.85 1.89
CA PHE B 472 51.31 25.90 1.05
C PHE B 472 51.85 25.40 -0.29
N SER B 473 51.89 24.07 -0.46
N SER B 473 51.91 24.07 -0.42
CA SER B 473 52.55 23.47 -1.63
CA SER B 473 52.51 23.49 -1.60
C SER B 473 51.74 22.36 -2.25
C SER B 473 51.65 22.47 -2.33
N LEU B 474 50.42 22.28 -1.91
CA LEU B 474 49.65 21.22 -2.56
C LEU B 474 49.42 21.53 -4.05
N HIS B 475 49.52 20.51 -4.90
CA HIS B 475 49.25 20.68 -6.30
C HIS B 475 48.79 19.30 -6.82
N SER B 476 48.50 19.23 -8.13
CA SER B 476 47.93 18.02 -8.74
C SER B 476 46.73 17.54 -7.93
N TYR B 477 45.74 18.44 -7.79
CA TYR B 477 44.48 18.13 -7.14
C TYR B 477 43.74 17.09 -7.96
N SER B 478 42.75 16.44 -7.36
CA SER B 478 42.12 15.32 -8.10
C SER B 478 41.26 15.88 -9.22
N PRO B 479 41.10 15.13 -10.33
CA PRO B 479 40.20 15.64 -11.39
C PRO B 479 38.78 15.90 -10.89
N GLY B 480 38.25 15.02 -10.04
CA GLY B 480 36.93 15.26 -9.45
C GLY B 480 36.84 16.59 -8.69
N GLU B 481 37.86 16.87 -7.87
CA GLU B 481 37.86 18.14 -7.09
C GLU B 481 37.94 19.37 -8.03
N ILE B 482 38.90 19.34 -8.97
CA ILE B 482 39.04 20.41 -9.94
C ILE B 482 37.75 20.65 -10.70
N ASN B 483 37.12 19.58 -11.20
N ASN B 483 37.11 19.58 -11.19
CA ASN B 483 35.83 19.71 -11.91
CA ASN B 483 35.84 19.70 -11.89
C ASN B 483 34.75 20.32 -11.03
C ASN B 483 34.74 20.30 -11.03
N ARG B 484 34.71 19.93 -9.75
CA ARG B 484 33.70 20.51 -8.81
C ARG B 484 33.88 22.03 -8.65
N VAL B 485 35.14 22.46 -8.49
CA VAL B 485 35.40 23.91 -8.37
C VAL B 485 35.02 24.63 -9.65
N ALA B 486 35.60 24.14 -10.75
CA ALA B 486 35.34 24.72 -12.08
C ALA B 486 33.86 24.85 -12.38
N SER B 487 33.11 23.76 -12.15
CA SER B 487 31.62 23.78 -12.30
C SER B 487 30.97 24.87 -11.47
N CYS B 488 31.40 24.98 -10.20
CA CYS B 488 30.82 25.96 -9.32
C CYS B 488 31.10 27.38 -9.81
N LEU B 489 32.33 27.62 -10.32
CA LEU B 489 32.64 28.97 -10.77
C LEU B 489 31.76 29.38 -11.97
N ARG B 490 31.55 28.44 -12.88
CA ARG B 490 30.66 28.70 -14.05
C ARG B 490 29.23 28.93 -13.58
N LYS B 491 28.80 28.11 -12.63
CA LYS B 491 27.43 28.23 -12.10
C LYS B 491 27.21 29.58 -11.43
N LEU B 492 28.19 30.04 -10.64
N LEU B 492 28.20 30.05 -10.66
CA LEU B 492 28.04 31.30 -9.90
CA LEU B 492 28.07 31.30 -9.90
C LEU B 492 28.45 32.55 -10.70
C LEU B 492 28.45 32.55 -10.70
N GLY B 493 29.07 32.34 -11.85
CA GLY B 493 29.59 33.46 -12.66
C GLY B 493 30.82 34.08 -12.01
N VAL B 494 31.64 33.18 -11.48
CA VAL B 494 32.90 33.60 -10.84
C VAL B 494 33.94 33.41 -11.94
N PRO B 495 34.85 34.40 -12.12
CA PRO B 495 35.93 34.20 -13.12
C PRO B 495 36.68 32.88 -12.94
N PRO B 496 37.05 32.20 -14.06
CA PRO B 496 37.76 30.93 -14.04
C PRO B 496 39.12 31.04 -13.27
N LEU B 497 39.64 29.90 -12.86
CA LEU B 497 40.85 29.83 -12.03
C LEU B 497 42.07 30.49 -12.68
N ARG B 498 42.18 30.44 -14.02
CA ARG B 498 43.28 31.13 -14.70
C ARG B 498 43.32 32.65 -14.38
N VAL B 499 42.14 33.28 -14.31
CA VAL B 499 41.99 34.69 -13.92
C VAL B 499 42.54 34.90 -12.49
N TRP B 500 42.14 34.02 -11.55
CA TRP B 500 42.65 34.10 -10.15
C TRP B 500 44.16 33.92 -10.06
N ARG B 501 44.73 33.03 -10.87
CA ARG B 501 46.19 32.89 -10.93
C ARG B 501 46.90 34.26 -11.24
N HIS B 502 46.37 34.96 -12.24
CA HIS B 502 46.92 36.29 -12.58
C HIS B 502 46.70 37.34 -11.50
N ARG B 503 45.51 37.40 -10.93
CA ARG B 503 45.26 38.34 -9.83
C ARG B 503 46.19 38.01 -8.62
N ALA B 504 46.43 36.73 -8.35
CA ALA B 504 47.28 36.34 -7.19
C ALA B 504 48.73 36.78 -7.41
N ARG B 505 49.23 36.67 -8.64
CA ARG B 505 50.57 37.11 -8.93
C ARG B 505 50.76 38.59 -8.56
N SER B 506 49.78 39.38 -8.89
CA SER B 506 49.86 40.81 -8.55
C SER B 506 49.73 41.10 -7.02
N VAL B 507 48.74 40.51 -6.35
CA VAL B 507 48.58 40.59 -4.90
C VAL B 507 49.85 40.11 -4.17
N ARG B 508 50.39 39.00 -4.62
CA ARG B 508 51.61 38.46 -4.04
C ARG B 508 52.78 39.48 -4.15
N ALA B 509 52.97 40.04 -5.36
CA ALA B 509 54.02 41.08 -5.55
C ALA B 509 53.84 42.23 -4.55
N ARG B 510 52.64 42.72 -4.44
CA ARG B 510 52.39 43.91 -3.59
C ARG B 510 52.63 43.58 -2.12
N LEU B 511 52.35 42.32 -1.73
CA LEU B 511 52.57 41.85 -0.39
C LEU B 511 54.07 41.76 -0.10
N LEU B 512 54.83 41.21 -1.02
CA LEU B 512 56.30 41.20 -0.90
C LEU B 512 56.90 42.64 -0.69
N SER B 513 56.33 43.60 -1.42
CA SER B 513 56.95 44.93 -1.48
C SER B 513 56.87 45.60 -0.05
N GLN B 514 55.88 45.17 0.72
CA GLN B 514 55.61 45.75 2.07
C GLN B 514 56.53 45.17 3.17
N GLY B 515 57.28 44.12 2.85
CA GLY B 515 58.21 43.45 3.79
C GLY B 515 57.46 42.92 5.03
N GLY B 516 58.23 42.44 6.02
CA GLY B 516 57.59 42.12 7.34
C GLY B 516 56.62 40.96 7.25
N ARG B 517 55.52 41.04 7.99
CA ARG B 517 54.51 39.94 7.95
C ARG B 517 53.75 39.89 6.60
N ALA B 518 53.52 41.05 6.01
CA ALA B 518 52.90 41.08 4.65
C ALA B 518 53.70 40.27 3.64
N ALA B 519 55.04 40.44 3.67
CA ALA B 519 55.91 39.69 2.82
C ALA B 519 55.83 38.16 3.08
N THR B 520 55.66 37.79 4.35
CA THR B 520 55.50 36.35 4.67
C THR B 520 54.18 35.82 4.05
N CYS B 521 53.12 36.60 4.13
CA CYS B 521 51.85 36.24 3.49
C CYS B 521 52.02 36.08 1.97
N GLY B 522 52.73 37.02 1.32
CA GLY B 522 53.04 36.90 -0.13
C GLY B 522 53.73 35.61 -0.43
N LYS B 523 54.85 35.35 0.28
CA LYS B 523 55.72 34.20 0.02
C LYS B 523 54.99 32.86 0.27
N TYR B 524 54.33 32.74 1.45
CA TYR B 524 53.71 31.45 1.79
C TYR B 524 52.31 31.23 1.19
N LEU B 525 51.42 32.23 1.31
CA LEU B 525 50.04 32.01 0.85
C LEU B 525 49.97 31.91 -0.68
N PHE B 526 50.92 32.52 -1.38
CA PHE B 526 50.78 32.66 -2.86
C PHE B 526 51.92 32.03 -3.65
N ASN B 527 52.69 31.16 -3.01
CA ASN B 527 53.74 30.40 -3.74
C ASN B 527 53.11 29.59 -4.90
N TRP B 528 51.86 29.19 -4.74
CA TRP B 528 51.19 28.40 -5.76
C TRP B 528 51.07 29.20 -7.03
N ALA B 529 50.99 30.53 -6.95
CA ALA B 529 50.69 31.35 -8.12
C ALA B 529 51.90 31.57 -9.07
N VAL B 530 53.12 31.46 -8.56
CA VAL B 530 54.32 31.78 -9.39
C VAL B 530 54.81 30.60 -10.16
N LYS B 531 55.37 30.90 -11.34
CA LYS B 531 55.86 29.84 -12.21
C LYS B 531 57.03 29.13 -11.55
N THR B 532 58.03 29.91 -11.11
N THR B 532 58.05 29.90 -11.14
CA THR B 532 59.20 29.39 -10.41
CA THR B 532 59.19 29.36 -10.38
C THR B 532 59.06 29.58 -8.89
C THR B 532 59.03 29.58 -8.89
N LYS B 533 58.80 28.47 -8.19
CA LYS B 533 58.48 28.49 -6.73
C LYS B 533 59.65 28.83 -5.86
N LEU B 534 59.39 29.45 -4.72
CA LEU B 534 60.35 29.64 -3.63
C LEU B 534 60.36 28.38 -2.74
N LYS B 535 61.49 28.19 -2.05
CA LYS B 535 61.63 27.12 -1.07
C LYS B 535 61.00 27.58 0.26
N LEU B 536 59.94 26.89 0.67
CA LEU B 536 59.20 27.28 1.88
C LEU B 536 59.61 26.40 3.06
N THR B 537 60.09 27.01 4.12
CA THR B 537 60.59 26.28 5.28
C THR B 537 59.65 26.58 6.44
N PRO B 538 59.65 25.72 7.50
CA PRO B 538 58.77 25.96 8.65
C PRO B 538 58.91 27.38 9.19
N ILE B 539 57.78 28.05 9.39
CA ILE B 539 57.77 29.40 9.95
C ILE B 539 58.15 29.34 11.44
N PRO B 540 59.13 30.18 11.87
CA PRO B 540 59.61 30.27 13.25
C PRO B 540 58.49 30.29 14.31
N ALA B 541 57.53 31.21 14.13
CA ALA B 541 56.38 31.40 15.06
C ALA B 541 55.42 30.18 15.13
N ALA B 542 55.35 29.42 14.04
CA ALA B 542 54.34 28.39 13.86
C ALA B 542 54.56 27.08 14.61
N SER B 543 55.82 26.67 14.78
CA SER B 543 56.16 25.38 15.43
C SER B 543 55.74 25.37 16.90
N GLN B 544 55.94 26.52 17.57
CA GLN B 544 55.57 26.72 18.97
C GLN B 544 54.31 27.59 19.09
N LEU B 545 53.44 27.51 18.10
CA LEU B 545 52.25 28.36 18.06
C LEU B 545 51.15 27.87 19.00
N ASP B 546 51.06 28.56 20.14
CA ASP B 546 49.94 28.47 21.08
C ASP B 546 48.76 29.20 20.43
N LEU B 547 47.70 28.47 20.11
CA LEU B 547 46.56 29.10 19.38
C LEU B 547 45.70 29.93 20.29
N SER B 548 45.67 29.56 21.56
CA SER B 548 44.84 30.26 22.57
C SER B 548 45.21 31.73 22.70
N GLY B 549 46.39 32.14 22.21
CA GLY B 549 46.68 33.62 22.15
C GLY B 549 45.71 34.45 21.26
N TRP B 550 44.99 33.79 20.36
CA TRP B 550 43.97 34.43 19.49
C TRP B 550 42.55 34.21 19.99
N PHE B 551 42.43 33.41 21.06
CA PHE B 551 41.09 33.10 21.60
C PHE B 551 40.50 34.32 22.40
N VAL B 552 39.21 34.63 22.19
CA VAL B 552 38.51 35.75 22.94
C VAL B 552 37.32 35.26 23.80
N ALA B 553 36.53 34.35 23.20
CA ALA B 553 35.31 33.87 23.84
C ALA B 553 34.80 32.53 23.29
N GLY B 554 33.71 32.01 23.89
CA GLY B 554 33.12 30.72 23.45
C GLY B 554 33.86 29.56 24.03
N TYR B 555 33.74 28.42 23.36
CA TYR B 555 34.41 27.17 23.76
C TYR B 555 35.90 27.17 23.43
N SER B 556 36.61 26.20 24.01
N SER B 556 36.61 26.20 23.99
CA SER B 556 38.06 26.00 23.77
CA SER B 556 38.06 26.00 23.80
C SER B 556 38.92 27.18 24.28
C SER B 556 38.90 27.19 24.27
N GLY B 557 38.77 27.53 25.56
CA GLY B 557 39.54 28.64 26.16
C GLY B 557 39.95 28.35 27.58
N SER C 1 37.49 -32.71 19.86
CA SER C 1 37.70 -32.97 18.44
C SER C 1 36.76 -32.04 17.67
N MET C 2 37.05 -31.83 16.38
CA MET C 2 36.23 -30.97 15.53
C MET C 2 34.91 -31.70 15.21
N SER C 3 33.80 -30.99 15.32
CA SER C 3 32.49 -31.59 15.02
C SER C 3 32.45 -32.14 13.59
N TYR C 4 33.07 -31.42 12.66
CA TYR C 4 33.20 -31.83 11.26
C TYR C 4 34.57 -31.47 10.71
N THR C 5 35.06 -32.28 9.78
CA THR C 5 36.22 -31.93 8.89
C THR C 5 35.69 -31.94 7.46
N TRP C 6 36.14 -30.98 6.66
CA TRP C 6 35.65 -30.85 5.28
C TRP C 6 36.80 -31.03 4.31
N THR C 7 36.56 -31.75 3.23
CA THR C 7 37.56 -31.94 2.14
C THR C 7 37.53 -30.74 1.17
N GLY C 8 36.42 -30.01 1.16
CA GLY C 8 36.25 -28.89 0.22
C GLY C 8 35.28 -29.22 -0.91
N ALA C 9 34.95 -30.51 -1.09
CA ALA C 9 33.89 -30.90 -2.04
C ALA C 9 32.55 -30.34 -1.59
N LEU C 10 31.69 -30.02 -2.54
CA LEU C 10 30.47 -29.27 -2.24
C LEU C 10 29.36 -30.18 -1.75
N ILE C 11 28.45 -29.63 -0.96
CA ILE C 11 27.23 -30.31 -0.67
C ILE C 11 26.28 -30.05 -1.85
N THR C 12 25.95 -31.11 -2.56
CA THR C 12 25.24 -30.99 -3.83
C THR C 12 23.77 -31.43 -3.72
N PRO C 13 22.89 -30.82 -4.53
CA PRO C 13 21.46 -31.26 -4.56
C PRO C 13 21.27 -32.55 -5.36
N CYS C 14 20.15 -33.27 -5.21
CA CYS C 14 19.93 -34.47 -6.07
C CYS C 14 18.95 -34.15 -7.18
N ALA C 15 18.00 -33.25 -6.90
CA ALA C 15 17.15 -32.68 -7.97
C ALA C 15 17.26 -31.15 -8.03
N ALA C 16 16.61 -30.54 -9.02
CA ALA C 16 16.51 -29.07 -9.11
C ALA C 16 15.86 -28.50 -7.83
N GLU C 17 16.34 -27.36 -7.35
CA GLU C 17 15.85 -26.80 -6.08
C GLU C 17 15.15 -25.46 -6.28
N GLU C 18 13.88 -25.41 -5.88
CA GLU C 18 13.08 -24.18 -5.98
C GLU C 18 13.29 -23.34 -4.72
N SER C 19 13.59 -22.06 -4.87
CA SER C 19 13.82 -21.19 -3.73
C SER C 19 12.77 -20.11 -3.58
N LYS C 20 11.98 -19.90 -4.63
CA LYS C 20 10.99 -18.83 -4.65
C LYS C 20 9.60 -19.40 -4.75
N LEU C 21 8.67 -18.68 -4.14
CA LEU C 21 7.26 -19.04 -4.19
C LEU C 21 6.66 -18.63 -5.53
N PRO C 22 6.09 -19.60 -6.28
CA PRO C 22 5.39 -19.26 -7.53
C PRO C 22 4.01 -18.58 -7.29
N ILE C 23 3.66 -17.62 -8.17
CA ILE C 23 2.39 -16.89 -8.03
C ILE C 23 1.22 -17.77 -8.49
N ASN C 24 0.48 -18.31 -7.52
CA ASN C 24 -0.66 -19.20 -7.77
C ASN C 24 -1.97 -18.52 -7.37
N ALA C 25 -3.07 -18.89 -8.04
CA ALA C 25 -4.37 -18.24 -7.77
C ALA C 25 -4.94 -18.55 -6.37
N LEU C 26 -4.87 -19.82 -5.96
CA LEU C 26 -5.25 -20.27 -4.61
C LEU C 26 -4.29 -19.75 -3.52
N SER C 27 -2.99 -19.71 -3.84
N SER C 27 -2.99 -19.71 -3.82
CA SER C 27 -1.94 -19.31 -2.88
CA SER C 27 -1.96 -19.30 -2.85
C SER C 27 -2.00 -17.83 -2.56
C SER C 27 -2.01 -17.82 -2.56
N ASN C 28 -2.34 -17.02 -3.58
CA ASN C 28 -2.40 -15.59 -3.45
C ASN C 28 -3.58 -15.15 -2.57
N SER C 29 -4.66 -15.92 -2.58
CA SER C 29 -5.82 -15.70 -1.66
C SER C 29 -5.50 -16.06 -0.20
N LEU C 30 -4.41 -16.81 0.01
CA LEU C 30 -3.90 -17.00 1.37
C LEU C 30 -2.92 -15.89 1.75
N LEU C 31 -1.92 -15.63 0.89
CA LEU C 31 -0.80 -14.77 1.25
C LEU C 31 -0.39 -13.90 0.02
N ARG C 32 -0.43 -12.58 0.17
CA ARG C 32 -0.11 -11.66 -0.94
C ARG C 32 1.37 -11.34 -1.05
N HIS C 33 2.08 -11.25 0.10
CA HIS C 33 3.50 -10.85 0.03
C HIS C 33 4.41 -12.01 -0.27
N HIS C 34 4.27 -12.56 -1.48
CA HIS C 34 4.98 -13.78 -1.90
C HIS C 34 6.49 -13.67 -1.85
N ASN C 35 7.00 -12.45 -2.03
CA ASN C 35 8.47 -12.17 -1.98
C ASN C 35 9.09 -12.42 -0.60
N MET C 36 8.26 -12.52 0.43
CA MET C 36 8.75 -12.75 1.78
C MET C 36 9.02 -14.23 2.08
N VAL C 37 8.55 -15.11 1.22
CA VAL C 37 8.60 -16.53 1.43
C VAL C 37 9.73 -17.12 0.57
N TYR C 38 10.63 -17.89 1.19
CA TYR C 38 11.70 -18.56 0.44
C TYR C 38 11.88 -19.99 0.93
N ALA C 39 12.52 -20.84 0.12
CA ALA C 39 12.98 -22.16 0.57
C ALA C 39 14.48 -22.16 0.66
N THR C 40 15.03 -22.89 1.63
CA THR C 40 16.49 -23.04 1.73
C THR C 40 16.97 -24.02 0.66
N THR C 41 18.14 -23.75 0.07
CA THR C 41 18.68 -24.63 -0.91
C THR C 41 20.16 -24.99 -0.57
N SER C 42 20.73 -25.92 -1.31
CA SER C 42 22.14 -26.28 -1.17
C SER C 42 23.14 -25.10 -1.39
N ARG C 43 22.66 -23.98 -1.91
CA ARG C 43 23.49 -22.79 -2.13
C ARG C 43 24.01 -22.12 -0.85
N SER C 44 23.27 -22.25 0.26
CA SER C 44 23.68 -21.69 1.56
C SER C 44 24.32 -22.74 2.48
N ALA C 45 24.56 -23.93 1.96
CA ALA C 45 25.14 -25.03 2.76
C ALA C 45 26.46 -24.66 3.40
N GLY C 46 27.30 -23.88 2.71
CA GLY C 46 28.61 -23.47 3.22
C GLY C 46 28.48 -22.58 4.44
N LEU C 47 27.44 -21.71 4.47
CA LEU C 47 27.15 -20.86 5.59
C LEU C 47 26.76 -21.73 6.82
N ARG C 48 25.98 -22.79 6.58
CA ARG C 48 25.62 -23.72 7.68
C ARG C 48 26.85 -24.53 8.13
N GLN C 49 27.66 -25.02 7.19
CA GLN C 49 28.91 -25.70 7.55
C GLN C 49 29.76 -24.88 8.53
N LYS C 50 29.85 -23.57 8.28
CA LYS C 50 30.65 -22.68 9.09
C LYS C 50 30.10 -22.61 10.54
N LYS C 51 28.78 -22.54 10.67
CA LYS C 51 28.15 -22.48 12.00
C LYS C 51 28.31 -23.79 12.79
N VAL C 52 28.20 -24.95 12.11
CA VAL C 52 28.16 -26.28 12.78
C VAL C 52 29.55 -26.87 13.07
N THR C 53 30.57 -26.23 12.52
CA THR C 53 31.96 -26.75 12.60
C THR C 53 32.72 -26.01 13.73
N PHE C 54 33.12 -26.76 14.76
CA PHE C 54 33.82 -26.20 15.90
C PHE C 54 34.41 -27.32 16.74
N ASP C 55 35.48 -27.00 17.47
CA ASP C 55 36.07 -27.94 18.39
C ASP C 55 35.20 -28.04 19.69
N ARG C 56 35.11 -29.23 20.26
CA ARG C 56 34.31 -29.43 21.49
C ARG C 56 35.22 -29.63 22.69
N LEU C 57 35.01 -28.81 23.72
CA LEU C 57 35.61 -28.93 25.05
C LEU C 57 34.54 -29.53 25.95
N GLN C 58 34.89 -30.67 26.52
CA GLN C 58 33.96 -31.33 27.44
C GLN C 58 34.68 -31.68 28.71
N VAL C 59 34.16 -31.22 29.84
CA VAL C 59 34.75 -31.53 31.15
C VAL C 59 33.58 -32.06 31.97
N LEU C 60 33.70 -33.27 32.52
CA LEU C 60 32.60 -33.88 33.28
C LEU C 60 32.89 -33.85 34.77
N ASP C 61 31.86 -33.93 35.61
CA ASP C 61 32.10 -33.82 37.07
C ASP C 61 31.27 -34.86 37.81
N ASP C 62 31.26 -34.76 39.16
CA ASP C 62 30.54 -35.71 40.00
C ASP C 62 29.01 -35.62 39.81
N HIS C 63 28.54 -34.43 39.53
CA HIS C 63 27.09 -34.27 39.29
C HIS C 63 26.69 -35.04 38.05
N TYR C 64 27.48 -34.89 37.00
CA TYR C 64 27.21 -35.65 35.74
C TYR C 64 27.26 -37.13 35.99
N ARG C 65 28.24 -37.60 36.76
CA ARG C 65 28.38 -39.00 37.00
C ARG C 65 27.24 -39.57 37.84
N ASP C 66 26.80 -38.79 38.84
CA ASP C 66 25.75 -39.22 39.77
C ASP C 66 24.43 -39.36 38.99
N VAL C 67 24.14 -38.38 38.14
CA VAL C 67 22.90 -38.46 37.30
C VAL C 67 23.00 -39.64 36.36
N LEU C 68 24.17 -39.84 35.76
CA LEU C 68 24.29 -40.98 34.83
C LEU C 68 24.03 -42.33 35.54
N LYS C 69 24.59 -42.48 36.72
CA LYS C 69 24.41 -43.73 37.47
C LYS C 69 22.91 -43.96 37.78
N GLU C 70 22.20 -42.89 38.19
CA GLU C 70 20.73 -43.03 38.36
C GLU C 70 20.04 -43.46 37.09
N MET C 71 20.40 -42.85 35.96
CA MET C 71 19.79 -43.20 34.66
C MET C 71 20.03 -44.65 34.27
N LYS C 72 21.27 -45.11 34.42
CA LYS C 72 21.56 -46.51 34.16
C LYS C 72 20.79 -47.45 35.08
N ALA C 73 20.58 -47.05 36.35
CA ALA C 73 19.82 -47.92 37.25
C ALA C 73 18.41 -48.12 36.77
N LYS C 74 17.76 -47.04 36.29
CA LYS C 74 16.46 -47.15 35.65
C LYS C 74 16.51 -48.01 34.38
N ALA C 75 17.49 -47.72 33.54
CA ALA C 75 17.54 -48.41 32.26
C ALA C 75 17.70 -49.94 32.48
N SER C 76 18.37 -50.32 33.59
N SER C 76 18.37 -50.34 33.57
CA SER C 76 18.60 -51.75 33.92
CA SER C 76 18.58 -51.77 33.84
C SER C 76 17.31 -52.52 34.26
C SER C 76 17.26 -52.54 34.00
N THR C 77 16.17 -51.84 34.36
CA THR C 77 14.87 -52.46 34.53
C THR C 77 14.14 -52.72 33.24
N VAL C 78 14.66 -52.26 32.08
CA VAL C 78 14.01 -52.40 30.82
C VAL C 78 14.46 -53.68 30.07
N LYS C 79 13.49 -54.40 29.50
CA LYS C 79 13.75 -55.51 28.61
C LYS C 79 13.29 -55.09 27.23
N ALA C 80 14.16 -55.22 26.24
CA ALA C 80 13.83 -54.83 24.87
C ALA C 80 14.03 -55.99 23.90
N LYS C 81 13.17 -56.08 22.92
CA LYS C 81 13.23 -57.18 21.94
C LYS C 81 14.00 -56.83 20.72
N LEU C 82 14.68 -57.85 20.20
CA LEU C 82 15.36 -57.77 18.91
C LEU C 82 14.38 -58.09 17.80
N LEU C 83 14.07 -57.14 16.92
CA LEU C 83 13.11 -57.38 15.80
C LEU C 83 13.75 -58.25 14.71
N SER C 84 12.95 -59.07 14.02
CA SER C 84 13.42 -59.79 12.82
C SER C 84 13.52 -58.80 11.66
N VAL C 85 14.20 -59.20 10.58
CA VAL C 85 14.27 -58.36 9.37
C VAL C 85 12.86 -58.01 8.94
N GLU C 86 12.01 -59.03 8.88
CA GLU C 86 10.61 -58.89 8.47
C GLU C 86 9.87 -57.81 9.27
N GLU C 87 10.02 -57.85 10.58
CA GLU C 87 9.35 -56.85 11.46
C GLU C 87 9.88 -55.42 11.21
N ALA C 88 11.21 -55.26 11.14
CA ALA C 88 11.83 -53.91 10.91
C ALA C 88 11.51 -53.34 9.54
N CYS C 89 11.40 -54.23 8.54
CA CYS C 89 10.98 -53.82 7.19
C CYS C 89 9.65 -53.15 7.24
N LYS C 90 8.71 -53.79 7.93
CA LYS C 90 7.32 -53.24 8.02
C LYS C 90 7.23 -51.87 8.67
N LEU C 91 8.26 -51.51 9.45
CA LEU C 91 8.26 -50.20 10.15
C LEU C 91 8.92 -49.12 9.35
N THR C 92 9.42 -49.47 8.15
CA THR C 92 10.09 -48.50 7.27
C THR C 92 9.08 -47.51 6.67
N PRO C 93 9.37 -46.19 6.72
CA PRO C 93 8.47 -45.20 6.07
C PRO C 93 8.44 -45.46 4.55
N PRO C 94 7.25 -45.36 3.90
CA PRO C 94 7.07 -45.64 2.46
C PRO C 94 7.96 -44.78 1.56
N HIS C 95 8.25 -43.56 1.99
CA HIS C 95 9.01 -42.65 1.13
C HIS C 95 10.47 -42.40 1.53
N SER C 96 11.08 -43.28 2.32
CA SER C 96 12.50 -43.01 2.69
C SER C 96 13.39 -43.33 1.49
N ALA C 97 14.56 -42.69 1.43
CA ALA C 97 15.47 -42.86 0.29
C ALA C 97 15.82 -44.33 0.04
N LYS C 98 15.77 -44.70 -1.25
CA LYS C 98 16.16 -46.04 -1.68
C LYS C 98 17.58 -46.38 -1.35
N SER C 99 17.92 -47.68 -1.28
CA SER C 99 19.28 -48.10 -1.12
C SER C 99 20.15 -47.82 -2.34
N LYS C 100 21.43 -47.57 -2.14
CA LYS C 100 22.35 -47.57 -3.30
C LYS C 100 22.65 -48.99 -3.75
N PHE C 101 22.26 -49.99 -2.94
CA PHE C 101 22.44 -51.42 -3.27
C PHE C 101 21.26 -52.06 -4.07
N GLY C 102 20.50 -51.20 -4.73
CA GLY C 102 19.51 -51.62 -5.73
C GLY C 102 18.13 -52.07 -5.32
N TYR C 103 17.54 -51.37 -4.31
CA TYR C 103 16.18 -51.66 -3.84
C TYR C 103 15.72 -50.42 -3.06
N GLY C 104 14.41 -50.22 -2.98
CA GLY C 104 13.81 -49.08 -2.35
C GLY C 104 12.97 -49.44 -1.10
N ALA C 105 12.28 -48.44 -0.57
CA ALA C 105 11.44 -48.62 0.61
C ALA C 105 10.25 -49.55 0.32
N LYS C 106 9.68 -49.47 -0.89
CA LYS C 106 8.62 -50.39 -1.31
C LYS C 106 9.05 -51.84 -1.30
N ASP C 107 10.24 -52.10 -1.86
CA ASP C 107 10.87 -53.43 -1.82
C ASP C 107 11.04 -53.95 -0.40
N VAL C 108 11.56 -53.08 0.47
CA VAL C 108 11.71 -53.41 1.88
C VAL C 108 10.36 -53.75 2.52
N ARG C 109 9.37 -52.90 2.33
CA ARG C 109 8.06 -53.08 2.95
C ARG C 109 7.31 -54.34 2.43
N ASN C 110 7.61 -54.74 1.19
CA ASN C 110 7.07 -55.98 0.61
C ASN C 110 7.86 -57.23 0.89
N LEU C 111 8.84 -57.12 1.79
CA LEU C 111 9.70 -58.29 2.03
C LEU C 111 10.33 -58.92 0.74
N SER C 112 10.68 -58.11 -0.27
CA SER C 112 11.61 -58.60 -1.38
C SER C 112 12.78 -59.34 -0.81
N SER C 113 13.07 -60.55 -1.35
CA SER C 113 14.13 -61.33 -0.70
C SER C 113 15.47 -60.73 -1.08
N LYS C 114 15.50 -59.91 -2.14
CA LYS C 114 16.70 -59.13 -2.47
C LYS C 114 17.02 -58.10 -1.32
N ALA C 115 16.00 -57.35 -0.99
CA ALA C 115 16.05 -56.43 0.22
C ALA C 115 16.40 -57.18 1.49
N VAL C 116 15.64 -58.23 1.83
CA VAL C 116 15.86 -59.04 3.04
C VAL C 116 17.21 -59.68 3.06
N ASN C 117 17.66 -60.27 1.90
CA ASN C 117 18.99 -60.83 1.86
C ASN C 117 20.06 -59.79 2.00
N HIS C 118 19.87 -58.60 1.38
CA HIS C 118 20.89 -57.53 1.60
C HIS C 118 20.97 -57.06 3.10
N ILE C 119 19.81 -56.95 3.72
CA ILE C 119 19.70 -56.53 5.12
C ILE C 119 20.36 -57.57 6.01
N HIS C 120 20.14 -58.88 5.72
CA HIS C 120 20.86 -59.94 6.45
C HIS C 120 22.32 -59.76 6.39
N SER C 121 22.82 -59.43 5.18
CA SER C 121 24.27 -59.22 5.02
C SER C 121 24.81 -58.00 5.77
N VAL C 122 24.03 -56.89 5.76
CA VAL C 122 24.41 -55.72 6.56
C VAL C 122 24.46 -56.14 8.02
N TRP C 123 23.43 -56.85 8.48
CA TRP C 123 23.41 -57.38 9.88
C TRP C 123 24.57 -58.21 10.26
N LYS C 124 24.94 -59.17 9.39
CA LYS C 124 26.04 -60.04 9.66
C LYS C 124 27.33 -59.24 9.76
N ASP C 125 27.48 -58.23 8.91
CA ASP C 125 28.73 -57.42 8.90
C ASP C 125 28.82 -56.57 10.20
N LEU C 126 27.64 -56.12 10.69
CA LEU C 126 27.62 -55.43 12.00
C LEU C 126 28.07 -56.36 13.09
N LEU C 127 27.58 -57.60 13.05
CA LEU C 127 27.99 -58.58 14.10
C LEU C 127 29.48 -58.92 14.06
N GLU C 128 30.09 -58.83 12.87
CA GLU C 128 31.51 -59.23 12.67
C GLU C 128 32.55 -58.10 12.77
N ASP C 129 32.12 -56.87 12.45
CA ASP C 129 33.04 -55.73 12.44
C ASP C 129 32.43 -54.62 13.34
N THR C 130 33.16 -54.22 14.37
CA THR C 130 32.70 -53.17 15.32
C THR C 130 33.43 -51.84 15.06
N VAL C 131 34.19 -51.73 13.98
CA VAL C 131 35.13 -50.58 13.85
C VAL C 131 35.01 -49.74 12.60
N THR C 132 34.88 -50.38 11.42
CA THR C 132 35.00 -49.65 10.18
C THR C 132 33.85 -48.62 10.06
N PRO C 133 34.22 -47.32 9.91
CA PRO C 133 33.19 -46.28 9.81
C PRO C 133 32.26 -46.60 8.65
N ILE C 134 30.96 -46.43 8.87
CA ILE C 134 29.97 -46.70 7.81
C ILE C 134 29.74 -45.42 7.04
N ASP C 135 29.47 -45.55 5.73
CA ASP C 135 29.28 -44.40 4.90
C ASP C 135 27.96 -43.65 5.23
N THR C 136 27.99 -42.34 5.09
CA THR C 136 26.75 -41.61 5.12
C THR C 136 26.68 -40.63 3.95
N THR C 137 25.44 -40.23 3.63
CA THR C 137 25.13 -39.16 2.70
C THR C 137 24.86 -37.89 3.47
N ILE C 138 25.41 -36.76 2.99
CA ILE C 138 25.02 -35.44 3.50
C ILE C 138 24.28 -34.68 2.41
N MET C 139 23.17 -34.04 2.79
CA MET C 139 22.32 -33.26 1.88
C MET C 139 21.92 -31.97 2.62
N ALA C 140 21.71 -30.92 1.85
CA ALA C 140 21.14 -29.73 2.38
C ALA C 140 19.61 -29.94 2.40
N LYS C 141 18.99 -29.62 3.53
CA LYS C 141 17.54 -29.72 3.61
C LYS C 141 16.88 -28.52 2.93
N ASN C 142 15.81 -28.76 2.19
CA ASN C 142 15.01 -27.68 1.60
C ASN C 142 13.80 -27.41 2.48
N GLU C 143 13.80 -26.29 3.19
CA GLU C 143 12.68 -25.92 4.08
C GLU C 143 12.22 -24.50 3.81
N VAL C 144 10.95 -24.23 4.07
CA VAL C 144 10.38 -22.91 3.78
C VAL C 144 10.31 -22.00 5.01
N PHE C 145 10.70 -20.73 4.83
CA PHE C 145 10.60 -19.74 5.88
C PHE C 145 10.09 -18.41 5.32
N CYS C 146 9.84 -17.47 6.21
CA CYS C 146 9.59 -16.06 5.87
C CYS C 146 10.82 -15.21 6.27
N VAL C 147 11.13 -14.18 5.49
CA VAL C 147 12.26 -13.28 5.81
C VAL C 147 12.00 -12.46 7.10
N GLN C 148 13.07 -12.09 7.80
CA GLN C 148 12.99 -11.14 8.91
C GLN C 148 14.22 -10.25 9.01
N PRO C 149 14.14 -9.03 8.47
CA PRO C 149 15.31 -8.15 8.37
C PRO C 149 15.93 -7.76 9.73
N GLU C 150 15.09 -7.57 10.76
CA GLU C 150 15.60 -7.09 12.04
C GLU C 150 16.63 -8.06 12.63
N LYS C 151 16.41 -9.36 12.42
CA LYS C 151 17.38 -10.38 12.78
C LYS C 151 18.67 -10.21 11.98
N GLY C 152 18.54 -9.78 10.73
CA GLY C 152 19.67 -9.50 9.87
C GLY C 152 20.09 -10.44 8.74
N GLY C 153 19.33 -11.48 8.46
CA GLY C 153 19.62 -12.28 7.27
C GLY C 153 18.80 -13.55 7.15
N ARG C 154 18.71 -14.13 5.96
CA ARG C 154 17.96 -15.38 5.79
C ARG C 154 18.63 -16.57 6.48
N LYS C 155 17.86 -17.62 6.79
CA LYS C 155 18.38 -18.83 7.43
C LYS C 155 19.09 -19.70 6.38
N PRO C 156 20.36 -20.09 6.63
CA PRO C 156 20.98 -21.08 5.74
C PRO C 156 20.31 -22.48 5.92
N ALA C 157 20.35 -23.31 4.87
CA ALA C 157 19.90 -24.69 4.90
C ALA C 157 20.48 -25.51 6.03
N ARG C 158 19.66 -26.36 6.63
CA ARG C 158 20.14 -27.37 7.59
C ARG C 158 20.76 -28.48 6.81
N LEU C 159 21.68 -29.19 7.43
CA LEU C 159 22.37 -30.31 6.83
C LEU C 159 21.80 -31.58 7.42
N ILE C 160 21.47 -32.54 6.57
CA ILE C 160 21.03 -33.83 7.04
C ILE C 160 22.07 -34.88 6.67
N VAL C 161 22.19 -35.91 7.50
CA VAL C 161 23.25 -36.89 7.35
C VAL C 161 22.59 -38.24 7.68
N PHE C 162 22.70 -39.21 6.77
CA PHE C 162 22.00 -40.49 6.94
C PHE C 162 22.70 -41.65 6.24
N PRO C 163 22.65 -42.86 6.84
CA PRO C 163 23.28 -44.01 6.21
C PRO C 163 22.26 -44.62 5.21
N ASP C 164 22.72 -45.63 4.49
CA ASP C 164 21.90 -46.31 3.48
C ASP C 164 20.73 -47.05 4.08
N LEU C 165 19.70 -47.26 3.29
CA LEU C 165 18.47 -47.93 3.76
C LEU C 165 18.70 -49.26 4.47
N GLY C 166 19.56 -50.13 3.88
CA GLY C 166 19.87 -51.39 4.56
C GLY C 166 20.31 -51.17 6.02
N VAL C 167 21.29 -50.29 6.23
CA VAL C 167 21.72 -49.91 7.58
C VAL C 167 20.52 -49.44 8.41
N ARG C 168 19.64 -48.65 7.82
CA ARG C 168 18.47 -48.04 8.59
C ARG C 168 17.49 -49.12 9.07
N VAL C 169 17.23 -50.16 8.25
CA VAL C 169 16.41 -51.25 8.74
C VAL C 169 17.14 -52.03 9.85
N CYS C 170 18.45 -52.24 9.72
CA CYS C 170 19.19 -52.93 10.78
C CYS C 170 19.10 -52.08 12.10
N GLU C 171 19.16 -50.78 11.95
CA GLU C 171 18.96 -49.93 13.19
C GLU C 171 17.69 -50.30 13.93
N LYS C 172 16.60 -50.43 13.23
CA LYS C 172 15.28 -50.74 13.84
C LYS C 172 15.29 -52.13 14.47
N MET C 173 15.86 -53.14 13.76
CA MET C 173 16.08 -54.44 14.41
C MET C 173 16.72 -54.35 15.76
N ALA C 174 17.85 -53.65 15.87
CA ALA C 174 18.60 -53.64 17.12
C ALA C 174 18.00 -52.65 18.15
N LEU C 175 17.33 -51.61 17.65
CA LEU C 175 17.10 -50.44 18.62
C LEU C 175 15.71 -49.88 18.59
N TYR C 176 14.86 -50.35 17.72
CA TYR C 176 13.50 -49.75 17.66
C TYR C 176 12.75 -49.90 18.97
N ASP C 177 12.80 -51.10 19.53
CA ASP C 177 12.09 -51.33 20.78
C ASP C 177 12.73 -50.58 21.92
N VAL C 178 14.07 -50.40 21.87
CA VAL C 178 14.78 -49.63 22.91
C VAL C 178 14.42 -48.12 22.81
N VAL C 179 14.47 -47.48 21.63
CA VAL C 179 14.12 -46.04 21.53
C VAL C 179 12.66 -45.81 21.81
N SER C 180 11.84 -46.85 21.61
CA SER C 180 10.37 -46.74 21.85
C SER C 180 9.97 -46.91 23.30
N THR C 181 10.83 -47.44 24.17
CA THR C 181 10.41 -47.81 25.52
C THR C 181 11.34 -47.35 26.66
N LEU C 182 12.63 -47.16 26.36
N LEU C 182 12.63 -47.16 26.35
CA LEU C 182 13.57 -46.84 27.37
CA LEU C 182 13.63 -46.83 27.35
C LEU C 182 13.43 -45.36 27.89
C LEU C 182 13.58 -45.37 27.88
N PRO C 183 13.38 -44.36 27.01
CA PRO C 183 13.37 -42.97 27.51
C PRO C 183 12.27 -42.72 28.53
N GLN C 184 11.04 -43.25 28.31
CA GLN C 184 9.96 -42.97 29.33
C GLN C 184 10.34 -43.57 30.69
N VAL C 185 10.98 -44.75 30.69
CA VAL C 185 11.37 -45.38 31.94
C VAL C 185 12.51 -44.58 32.66
N VAL C 186 13.46 -44.08 31.88
CA VAL C 186 14.61 -43.41 32.49
C VAL C 186 14.15 -42.03 33.01
N MET C 187 13.34 -41.34 32.20
CA MET C 187 13.11 -39.93 32.43
C MET C 187 11.72 -39.61 32.99
N GLY C 188 10.83 -40.58 32.99
CA GLY C 188 9.50 -40.36 33.61
C GLY C 188 8.78 -39.20 32.96
N SER C 189 8.12 -38.37 33.82
CA SER C 189 7.31 -37.28 33.31
C SER C 189 8.14 -36.19 32.55
N SER C 190 9.45 -36.19 32.67
CA SER C 190 10.31 -35.26 31.92
C SER C 190 10.45 -35.67 30.45
N TYR C 191 9.99 -36.90 30.08
CA TYR C 191 10.18 -37.30 28.70
C TYR C 191 9.13 -36.73 27.81
N GLY C 192 9.51 -35.84 26.90
CA GLY C 192 8.49 -35.05 26.22
C GLY C 192 7.68 -35.79 25.11
N PHE C 193 8.21 -36.85 24.51
CA PHE C 193 7.51 -37.42 23.34
C PHE C 193 6.34 -38.30 23.78
N GLN C 194 6.19 -38.59 25.08
CA GLN C 194 4.97 -39.34 25.56
C GLN C 194 3.73 -38.44 25.51
N TYR C 195 3.87 -37.11 25.30
CA TYR C 195 2.72 -36.20 25.40
C TYR C 195 2.16 -35.77 24.06
N SER C 196 0.85 -35.73 23.99
CA SER C 196 0.17 -34.94 22.99
C SER C 196 0.25 -33.46 23.44
N PRO C 197 -0.20 -32.51 22.56
CA PRO C 197 -0.22 -31.09 23.03
C PRO C 197 -1.07 -30.85 24.25
N GLY C 198 -2.24 -31.47 24.34
CA GLY C 198 -3.12 -31.34 25.55
C GLY C 198 -2.36 -31.82 26.80
N GLN C 199 -1.70 -32.95 26.70
CA GLN C 199 -0.94 -33.52 27.83
C GLN C 199 0.29 -32.69 28.19
N ARG C 200 1.00 -32.15 27.19
CA ARG C 200 2.17 -31.31 27.41
C ARG C 200 1.75 -30.05 28.11
N VAL C 201 0.67 -29.41 27.64
N VAL C 201 0.68 -29.39 27.64
CA VAL C 201 0.24 -28.18 28.33
CA VAL C 201 0.20 -28.18 28.32
C VAL C 201 -0.25 -28.47 29.75
C VAL C 201 -0.23 -28.47 29.75
N GLU C 202 -0.89 -29.61 29.94
CA GLU C 202 -1.39 -29.95 31.29
C GLU C 202 -0.13 -30.18 32.23
N PHE C 203 0.85 -30.89 31.75
CA PHE C 203 2.07 -31.10 32.56
C PHE C 203 2.77 -29.79 32.86
N LEU C 204 2.93 -28.91 31.84
CA LEU C 204 3.63 -27.63 32.08
C LEU C 204 2.85 -26.80 33.10
N VAL C 205 1.54 -26.70 32.90
CA VAL C 205 0.68 -25.86 33.78
C VAL C 205 0.70 -26.43 35.23
N ASN C 206 0.49 -27.73 35.36
CA ASN C 206 0.49 -28.30 36.73
C ASN C 206 1.84 -28.28 37.37
N THR C 207 2.90 -28.46 36.62
CA THR C 207 4.27 -28.33 37.16
C THR C 207 4.44 -26.88 37.70
N TRP C 208 4.02 -25.90 36.90
CA TRP C 208 4.14 -24.48 37.33
C TRP C 208 3.31 -24.24 38.60
N LYS C 209 2.08 -24.72 38.61
CA LYS C 209 1.17 -24.56 39.75
C LYS C 209 1.62 -25.30 41.00
N SER C 210 2.45 -26.33 40.85
CA SER C 210 2.91 -27.09 41.98
C SER C 210 4.05 -26.42 42.78
N LYS C 211 4.69 -25.38 42.20
CA LYS C 211 5.78 -24.69 42.90
C LYS C 211 5.15 -23.69 43.89
N LYS C 212 5.80 -23.57 45.04
CA LYS C 212 5.39 -22.52 46.03
C LYS C 212 5.54 -21.17 45.28
N ASN C 213 6.69 -20.96 44.64
N ASN C 213 6.67 -21.00 44.60
CA ASN C 213 6.94 -19.71 43.89
CA ASN C 213 6.97 -19.74 43.92
C ASN C 213 7.74 -20.04 42.63
C ASN C 213 7.77 -20.05 42.61
N PRO C 214 7.07 -20.21 41.49
CA PRO C 214 7.77 -20.81 40.31
C PRO C 214 8.75 -19.87 39.61
N MET C 215 9.76 -20.46 39.01
CA MET C 215 10.57 -19.75 38.06
C MET C 215 10.80 -20.77 36.94
N GLY C 216 10.76 -20.35 35.69
CA GLY C 216 11.14 -21.32 34.61
C GLY C 216 11.97 -20.68 33.53
N PHE C 217 12.65 -21.55 32.75
CA PHE C 217 13.35 -21.03 31.61
C PHE C 217 13.50 -22.09 30.53
N SER C 218 13.58 -21.65 29.27
CA SER C 218 14.01 -22.57 28.22
C SER C 218 15.52 -22.42 28.08
N TYR C 219 16.20 -23.50 27.65
CA TYR C 219 17.62 -23.43 27.49
C TYR C 219 17.86 -23.82 26.01
N ASP C 220 18.36 -22.90 25.23
CA ASP C 220 18.63 -23.10 23.82
C ASP C 220 20.11 -23.44 23.61
N THR C 221 20.41 -24.74 23.41
CA THR C 221 21.78 -25.15 23.08
C THR C 221 22.13 -24.69 21.66
N ARG C 222 23.29 -24.05 21.52
CA ARG C 222 23.73 -23.61 20.19
C ARG C 222 24.12 -24.86 19.32
N CYS C 223 23.34 -25.13 18.27
N CYS C 223 23.33 -25.11 18.28
CA CYS C 223 23.61 -26.22 17.31
CA CYS C 223 23.56 -26.21 17.32
C CYS C 223 23.80 -27.54 18.06
C CYS C 223 23.78 -27.52 18.05
N PHE C 224 22.75 -28.02 18.72
CA PHE C 224 22.88 -29.15 19.65
C PHE C 224 23.60 -30.35 19.06
N ASP C 225 23.18 -30.76 17.88
CA ASP C 225 23.74 -31.99 17.29
C ASP C 225 25.26 -31.88 17.16
N SER C 226 25.78 -30.69 16.80
CA SER C 226 27.28 -30.53 16.71
C SER C 226 27.96 -30.57 18.08
N THR C 227 27.21 -30.19 19.12
CA THR C 227 27.77 -30.20 20.49
C THR C 227 27.83 -31.59 21.09
N VAL C 228 27.09 -32.52 20.48
CA VAL C 228 27.16 -33.92 20.92
C VAL C 228 28.52 -34.54 20.61
N THR C 229 29.25 -35.00 21.63
CA THR C 229 30.58 -35.49 21.44
C THR C 229 30.53 -37.01 21.22
N GLU C 230 31.65 -37.59 20.82
CA GLU C 230 31.74 -39.02 20.63
C GLU C 230 31.54 -39.63 22.01
N ASN C 231 32.09 -38.99 23.03
CA ASN C 231 31.92 -39.52 24.38
C ASN C 231 30.41 -39.58 24.77
N ASP C 232 29.68 -38.49 24.50
CA ASP C 232 28.22 -38.44 24.73
C ASP C 232 27.51 -39.65 24.08
N ILE C 233 27.90 -39.95 22.85
CA ILE C 233 27.23 -41.01 22.07
C ILE C 233 27.62 -42.39 22.60
N ARG C 234 28.83 -42.52 23.14
CA ARG C 234 29.23 -43.76 23.82
C ARG C 234 28.54 -43.93 25.17
N VAL C 235 28.39 -42.83 25.88
CA VAL C 235 27.66 -42.84 27.17
C VAL C 235 26.19 -43.30 26.93
N GLU C 236 25.57 -42.75 25.88
N GLU C 236 25.58 -42.75 25.88
CA GLU C 236 24.24 -43.22 25.46
CA GLU C 236 24.27 -43.15 25.42
C GLU C 236 24.25 -44.71 25.21
C GLU C 236 24.24 -44.67 25.16
N GLU C 237 25.24 -45.22 24.43
CA GLU C 237 25.27 -46.65 24.18
C GLU C 237 25.37 -47.44 25.52
N SER C 238 26.12 -46.90 26.50
CA SER C 238 26.29 -47.61 27.76
C SER C 238 24.95 -47.62 28.54
N ILE C 239 24.07 -46.60 28.32
CA ILE C 239 22.73 -46.63 28.90
C ILE C 239 21.89 -47.71 28.17
N TYR C 240 21.95 -47.73 26.85
CA TYR C 240 21.21 -48.80 26.10
C TYR C 240 21.57 -50.23 26.56
N GLN C 241 22.86 -50.43 26.78
CA GLN C 241 23.39 -51.76 27.17
C GLN C 241 23.00 -52.15 28.58
N CYS C 242 22.47 -51.21 29.37
CA CYS C 242 21.94 -51.57 30.69
C CYS C 242 20.66 -52.41 30.55
N CYS C 243 19.97 -52.27 29.44
CA CYS C 243 18.73 -52.97 29.21
C CYS C 243 19.01 -54.49 29.12
N ASP C 244 17.94 -55.26 29.23
CA ASP C 244 18.01 -56.72 29.08
C ASP C 244 17.78 -56.95 27.59
N LEU C 245 18.85 -57.32 26.86
CA LEU C 245 18.81 -57.35 25.40
C LEU C 245 19.30 -58.74 24.89
N ALA C 246 18.87 -59.12 23.70
CA ALA C 246 19.43 -60.35 23.05
C ALA C 246 20.90 -60.15 22.71
N PRO C 247 21.71 -61.25 22.69
CA PRO C 247 23.16 -61.09 22.47
C PRO C 247 23.48 -60.40 21.11
N GLU C 248 22.73 -60.68 20.05
CA GLU C 248 23.03 -60.05 18.76
C GLU C 248 22.61 -58.56 18.75
N ALA C 249 21.57 -58.25 19.49
CA ALA C 249 21.19 -56.79 19.69
C ALA C 249 22.33 -56.06 20.35
N ARG C 250 22.94 -56.68 21.38
CA ARG C 250 24.07 -56.05 22.08
C ARG C 250 25.20 -55.74 21.15
N GLN C 251 25.49 -56.71 20.28
CA GLN C 251 26.63 -56.58 19.40
C GLN C 251 26.32 -55.50 18.33
N ALA C 252 25.15 -55.58 17.69
CA ALA C 252 24.73 -54.61 16.67
C ALA C 252 24.72 -53.17 17.23
N ILE C 253 24.28 -53.03 18.48
CA ILE C 253 24.26 -51.68 19.13
C ILE C 253 25.66 -51.14 19.29
N LYS C 254 26.59 -51.97 19.75
CA LYS C 254 27.99 -51.58 19.81
C LYS C 254 28.56 -51.19 18.44
N SER C 255 28.33 -52.05 17.43
N SER C 255 28.31 -52.05 17.45
CA SER C 255 28.82 -51.75 16.09
CA SER C 255 28.77 -51.83 16.10
C SER C 255 28.22 -50.47 15.55
C SER C 255 28.21 -50.52 15.52
N LEU C 256 26.89 -50.37 15.60
CA LEU C 256 26.19 -49.13 15.10
C LEU C 256 26.77 -47.91 15.79
N THR C 257 27.02 -47.99 17.11
CA THR C 257 27.62 -46.85 17.86
C THR C 257 29.01 -46.51 17.34
N GLU C 258 29.94 -47.50 17.29
CA GLU C 258 31.30 -47.19 16.90
C GLU C 258 31.47 -46.84 15.41
N ARG C 259 30.65 -47.45 14.56
CA ARG C 259 30.78 -47.28 13.12
C ARG C 259 29.92 -46.19 12.49
N LEU C 260 28.79 -45.84 13.15
CA LEU C 260 27.86 -44.90 12.57
C LEU C 260 27.52 -43.73 13.53
N TYR C 261 27.10 -44.06 14.74
CA TYR C 261 26.59 -43.01 15.63
C TYR C 261 27.66 -42.02 16.10
N ILE C 262 28.86 -42.50 16.48
CA ILE C 262 29.91 -41.55 16.88
C ILE C 262 30.49 -40.66 15.78
N GLY C 263 30.27 -41.07 14.53
CA GLY C 263 30.87 -40.36 13.43
C GLY C 263 31.16 -41.23 12.23
N GLY C 264 31.67 -40.59 11.19
CA GLY C 264 31.99 -41.33 9.94
C GLY C 264 32.13 -40.41 8.76
N PRO C 265 32.53 -40.97 7.59
CA PRO C 265 32.65 -40.20 6.36
C PRO C 265 31.34 -39.70 5.84
N LEU C 266 31.39 -38.52 5.21
CA LEU C 266 30.28 -37.87 4.60
C LEU C 266 30.45 -37.89 3.08
N THR C 267 29.40 -38.29 2.36
CA THR C 267 29.48 -38.41 0.88
C THR C 267 28.33 -37.60 0.32
N ASN C 268 28.62 -36.75 -0.67
CA ASN C 268 27.54 -35.95 -1.31
C ASN C 268 26.75 -36.80 -2.28
N SER C 269 25.68 -36.22 -2.87
CA SER C 269 24.81 -36.93 -3.78
C SER C 269 25.54 -37.40 -5.05
N LYS C 270 26.71 -36.82 -5.33
CA LYS C 270 27.53 -37.16 -6.51
C LYS C 270 28.53 -38.26 -6.20
N GLY C 271 28.59 -38.69 -4.95
CA GLY C 271 29.43 -39.78 -4.52
C GLY C 271 30.83 -39.36 -4.15
N GLN C 272 31.05 -38.05 -4.07
CA GLN C 272 32.37 -37.51 -3.68
C GLN C 272 32.46 -37.47 -2.16
N ASN C 273 33.68 -37.64 -1.65
CA ASN C 273 33.96 -37.47 -0.24
C ASN C 273 33.90 -36.00 0.20
N CYS C 274 32.95 -35.67 1.10
CA CYS C 274 32.77 -34.30 1.60
C CYS C 274 33.53 -34.05 2.89
N GLY C 275 33.82 -35.12 3.63
CA GLY C 275 34.59 -34.96 4.86
C GLY C 275 34.17 -35.95 5.90
N TYR C 276 34.22 -35.52 7.14
CA TYR C 276 34.09 -36.45 8.24
C TYR C 276 33.29 -35.80 9.40
N ARG C 277 32.43 -36.59 10.00
CA ARG C 277 31.56 -36.11 11.12
C ARG C 277 32.05 -36.76 12.42
N ARG C 278 32.07 -36.01 13.55
CA ARG C 278 32.42 -36.57 14.86
C ARG C 278 31.34 -36.07 15.89
N CYS C 279 30.13 -35.99 15.41
CA CYS C 279 28.99 -35.50 16.26
C CYS C 279 27.71 -36.21 15.82
N ARG C 280 26.59 -35.77 16.36
CA ARG C 280 25.31 -36.42 16.04
C ARG C 280 24.94 -36.25 14.60
N ALA C 281 24.55 -37.34 13.93
CA ALA C 281 23.90 -37.30 12.63
C ALA C 281 22.40 -37.11 12.78
N SER C 282 21.79 -36.28 11.94
CA SER C 282 20.36 -35.95 12.09
C SER C 282 19.51 -37.17 11.69
N GLY C 283 20.00 -37.99 10.73
CA GLY C 283 19.13 -38.99 10.08
C GLY C 283 19.36 -40.44 10.56
N VAL C 284 19.73 -40.66 11.85
CA VAL C 284 19.88 -42.03 12.34
C VAL C 284 18.75 -42.34 13.27
N LEU C 285 18.54 -43.60 13.61
CA LEU C 285 17.30 -43.94 14.35
C LEU C 285 17.34 -43.33 15.78
N THR C 286 18.54 -43.24 16.40
CA THR C 286 18.65 -42.87 17.81
C THR C 286 18.72 -41.37 18.01
N THR C 287 18.63 -40.58 16.93
CA THR C 287 18.83 -39.13 17.13
C THR C 287 17.85 -38.51 18.12
N SER C 288 16.55 -38.74 17.93
CA SER C 288 15.63 -38.07 18.94
C SER C 288 15.76 -38.63 20.35
N CYS C 289 15.90 -39.95 20.47
CA CYS C 289 15.97 -40.58 21.80
C CYS C 289 17.37 -40.26 22.43
N GLY C 290 18.42 -40.31 21.61
CA GLY C 290 19.76 -39.95 22.13
C GLY C 290 19.85 -38.47 22.57
N ASN C 291 19.38 -37.56 21.74
CA ASN C 291 19.42 -36.17 22.12
C ASN C 291 18.59 -35.90 23.36
N THR C 292 17.46 -36.60 23.48
CA THR C 292 16.60 -36.41 24.72
C THR C 292 17.36 -36.87 25.93
N LEU C 293 17.92 -38.08 25.86
CA LEU C 293 18.73 -38.60 27.01
C LEU C 293 19.92 -37.74 27.35
N THR C 294 20.62 -37.25 26.31
CA THR C 294 21.88 -36.51 26.51
C THR C 294 21.51 -35.13 27.08
N CYS C 295 20.49 -34.48 26.51
CA CYS C 295 20.07 -33.20 27.00
C CYS C 295 19.59 -33.34 28.48
N TYR C 296 18.79 -34.38 28.78
CA TYR C 296 18.31 -34.57 30.16
C TYR C 296 19.45 -34.87 31.13
N LEU C 297 20.47 -35.62 30.69
CA LEU C 297 21.63 -35.96 31.56
C LEU C 297 22.39 -34.67 31.87
N LYS C 298 22.72 -33.88 30.87
CA LYS C 298 23.47 -32.63 31.10
C LYS C 298 22.69 -31.62 31.91
N ALA C 299 21.44 -31.38 31.52
CA ALA C 299 20.54 -30.43 32.28
C ALA C 299 20.34 -30.87 33.71
N SER C 300 20.10 -32.18 33.95
CA SER C 300 19.91 -32.66 35.32
C SER C 300 21.18 -32.46 36.19
N ALA C 301 22.35 -32.77 35.60
CA ALA C 301 23.61 -32.49 36.27
C ALA C 301 23.80 -31.00 36.54
N ALA C 302 23.47 -30.18 35.54
CA ALA C 302 23.65 -28.72 35.63
C ALA C 302 22.72 -28.08 36.69
N CYS C 303 21.51 -28.62 36.84
N CYS C 303 21.52 -28.64 36.88
CA CYS C 303 20.59 -28.22 37.94
CA CYS C 303 20.62 -28.21 37.96
C CYS C 303 21.31 -28.43 39.29
C CYS C 303 21.22 -28.47 39.34
N ARG C 304 21.93 -29.60 39.47
CA ARG C 304 22.62 -29.92 40.74
C ARG C 304 23.84 -29.04 40.95
N ALA C 305 24.59 -28.81 39.87
CA ALA C 305 25.72 -27.87 39.93
C ALA C 305 25.28 -26.48 40.38
N ALA C 306 24.19 -26.00 39.82
CA ALA C 306 23.64 -24.64 40.11
C ALA C 306 22.79 -24.56 41.37
N LYS C 307 22.56 -25.70 42.01
CA LYS C 307 21.69 -25.82 43.19
C LYS C 307 20.31 -25.28 42.97
N LEU C 308 19.76 -25.49 41.78
CA LEU C 308 18.38 -25.05 41.53
C LEU C 308 17.51 -25.87 42.47
N GLN C 309 16.43 -25.32 42.98
N GLN C 309 16.52 -25.21 43.03
CA GLN C 309 15.62 -26.06 43.96
CA GLN C 309 15.64 -25.83 44.02
C GLN C 309 14.48 -26.80 43.22
C GLN C 309 14.41 -26.39 43.34
N ASP C 310 14.35 -28.13 43.38
N ASP C 310 14.06 -27.62 43.72
CA ASP C 310 13.21 -28.89 42.78
CA ASP C 310 12.86 -28.35 43.20
C ASP C 310 13.07 -28.60 41.29
C ASP C 310 12.69 -28.22 41.72
N CYS C 311 14.18 -28.76 40.53
N CYS C 311 13.75 -28.62 41.01
CA CYS C 311 14.16 -28.46 39.10
CA CYS C 311 13.77 -28.53 39.56
C CYS C 311 13.38 -29.59 38.44
C CYS C 311 12.87 -29.59 38.94
N THR C 312 12.25 -29.25 37.80
CA THR C 312 11.53 -30.26 37.02
C THR C 312 11.93 -29.98 35.53
N MET C 313 12.47 -30.99 34.87
CA MET C 313 12.86 -30.85 33.46
C MET C 313 11.76 -31.37 32.52
N LEU C 314 11.67 -30.76 31.35
CA LEU C 314 10.82 -31.27 30.27
C LEU C 314 11.65 -31.25 29.03
N VAL C 315 11.99 -32.45 28.53
CA VAL C 315 12.98 -32.51 27.45
C VAL C 315 12.36 -33.18 26.21
N ASN C 316 12.63 -32.60 25.04
N ASN C 316 12.55 -32.55 25.05
CA ASN C 316 12.05 -33.12 23.81
CA ASN C 316 12.11 -33.08 23.77
C ASN C 316 13.15 -32.98 22.75
C ASN C 316 13.22 -32.97 22.79
N GLY C 317 13.95 -34.05 22.62
CA GLY C 317 15.19 -34.04 21.75
C GLY C 317 16.18 -33.07 22.31
N ASP C 318 16.54 -32.08 21.52
CA ASP C 318 17.39 -30.97 22.09
C ASP C 318 16.63 -29.88 22.82
N ASP C 319 15.29 -29.92 22.84
CA ASP C 319 14.54 -28.82 23.44
C ASP C 319 14.46 -29.03 24.96
N LEU C 320 14.77 -27.99 25.72
CA LEU C 320 14.82 -28.10 27.15
C LEU C 320 14.08 -26.98 27.84
N VAL C 321 13.16 -27.34 28.73
N VAL C 321 13.16 -27.34 28.73
CA VAL C 321 12.53 -26.28 29.60
CA VAL C 321 12.58 -26.34 29.64
C VAL C 321 12.63 -26.80 31.05
C VAL C 321 12.75 -26.84 31.05
N VAL C 322 12.93 -25.89 32.00
CA VAL C 322 13.13 -26.23 33.37
C VAL C 322 12.19 -25.36 34.16
N ILE C 323 11.43 -25.97 35.09
CA ILE C 323 10.58 -25.19 36.01
C ILE C 323 11.04 -25.54 37.42
N CYS C 324 11.30 -24.52 38.26
CA CYS C 324 11.90 -24.77 39.56
C CYS C 324 11.30 -23.79 40.60
N GLU C 325 11.73 -23.96 41.83
CA GLU C 325 11.37 -22.98 42.92
C GLU C 325 12.28 -21.76 42.91
N SER C 326 11.68 -20.57 42.84
CA SER C 326 12.44 -19.33 42.82
C SER C 326 13.14 -19.19 44.21
N ALA C 327 14.36 -18.72 44.23
CA ALA C 327 15.07 -18.39 45.49
C ALA C 327 15.22 -16.87 45.57
N GLY C 328 14.41 -16.16 44.79
CA GLY C 328 14.44 -14.69 44.67
C GLY C 328 15.04 -14.25 43.35
N THR C 329 14.76 -13.02 42.99
CA THR C 329 15.21 -12.39 41.75
C THR C 329 16.69 -12.50 41.50
N GLN C 330 17.52 -12.06 42.46
CA GLN C 330 18.97 -12.07 42.27
C GLN C 330 19.55 -13.48 42.35
N GLU C 331 19.09 -14.27 43.32
CA GLU C 331 19.54 -15.64 43.49
C GLU C 331 19.27 -16.45 42.16
N ASP C 332 18.11 -16.23 41.56
CA ASP C 332 17.73 -16.96 40.33
C ASP C 332 18.62 -16.52 39.19
N ALA C 333 18.80 -15.20 39.02
CA ALA C 333 19.69 -14.73 37.96
C ALA C 333 21.11 -15.33 38.07
N ALA C 334 21.67 -15.35 39.30
CA ALA C 334 23.00 -15.95 39.50
C ALA C 334 23.02 -17.50 39.31
N SER C 335 22.03 -18.19 39.88
CA SER C 335 21.89 -19.67 39.74
C SER C 335 21.79 -20.07 38.26
N LEU C 336 20.99 -19.34 37.48
CA LEU C 336 20.91 -19.61 36.05
C LEU C 336 22.26 -19.41 35.32
N ARG C 337 23.09 -18.45 35.74
CA ARG C 337 24.44 -18.34 35.18
C ARG C 337 25.30 -19.55 35.48
N VAL C 338 25.22 -20.05 36.71
CA VAL C 338 25.97 -21.25 37.09
C VAL C 338 25.47 -22.50 36.30
N PHE C 339 24.15 -22.61 36.14
CA PHE C 339 23.57 -23.69 35.30
C PHE C 339 24.18 -23.65 33.89
N THR C 340 24.20 -22.48 33.28
CA THR C 340 24.77 -22.30 31.92
C THR C 340 26.26 -22.62 31.83
N GLU C 341 27.04 -22.24 32.84
CA GLU C 341 28.44 -22.62 32.97
C GLU C 341 28.61 -24.13 33.06
N ALA C 342 27.79 -24.80 33.85
CA ALA C 342 27.85 -26.27 33.91
C ALA C 342 27.46 -26.91 32.53
N MET C 343 26.37 -26.45 31.90
CA MET C 343 25.98 -26.96 30.58
C MET C 343 27.16 -26.76 29.57
N THR C 344 27.82 -25.62 29.67
CA THR C 344 28.92 -25.28 28.79
C THR C 344 30.09 -26.21 29.05
N ARG C 345 30.42 -26.49 30.31
CA ARG C 345 31.51 -27.51 30.60
C ARG C 345 31.14 -28.87 29.99
N TYR C 346 29.84 -29.13 29.94
CA TYR C 346 29.35 -30.42 29.47
C TYR C 346 29.29 -30.43 27.96
N SER C 347 29.72 -29.35 27.32
CA SER C 347 29.65 -29.23 25.89
C SER C 347 28.22 -28.98 25.38
N ALA C 348 27.43 -28.23 26.15
CA ALA C 348 26.17 -27.76 25.66
C ALA C 348 26.03 -26.27 25.92
N PRO C 349 26.81 -25.47 25.22
CA PRO C 349 26.78 -24.02 25.40
C PRO C 349 25.52 -23.39 24.81
N PRO C 350 25.09 -22.21 25.29
CA PRO C 350 23.83 -21.65 24.77
C PRO C 350 23.95 -20.84 23.50
N GLY C 351 22.87 -20.75 22.70
CA GLY C 351 22.81 -19.77 21.65
C GLY C 351 22.41 -18.43 22.28
N ASP C 352 21.12 -18.22 22.39
CA ASP C 352 20.57 -17.14 23.24
C ASP C 352 20.85 -17.52 24.71
N PRO C 353 21.47 -16.62 25.49
CA PRO C 353 21.65 -16.94 26.92
C PRO C 353 20.23 -17.06 27.61
N PRO C 354 20.09 -17.97 28.55
CA PRO C 354 18.75 -18.19 29.12
C PRO C 354 18.37 -17.00 30.05
N GLN C 355 17.09 -16.81 30.20
N GLN C 355 17.09 -16.79 30.19
CA GLN C 355 16.58 -15.77 31.06
CA GLN C 355 16.60 -15.76 31.08
C GLN C 355 15.48 -16.39 31.97
C GLN C 355 15.48 -16.35 31.96
N PRO C 356 15.54 -16.10 33.28
CA PRO C 356 14.45 -16.56 34.19
C PRO C 356 13.12 -15.92 33.76
N GLU C 357 12.03 -16.66 33.80
CA GLU C 357 10.71 -16.12 33.54
C GLU C 357 9.78 -16.50 34.72
N TYR C 358 8.82 -15.65 35.00
CA TYR C 358 7.94 -15.83 36.19
C TYR C 358 6.51 -15.83 35.71
N ASP C 359 6.35 -15.92 34.41
CA ASP C 359 5.02 -16.05 33.82
C ASP C 359 5.18 -17.20 32.84
N LEU C 360 4.42 -18.26 33.02
CA LEU C 360 4.56 -19.45 32.15
C LEU C 360 4.31 -19.16 30.69
N GLU C 361 3.41 -18.21 30.44
CA GLU C 361 3.04 -17.88 29.06
C GLU C 361 4.20 -17.21 28.32
N LEU C 362 5.18 -16.69 29.04
CA LEU C 362 6.31 -16.02 28.38
C LEU C 362 7.45 -17.01 28.00
N ILE C 363 7.31 -18.29 28.34
CA ILE C 363 8.40 -19.21 28.02
C ILE C 363 8.09 -19.77 26.64
N THR C 364 9.09 -19.80 25.75
CA THR C 364 8.93 -20.49 24.51
C THR C 364 9.69 -21.84 24.58
N SER C 365 9.02 -22.96 24.27
CA SER C 365 9.73 -24.27 24.22
C SER C 365 9.01 -25.14 23.19
N CYS C 366 9.79 -25.87 22.41
CA CYS C 366 9.29 -26.55 21.22
C CYS C 366 8.59 -25.51 20.35
N SER C 367 9.16 -24.31 20.28
CA SER C 367 8.71 -23.26 19.39
C SER C 367 7.35 -22.73 19.78
N SER C 368 6.91 -23.04 20.99
CA SER C 368 5.53 -22.77 21.39
C SER C 368 5.45 -22.19 22.78
N ASN C 369 4.37 -21.51 23.06
CA ASN C 369 4.13 -20.88 24.41
C ASN C 369 2.73 -21.28 24.86
N VAL C 370 2.57 -21.39 26.18
CA VAL C 370 1.22 -21.58 26.79
C VAL C 370 0.45 -20.30 26.63
N SER C 371 -0.83 -20.39 26.25
CA SER C 371 -1.72 -19.24 26.30
C SER C 371 -3.09 -19.72 26.87
N VAL C 372 -4.03 -18.78 27.09
N VAL C 372 -4.02 -18.77 27.11
CA VAL C 372 -5.29 -19.10 27.75
CA VAL C 372 -5.29 -19.10 27.74
C VAL C 372 -6.45 -18.61 26.86
C VAL C 372 -6.45 -18.60 26.89
N ALA C 373 -7.51 -19.40 26.83
CA ALA C 373 -8.77 -18.94 26.24
C ALA C 373 -9.88 -19.49 27.16
N HIS C 374 -11.13 -19.43 26.71
CA HIS C 374 -12.27 -19.93 27.47
C HIS C 374 -13.06 -20.88 26.66
N ASP C 375 -13.56 -21.93 27.29
CA ASP C 375 -14.37 -22.91 26.56
C ASP C 375 -15.88 -22.59 26.51
N ALA C 376 -16.71 -23.54 26.07
CA ALA C 376 -18.18 -23.31 25.99
C ALA C 376 -18.82 -23.01 27.38
N SER C 377 -18.28 -23.59 28.46
CA SER C 377 -18.80 -23.31 29.82
C SER C 377 -18.28 -22.00 30.42
N GLY C 378 -17.31 -21.38 29.76
CA GLY C 378 -16.73 -20.12 30.23
C GLY C 378 -15.44 -20.33 31.06
N LYS C 379 -15.09 -21.59 31.33
CA LYS C 379 -13.90 -21.94 32.11
C LYS C 379 -12.60 -21.62 31.37
N ARG C 380 -11.57 -21.20 32.11
CA ARG C 380 -10.22 -20.96 31.57
C ARG C 380 -9.61 -22.30 31.09
N VAL C 381 -9.07 -22.32 29.87
CA VAL C 381 -8.50 -23.52 29.28
C VAL C 381 -7.12 -23.06 28.79
N TYR C 382 -6.07 -23.82 29.12
CA TYR C 382 -4.73 -23.54 28.59
C TYR C 382 -4.47 -24.36 27.34
N TYR C 383 -3.66 -23.81 26.46
CA TYR C 383 -3.33 -24.52 25.20
C TYR C 383 -1.99 -23.98 24.68
N LEU C 384 -1.36 -24.73 23.78
CA LEU C 384 -0.10 -24.31 23.18
C LEU C 384 -0.31 -23.63 21.82
N THR C 385 0.39 -22.52 21.65
CA THR C 385 0.32 -21.76 20.42
C THR C 385 1.73 -21.34 20.02
N ARG C 386 1.85 -20.60 18.93
CA ARG C 386 3.17 -20.19 18.41
C ARG C 386 2.97 -19.05 17.46
N ASP C 387 4.04 -18.32 17.17
CA ASP C 387 4.00 -17.34 16.11
C ASP C 387 3.61 -18.09 14.84
N PRO C 388 2.54 -17.62 14.16
CA PRO C 388 2.03 -18.42 13.02
C PRO C 388 2.81 -18.12 11.70
N THR C 389 3.90 -17.35 11.74
CA THR C 389 4.58 -16.90 10.52
C THR C 389 5.07 -18.06 9.68
N THR C 390 5.86 -18.97 10.26
CA THR C 390 6.38 -20.07 9.50
C THR C 390 5.24 -21.05 9.05
N PRO C 391 4.31 -21.44 9.99
CA PRO C 391 3.20 -22.25 9.49
C PRO C 391 2.47 -21.62 8.25
N LEU C 392 2.20 -20.31 8.30
CA LEU C 392 1.52 -19.65 7.18
C LEU C 392 2.37 -19.58 5.88
N ALA C 393 3.66 -19.28 6.02
CA ALA C 393 4.57 -19.30 4.89
C ALA C 393 4.58 -20.66 4.22
N ARG C 394 4.76 -21.74 5.01
CA ARG C 394 4.71 -23.08 4.48
C ARG C 394 3.36 -23.46 3.85
N ALA C 395 2.26 -23.01 4.43
CA ALA C 395 0.93 -23.31 3.87
C ALA C 395 0.78 -22.67 2.45
N ALA C 396 1.33 -21.50 2.28
CA ALA C 396 1.22 -20.75 1.01
C ALA C 396 1.99 -21.53 -0.05
N TRP C 397 3.14 -22.03 0.36
CA TRP C 397 4.01 -22.84 -0.48
C TRP C 397 3.36 -24.12 -0.87
N GLU C 398 2.82 -24.83 0.13
CA GLU C 398 2.11 -26.09 -0.13
C GLU C 398 0.82 -25.89 -0.93
N THR C 399 0.31 -24.68 -0.94
CA THR C 399 -0.88 -24.35 -1.81
C THR C 399 -0.42 -24.25 -3.29
N ALA C 400 0.71 -23.57 -3.52
CA ALA C 400 1.26 -23.30 -4.86
C ALA C 400 1.99 -24.49 -5.46
N ARG C 401 2.60 -25.35 -4.64
CA ARG C 401 3.38 -26.49 -5.12
C ARG C 401 2.95 -27.79 -4.48
N HIS C 402 2.96 -28.87 -5.24
CA HIS C 402 2.76 -30.17 -4.64
C HIS C 402 3.95 -30.45 -3.77
N THR C 403 3.69 -30.88 -2.54
CA THR C 403 4.72 -31.32 -1.62
C THR C 403 4.36 -32.72 -1.08
N PRO C 404 5.33 -33.65 -1.06
CA PRO C 404 5.05 -34.98 -0.51
C PRO C 404 4.65 -34.94 0.99
N VAL C 405 5.23 -34.00 1.74
CA VAL C 405 4.91 -33.88 3.19
C VAL C 405 4.22 -32.52 3.52
N ASN C 406 2.99 -32.61 4.02
CA ASN C 406 2.12 -31.44 4.28
C ASN C 406 2.22 -30.85 5.67
N SER C 407 3.05 -29.81 5.84
CA SER C 407 3.16 -29.16 7.13
C SER C 407 1.82 -28.55 7.64
N TRP C 408 0.96 -28.13 6.70
CA TRP C 408 -0.28 -27.50 7.08
C TRP C 408 -1.13 -28.44 7.89
N LEU C 409 -1.16 -29.71 7.50
CA LEU C 409 -1.95 -30.73 8.17
C LEU C 409 -1.37 -31.08 9.56
N GLY C 410 -0.06 -31.26 9.63
CA GLY C 410 0.63 -31.38 10.96
C GLY C 410 0.33 -30.19 11.89
N ASN C 411 0.32 -28.99 11.34
CA ASN C 411 0.05 -27.81 12.12
C ASN C 411 -1.42 -27.73 12.58
N ILE C 412 -2.36 -28.08 11.72
CA ILE C 412 -3.78 -28.12 12.15
C ILE C 412 -3.89 -29.12 13.33
N ILE C 413 -3.17 -30.24 13.21
CA ILE C 413 -3.32 -31.36 14.23
C ILE C 413 -2.70 -30.92 15.56
N MET C 414 -1.51 -30.33 15.51
CA MET C 414 -0.74 -29.93 16.74
C MET C 414 -1.24 -28.63 17.32
N TYR C 415 -1.79 -27.73 16.47
CA TYR C 415 -2.23 -26.42 16.90
C TYR C 415 -3.70 -26.19 16.69
N ALA C 416 -4.47 -27.29 16.68
CA ALA C 416 -5.94 -27.25 16.52
C ALA C 416 -6.71 -26.28 17.41
N PRO C 417 -6.32 -26.06 18.69
CA PRO C 417 -7.09 -25.10 19.51
C PRO C 417 -6.76 -23.65 19.23
N THR C 418 -5.76 -23.36 18.42
CA THR C 418 -5.33 -21.96 18.27
C THR C 418 -6.24 -21.20 17.30
N LEU C 419 -6.26 -19.90 17.51
CA LEU C 419 -7.15 -18.95 16.76
C LEU C 419 -6.73 -19.03 15.29
N TRP C 420 -5.41 -19.15 15.00
CA TRP C 420 -4.94 -19.11 13.64
C TRP C 420 -5.09 -20.42 12.92
N ALA C 421 -4.82 -21.54 13.59
CA ALA C 421 -5.04 -22.83 12.85
C ALA C 421 -6.53 -23.00 12.53
N ARG C 422 -7.40 -22.53 13.43
CA ARG C 422 -8.83 -22.74 13.19
C ARG C 422 -9.38 -21.78 12.13
N MET C 423 -9.14 -20.49 12.31
CA MET C 423 -9.65 -19.48 11.38
C MET C 423 -9.02 -19.52 10.03
N ILE C 424 -7.72 -19.76 9.96
CA ILE C 424 -7.03 -19.73 8.66
C ILE C 424 -6.73 -21.08 8.04
N LEU C 425 -5.92 -21.92 8.72
CA LEU C 425 -5.54 -23.15 8.06
C LEU C 425 -6.71 -24.07 7.79
N MET C 426 -7.61 -24.23 8.75
CA MET C 426 -8.75 -25.15 8.51
C MET C 426 -9.62 -24.60 7.37
N THR C 427 -9.92 -23.32 7.44
CA THR C 427 -10.75 -22.68 6.42
C THR C 427 -10.13 -22.80 5.02
N HIS C 428 -8.85 -22.45 4.93
CA HIS C 428 -8.20 -22.39 3.62
C HIS C 428 -8.13 -23.79 3.06
N PHE C 429 -7.61 -24.75 3.84
CA PHE C 429 -7.46 -26.10 3.28
C PHE C 429 -8.75 -26.88 3.02
N PHE C 430 -9.74 -26.76 3.91
CA PHE C 430 -11.00 -27.41 3.65
C PHE C 430 -11.68 -26.84 2.40
N SER C 431 -11.54 -25.55 2.17
N SER C 431 -11.54 -25.54 2.16
CA SER C 431 -12.01 -24.90 0.91
CA SER C 431 -11.99 -24.91 0.88
C SER C 431 -11.38 -25.56 -0.34
C SER C 431 -11.39 -25.62 -0.32
N ILE C 432 -10.06 -25.74 -0.32
CA ILE C 432 -9.33 -26.35 -1.45
C ILE C 432 -9.74 -27.82 -1.62
N LEU C 433 -9.76 -28.55 -0.52
CA LEU C 433 -10.17 -29.96 -0.54
C LEU C 433 -11.59 -30.18 -1.06
N LEU C 434 -12.55 -29.37 -0.57
CA LEU C 434 -13.88 -29.37 -1.16
C LEU C 434 -13.87 -29.14 -2.68
N ALA C 435 -13.19 -28.09 -3.09
CA ALA C 435 -13.10 -27.71 -4.51
C ALA C 435 -12.48 -28.81 -5.38
N GLN C 436 -11.50 -29.52 -4.85
CA GLN C 436 -10.83 -30.57 -5.65
C GLN C 436 -11.41 -31.96 -5.43
N GLU C 437 -12.38 -32.06 -4.52
CA GLU C 437 -12.98 -33.32 -4.13
C GLU C 437 -11.92 -34.28 -3.62
N GLN C 438 -11.06 -33.78 -2.74
CA GLN C 438 -10.00 -34.60 -2.17
C GLN C 438 -10.23 -34.83 -0.65
N LEU C 439 -11.46 -34.62 -0.15
CA LEU C 439 -11.70 -34.79 1.31
C LEU C 439 -11.39 -36.21 1.81
N GLU C 440 -11.68 -37.22 1.00
CA GLU C 440 -11.44 -38.65 1.36
C GLU C 440 -9.96 -39.13 1.18
N LYS C 441 -9.12 -38.33 0.55
CA LYS C 441 -7.78 -38.75 0.20
C LYS C 441 -6.77 -38.60 1.36
N ALA C 442 -6.12 -39.71 1.72
CA ALA C 442 -5.18 -39.72 2.84
C ALA C 442 -3.94 -38.96 2.48
N LEU C 443 -3.45 -38.20 3.44
CA LEU C 443 -2.28 -37.39 3.22
C LEU C 443 -1.24 -37.76 4.28
N ASP C 444 0.02 -37.61 3.89
CA ASP C 444 1.16 -37.80 4.81
C ASP C 444 1.44 -36.55 5.59
N CYS C 445 1.77 -36.72 6.88
CA CYS C 445 2.33 -35.56 7.60
C CYS C 445 3.32 -36.08 8.63
N GLN C 446 4.29 -35.24 8.96
CA GLN C 446 5.31 -35.71 9.90
C GLN C 446 5.38 -34.78 11.03
N ILE C 447 5.41 -35.39 12.23
CA ILE C 447 5.39 -34.56 13.44
C ILE C 447 6.57 -35.01 14.32
N TYR C 448 7.52 -34.09 14.55
CA TYR C 448 8.71 -34.26 15.39
C TYR C 448 9.34 -35.64 15.12
N GLY C 449 9.37 -36.05 13.85
CA GLY C 449 10.07 -37.27 13.43
C GLY C 449 9.21 -38.49 13.21
N ALA C 450 7.92 -38.37 13.51
CA ALA C 450 7.01 -39.52 13.39
C ALA C 450 6.05 -39.23 12.20
N CYS C 451 5.75 -40.20 11.35
CA CYS C 451 4.88 -39.91 10.20
C CYS C 451 3.63 -40.76 10.10
N TYR C 452 2.53 -40.15 9.61
CA TYR C 452 1.18 -40.71 9.70
C TYR C 452 0.54 -40.55 8.35
N SER C 453 -0.47 -41.37 8.09
CA SER C 453 -1.35 -41.15 6.97
C SER C 453 -2.73 -40.83 7.52
N ILE C 454 -3.24 -39.63 7.18
CA ILE C 454 -4.48 -39.11 7.78
C ILE C 454 -5.42 -38.58 6.71
N GLU C 455 -6.67 -39.01 6.79
CA GLU C 455 -7.68 -38.49 5.91
C GLU C 455 -8.22 -37.21 6.58
N PRO C 456 -8.31 -36.11 5.84
CA PRO C 456 -8.80 -34.83 6.44
C PRO C 456 -10.14 -35.00 7.14
N LEU C 457 -11.02 -35.86 6.59
CA LEU C 457 -12.32 -36.11 7.22
C LEU C 457 -12.29 -36.70 8.63
N ASP C 458 -11.14 -37.21 9.05
CA ASP C 458 -11.03 -37.76 10.39
C ASP C 458 -10.47 -36.76 11.35
N LEU C 459 -10.20 -35.53 10.87
CA LEU C 459 -9.63 -34.53 11.81
C LEU C 459 -10.47 -34.29 13.08
N PRO C 460 -11.81 -34.29 13.01
CA PRO C 460 -12.52 -33.96 14.30
C PRO C 460 -12.18 -34.93 15.47
N GLN C 461 -12.19 -36.22 15.22
CA GLN C 461 -11.92 -37.21 16.29
C GLN C 461 -10.44 -37.20 16.73
N ILE C 462 -9.54 -36.93 15.78
N ILE C 462 -9.55 -36.96 15.78
CA ILE C 462 -8.11 -36.81 16.07
CA ILE C 462 -8.11 -36.82 16.07
C ILE C 462 -7.90 -35.60 16.99
C ILE C 462 -7.84 -35.58 16.94
N ILE C 463 -8.54 -34.48 16.64
CA ILE C 463 -8.36 -33.27 17.41
C ILE C 463 -8.91 -33.46 18.86
N GLU C 464 -10.05 -34.13 18.97
CA GLU C 464 -10.65 -34.33 20.32
C GLU C 464 -9.73 -35.27 21.14
N ARG C 465 -9.12 -36.26 20.49
CA ARG C 465 -8.20 -37.16 21.13
C ARG C 465 -6.96 -36.45 21.67
N LEU C 466 -6.42 -35.49 20.89
CA LEU C 466 -5.18 -34.84 21.28
C LEU C 466 -5.27 -33.58 22.15
N HIS C 467 -6.43 -32.93 22.08
CA HIS C 467 -6.65 -31.68 22.72
C HIS C 467 -7.85 -31.64 23.62
N GLY C 468 -8.79 -32.55 23.48
CA GLY C 468 -10.03 -32.41 24.24
C GLY C 468 -11.14 -31.70 23.41
N LEU C 469 -12.38 -31.90 23.80
CA LEU C 469 -13.57 -31.30 23.18
C LEU C 469 -13.53 -29.76 23.19
N SER C 470 -12.81 -29.17 24.13
CA SER C 470 -12.81 -27.73 24.27
C SER C 470 -12.10 -27.07 23.05
N ALA C 471 -11.27 -27.83 22.34
CA ALA C 471 -10.57 -27.31 21.12
C ALA C 471 -11.58 -26.75 20.07
N PHE C 472 -12.81 -27.22 20.07
CA PHE C 472 -13.84 -26.76 19.14
C PHE C 472 -14.70 -25.59 19.66
N SER C 473 -14.43 -25.10 20.88
N SER C 473 -14.43 -25.10 20.88
CA SER C 473 -15.23 -24.02 21.49
CA SER C 473 -15.24 -24.01 21.47
C SER C 473 -14.41 -22.90 22.07
C SER C 473 -14.41 -22.93 22.13
N LEU C 474 -13.08 -22.92 21.94
CA LEU C 474 -12.28 -21.85 22.53
C LEU C 474 -12.66 -20.47 21.92
N HIS C 475 -12.82 -19.51 22.81
CA HIS C 475 -13.10 -18.15 22.42
C HIS C 475 -12.48 -17.26 23.48
N SER C 476 -12.57 -15.93 23.31
CA SER C 476 -11.90 -14.98 24.22
C SER C 476 -10.44 -15.32 24.38
N TYR C 477 -9.74 -15.40 23.24
CA TYR C 477 -8.30 -15.55 23.22
C TYR C 477 -7.65 -14.30 23.86
N SER C 478 -6.42 -14.43 24.33
CA SER C 478 -5.75 -13.33 25.03
C SER C 478 -5.42 -12.21 24.05
N PRO C 479 -5.41 -10.94 24.54
CA PRO C 479 -5.12 -9.81 23.64
C PRO C 479 -3.75 -9.93 23.02
N GLY C 480 -2.79 -10.48 23.78
CA GLY C 480 -1.43 -10.70 23.32
C GLY C 480 -1.41 -11.64 22.11
N GLU C 481 -2.20 -12.71 22.21
CA GLU C 481 -2.29 -13.75 21.15
C GLU C 481 -2.97 -13.16 19.91
N ILE C 482 -4.10 -12.47 20.12
CA ILE C 482 -4.85 -11.88 19.02
C ILE C 482 -3.92 -10.88 18.27
N ASN C 483 -3.27 -10.00 19.03
N ASN C 483 -3.27 -9.98 19.03
CA ASN C 483 -2.38 -9.00 18.42
CA ASN C 483 -2.34 -9.01 18.43
C ASN C 483 -1.22 -9.62 17.62
C ASN C 483 -1.25 -9.66 17.60
N ARG C 484 -0.66 -10.74 18.13
CA ARG C 484 0.43 -11.46 17.40
C ARG C 484 -0.07 -12.06 16.07
N VAL C 485 -1.25 -12.71 16.10
CA VAL C 485 -1.82 -13.26 14.84
C VAL C 485 -2.09 -12.10 13.89
N ALA C 486 -2.81 -11.09 14.39
CA ALA C 486 -3.19 -9.91 13.57
C ALA C 486 -1.98 -9.27 12.92
N SER C 487 -0.91 -9.09 13.69
N SER C 487 -0.89 -9.10 13.68
CA SER C 487 0.35 -8.50 13.24
CA SER C 487 0.35 -8.49 13.17
C SER C 487 1.01 -9.34 12.16
C SER C 487 1.00 -9.35 12.13
N CYS C 488 1.13 -10.65 12.42
CA CYS C 488 1.60 -11.58 11.43
C CYS C 488 0.84 -11.50 10.06
N LEU C 489 -0.50 -11.46 10.10
CA LEU C 489 -1.29 -11.42 8.83
C LEU C 489 -1.03 -10.13 8.02
N ARG C 490 -0.88 -9.01 8.73
CA ARG C 490 -0.54 -7.71 8.05
C ARG C 490 0.84 -7.80 7.44
N LYS C 491 1.78 -8.34 8.21
CA LYS C 491 3.18 -8.55 7.73
C LYS C 491 3.25 -9.40 6.45
N LEU C 492 2.45 -10.48 6.39
CA LEU C 492 2.51 -11.47 5.28
C LEU C 492 1.58 -11.14 4.10
N GLY C 493 0.68 -10.20 4.31
CA GLY C 493 -0.39 -9.90 3.31
C GLY C 493 -1.48 -10.98 3.26
N VAL C 494 -1.76 -11.57 4.45
CA VAL C 494 -2.82 -12.58 4.60
C VAL C 494 -4.09 -11.78 4.94
N PRO C 495 -5.25 -12.16 4.36
CA PRO C 495 -6.46 -11.37 4.63
C PRO C 495 -6.73 -11.42 6.15
N PRO C 496 -7.32 -10.38 6.72
CA PRO C 496 -7.56 -10.30 8.15
C PRO C 496 -8.58 -11.33 8.63
N LEU C 497 -8.63 -11.58 9.95
CA LEU C 497 -9.44 -12.66 10.53
C LEU C 497 -10.94 -12.54 10.13
N ARG C 498 -11.49 -11.32 10.10
CA ARG C 498 -12.91 -11.16 9.59
C ARG C 498 -13.20 -11.77 8.23
N VAL C 499 -12.24 -11.70 7.31
CA VAL C 499 -12.43 -12.26 6.01
C VAL C 499 -12.48 -13.81 6.14
N TRP C 500 -11.61 -14.36 7.00
CA TRP C 500 -11.61 -15.81 7.23
C TRP C 500 -12.90 -16.30 7.83
N ARG C 501 -13.52 -15.51 8.73
CA ARG C 501 -14.78 -15.85 9.32
C ARG C 501 -15.88 -16.05 8.20
N HIS C 502 -15.94 -15.12 7.26
CA HIS C 502 -16.88 -15.27 6.15
C HIS C 502 -16.60 -16.45 5.21
N ARG C 503 -15.35 -16.62 4.83
CA ARG C 503 -14.92 -17.80 4.06
C ARG C 503 -15.31 -19.12 4.78
N ALA C 504 -15.12 -19.17 6.09
CA ALA C 504 -15.42 -20.38 6.89
C ALA C 504 -16.91 -20.66 6.93
N ARG C 505 -17.75 -19.64 6.95
CA ARG C 505 -19.18 -19.86 6.95
C ARG C 505 -19.61 -20.59 5.67
N SER C 506 -18.98 -20.22 4.56
CA SER C 506 -19.36 -20.84 3.25
C SER C 506 -18.80 -22.30 3.17
N VAL C 507 -17.53 -22.53 3.53
CA VAL C 507 -16.92 -23.89 3.67
C VAL C 507 -17.75 -24.76 4.62
N ARG C 508 -18.13 -24.23 5.77
CA ARG C 508 -18.93 -25.01 6.72
C ARG C 508 -20.26 -25.42 6.07
N ALA C 509 -20.92 -24.46 5.40
CA ALA C 509 -22.23 -24.79 4.78
C ALA C 509 -22.04 -25.95 3.75
N ARG C 510 -21.00 -25.85 2.93
CA ARG C 510 -20.77 -26.82 1.86
C ARG C 510 -20.44 -28.19 2.48
N LEU C 511 -19.70 -28.23 3.61
CA LEU C 511 -19.47 -29.46 4.32
C LEU C 511 -20.72 -30.10 4.88
N LEU C 512 -21.60 -29.30 5.51
CA LEU C 512 -22.87 -29.82 6.03
C LEU C 512 -23.76 -30.48 4.95
N SER C 513 -23.78 -29.88 3.76
N SER C 513 -23.75 -29.90 3.75
CA SER C 513 -24.60 -30.38 2.67
CA SER C 513 -24.55 -30.36 2.61
C SER C 513 -24.18 -31.80 2.20
C SER C 513 -24.07 -31.69 2.00
N GLN C 514 -22.91 -32.15 2.42
CA GLN C 514 -22.41 -33.47 1.99
C GLN C 514 -22.77 -34.56 2.97
N GLY C 515 -23.19 -34.23 4.18
CA GLY C 515 -23.62 -35.27 5.17
C GLY C 515 -22.40 -36.07 5.63
N GLY C 516 -22.60 -37.07 6.49
CA GLY C 516 -21.49 -38.06 6.75
C GLY C 516 -20.33 -37.42 7.48
N ARG C 517 -19.11 -37.89 7.23
CA ARG C 517 -17.96 -37.32 7.97
C ARG C 517 -17.71 -35.83 7.59
N ALA C 518 -18.04 -35.47 6.35
CA ALA C 518 -17.91 -34.07 5.89
C ALA C 518 -18.75 -33.17 6.74
N ALA C 519 -19.98 -33.59 7.06
CA ALA C 519 -20.86 -32.80 7.88
C ALA C 519 -20.35 -32.71 9.32
N THR C 520 -19.74 -33.79 9.83
CA THR C 520 -19.02 -33.70 11.13
C THR C 520 -17.91 -32.66 11.12
N CYS C 521 -17.14 -32.60 10.03
CA CYS C 521 -16.07 -31.57 9.91
C CYS C 521 -16.69 -30.17 9.94
N GLY C 522 -17.72 -29.97 9.14
CA GLY C 522 -18.40 -28.65 9.22
C GLY C 522 -18.93 -28.31 10.60
N LYS C 523 -19.64 -29.24 11.24
CA LYS C 523 -20.18 -29.02 12.58
C LYS C 523 -19.12 -28.70 13.67
N TYR C 524 -18.11 -29.56 13.79
CA TYR C 524 -17.12 -29.41 14.85
C TYR C 524 -16.04 -28.41 14.51
N LEU C 525 -15.47 -28.50 13.30
CA LEU C 525 -14.31 -27.64 13.04
C LEU C 525 -14.67 -26.17 12.86
N PHE C 526 -15.91 -25.92 12.46
CA PHE C 526 -16.31 -24.55 12.12
C PHE C 526 -17.43 -23.96 12.93
N ASN C 527 -17.72 -24.57 14.07
CA ASN C 527 -18.74 -24.00 15.00
C ASN C 527 -18.38 -22.59 15.41
N TRP C 528 -17.06 -22.31 15.50
CA TRP C 528 -16.61 -20.95 15.87
C TRP C 528 -17.12 -19.91 14.88
N ALA C 529 -17.35 -20.29 13.59
CA ALA C 529 -17.65 -19.28 12.52
C ALA C 529 -19.09 -18.76 12.51
N VAL C 530 -20.01 -19.51 13.08
CA VAL C 530 -21.45 -19.18 12.94
C VAL C 530 -21.97 -18.46 14.14
N LYS C 531 -22.88 -17.50 13.89
CA LYS C 531 -23.42 -16.69 14.99
C LYS C 531 -24.21 -17.57 16.01
N THR C 532 -25.07 -18.48 15.55
CA THR C 532 -25.80 -19.37 16.46
C THR C 532 -25.15 -20.76 16.51
N LYS C 533 -24.62 -21.10 17.67
CA LYS C 533 -23.74 -22.27 17.84
C LYS C 533 -24.54 -23.55 17.93
N LEU C 534 -24.02 -24.63 17.36
CA LEU C 534 -24.51 -25.97 17.63
C LEU C 534 -23.89 -26.45 18.94
N LYS C 535 -24.55 -27.39 19.60
CA LYS C 535 -24.02 -27.93 20.84
C LYS C 535 -23.19 -29.13 20.46
N LEU C 536 -21.91 -29.12 20.86
CA LEU C 536 -21.01 -30.17 20.48
C LEU C 536 -20.79 -31.15 21.63
N THR C 537 -21.18 -32.40 21.40
CA THR C 537 -21.03 -33.46 22.37
C THR C 537 -19.79 -34.30 21.97
N PRO C 538 -19.24 -35.08 22.92
CA PRO C 538 -18.10 -35.93 22.61
C PRO C 538 -18.33 -36.88 21.43
N ILE C 539 -17.37 -37.00 20.51
CA ILE C 539 -17.54 -37.84 19.32
C ILE C 539 -17.38 -39.28 19.76
N PRO C 540 -18.20 -40.19 19.17
CA PRO C 540 -18.14 -41.62 19.45
C PRO C 540 -16.75 -42.25 19.42
N ALA C 541 -16.00 -42.04 18.34
CA ALA C 541 -14.65 -42.62 18.23
C ALA C 541 -13.66 -42.01 19.25
N ALA C 542 -13.79 -40.70 19.39
CA ALA C 542 -12.71 -39.84 19.84
C ALA C 542 -12.14 -39.97 21.25
N SER C 543 -13.02 -40.16 22.25
CA SER C 543 -12.63 -40.04 23.68
C SER C 543 -11.44 -40.91 24.03
N GLN C 544 -11.54 -42.18 23.65
CA GLN C 544 -10.46 -43.12 23.76
C GLN C 544 -10.28 -43.79 22.39
N LEU C 545 -9.82 -42.98 21.43
CA LEU C 545 -9.52 -43.48 20.10
C LEU C 545 -8.05 -43.88 20.05
N ASP C 546 -7.79 -45.06 19.51
CA ASP C 546 -6.40 -45.49 19.27
C ASP C 546 -5.90 -44.77 18.01
N LEU C 547 -4.82 -44.01 18.18
CA LEU C 547 -4.24 -43.24 17.07
C LEU C 547 -3.36 -44.10 16.18
N SER C 548 -3.29 -45.39 16.51
CA SER C 548 -2.50 -46.40 15.79
C SER C 548 -3.09 -46.80 14.45
N GLY C 549 -4.39 -46.56 14.28
CA GLY C 549 -5.05 -46.80 12.97
C GLY C 549 -4.59 -45.89 11.83
N TRP C 550 -3.96 -44.75 12.16
CA TRP C 550 -3.38 -43.83 11.15
C TRP C 550 -1.87 -43.87 11.13
N PHE C 551 -1.28 -44.60 12.08
CA PHE C 551 0.19 -44.76 12.11
C PHE C 551 0.70 -45.68 10.94
N VAL C 552 1.71 -45.20 10.23
CA VAL C 552 2.27 -45.89 9.05
C VAL C 552 3.72 -46.31 9.28
N ALA C 553 4.53 -45.38 9.79
CA ALA C 553 5.94 -45.65 10.02
C ALA C 553 6.56 -44.60 10.96
N GLY C 554 7.86 -44.74 11.21
CA GLY C 554 8.63 -43.87 12.13
C GLY C 554 8.47 -44.38 13.53
N TYR C 555 8.49 -43.43 14.46
CA TYR C 555 8.35 -43.68 15.90
C TYR C 555 6.88 -43.81 16.36
N SER C 556 6.69 -44.40 17.55
CA SER C 556 5.36 -44.63 18.18
C SER C 556 4.47 -45.54 17.33
N SER D 1 25.74 8.38 -30.29
CA SER D 1 26.06 8.29 -31.72
C SER D 1 25.28 9.36 -32.48
N MET D 2 25.67 9.58 -33.72
CA MET D 2 24.99 10.50 -34.60
C MET D 2 23.66 9.84 -35.05
N SER D 3 22.59 10.61 -35.02
CA SER D 3 21.29 10.11 -35.51
C SER D 3 21.40 9.67 -36.92
N TYR D 4 22.11 10.45 -37.75
CA TYR D 4 22.37 10.03 -39.13
C TYR D 4 23.80 10.33 -39.51
N THR D 5 24.30 9.54 -40.47
CA THR D 5 25.50 9.92 -41.21
C THR D 5 25.15 9.89 -42.66
N TRP D 6 25.71 10.81 -43.44
CA TRP D 6 25.34 10.96 -44.84
C TRP D 6 26.53 10.83 -45.74
N THR D 7 26.32 10.16 -46.87
CA THR D 7 27.40 9.94 -47.87
C THR D 7 27.53 11.17 -48.79
N GLY D 8 26.42 11.88 -49.03
CA GLY D 8 26.35 13.00 -49.97
C GLY D 8 25.47 12.72 -51.19
N ALA D 9 25.13 11.44 -51.44
CA ALA D 9 24.13 11.08 -52.47
C ALA D 9 22.84 11.78 -52.09
N LEU D 10 22.07 12.23 -53.07
CA LEU D 10 20.88 13.04 -52.79
C LEU D 10 19.67 12.15 -52.40
N ILE D 11 18.74 12.72 -51.64
CA ILE D 11 17.43 12.10 -51.50
C ILE D 11 16.64 12.48 -52.73
N THR D 12 16.32 11.46 -53.52
CA THR D 12 15.71 11.64 -54.81
C THR D 12 14.21 11.38 -54.82
N PRO D 13 13.48 12.12 -55.68
CA PRO D 13 12.04 11.90 -55.85
C PRO D 13 11.77 10.59 -56.55
N CYS D 14 10.59 10.03 -56.32
CA CYS D 14 10.16 8.84 -57.05
C CYS D 14 9.48 9.26 -58.34
N ALA D 15 8.55 10.21 -58.22
CA ALA D 15 7.81 10.70 -59.38
C ALA D 15 8.06 12.21 -59.56
N ALA D 16 7.48 12.83 -60.59
CA ALA D 16 7.40 14.29 -60.66
C ALA D 16 6.64 14.79 -59.42
N GLU D 17 7.23 15.76 -58.75
CA GLU D 17 6.61 16.40 -57.59
C GLU D 17 6.03 17.77 -57.99
N GLU D 18 4.76 18.01 -57.65
CA GLU D 18 4.14 19.33 -57.89
C GLU D 18 4.31 20.18 -56.64
N SER D 19 4.68 21.45 -56.76
CA SER D 19 4.86 22.27 -55.56
C SER D 19 3.83 23.39 -55.44
N LYS D 20 3.09 23.61 -56.52
CA LYS D 20 2.17 24.74 -56.60
C LYS D 20 0.76 24.28 -56.88
N LEU D 21 -0.17 25.07 -56.34
CA LEU D 21 -1.57 24.83 -56.52
C LEU D 21 -2.00 25.44 -57.86
N PRO D 22 -2.53 24.61 -58.75
CA PRO D 22 -3.01 25.11 -60.04
C PRO D 22 -4.27 25.98 -59.85
N ILE D 23 -4.47 26.99 -60.70
CA ILE D 23 -5.73 27.74 -60.64
C ILE D 23 -6.85 26.78 -61.00
N ASN D 24 -7.92 26.81 -60.21
CA ASN D 24 -9.00 25.84 -60.34
C ASN D 24 -10.35 26.51 -60.34
N ALA D 25 -11.32 25.96 -61.06
CA ALA D 25 -12.68 26.50 -60.96
C ALA D 25 -13.36 26.21 -59.62
N LEU D 26 -13.28 24.94 -59.17
CA LEU D 26 -13.85 24.51 -57.86
C LEU D 26 -12.99 24.95 -56.66
N SER D 27 -11.67 24.97 -56.87
CA SER D 27 -10.70 25.31 -55.82
C SER D 27 -10.73 26.79 -55.45
N ASN D 28 -11.08 27.63 -56.43
CA ASN D 28 -11.15 29.07 -56.25
C ASN D 28 -12.37 29.50 -55.46
N SER D 29 -13.45 28.71 -55.51
CA SER D 29 -14.67 28.96 -54.70
C SER D 29 -14.44 28.61 -53.20
N LEU D 30 -13.40 27.80 -52.96
CA LEU D 30 -12.90 27.57 -51.60
C LEU D 30 -11.91 28.62 -51.17
N LEU D 31 -10.85 28.80 -51.94
CA LEU D 31 -9.72 29.62 -51.51
C LEU D 31 -9.23 30.48 -52.71
N ARG D 32 -9.24 31.82 -52.57
CA ARG D 32 -8.76 32.70 -53.66
C ARG D 32 -7.22 32.84 -53.69
N HIS D 33 -6.59 32.95 -52.52
CA HIS D 33 -5.15 33.21 -52.49
C HIS D 33 -4.33 31.97 -52.70
N HIS D 34 -4.31 31.50 -53.94
CA HIS D 34 -3.70 30.22 -54.29
C HIS D 34 -2.18 30.19 -54.14
N ASN D 35 -1.54 31.36 -54.25
CA ASN D 35 -0.07 31.46 -54.07
C ASN D 35 0.41 31.21 -52.66
N MET D 36 -0.50 31.22 -51.69
CA MET D 36 -0.16 30.95 -50.29
C MET D 36 -0.04 29.47 -50.01
N VAL D 37 -0.54 28.65 -50.91
CA VAL D 37 -0.53 27.17 -50.72
C VAL D 37 0.65 26.56 -51.48
N TYR D 38 1.46 25.80 -50.77
CA TYR D 38 2.61 25.09 -51.38
C TYR D 38 2.72 23.64 -50.88
N ALA D 39 3.38 22.78 -51.66
CA ALA D 39 3.71 21.43 -51.22
C ALA D 39 5.24 21.25 -51.12
N THR D 40 5.67 20.64 -50.04
CA THR D 40 7.07 20.28 -49.88
C THR D 40 7.52 19.26 -50.97
N THR D 41 8.77 19.40 -51.40
CA THR D 41 9.32 18.47 -52.43
C THR D 41 10.71 18.07 -51.92
N SER D 42 11.28 17.08 -52.58
CA SER D 42 12.64 16.58 -52.23
C SER D 42 13.75 17.66 -52.38
N ARG D 43 13.43 18.78 -53.04
CA ARG D 43 14.38 19.88 -53.22
C ARG D 43 14.72 20.54 -51.91
N SER D 44 13.94 20.34 -50.83
CA SER D 44 14.26 20.85 -49.51
C SER D 44 14.73 19.77 -48.56
N ALA D 45 14.91 18.54 -49.05
CA ALA D 45 15.37 17.40 -48.20
C ALA D 45 16.64 17.74 -47.44
N GLY D 46 17.61 18.38 -48.12
CA GLY D 46 18.91 18.79 -47.49
C GLY D 46 18.71 19.65 -46.23
N LEU D 47 17.71 20.55 -46.22
CA LEU D 47 17.43 21.36 -45.05
C LEU D 47 16.89 20.51 -43.91
N ARG D 48 16.05 19.51 -44.24
CA ARG D 48 15.54 18.65 -43.15
C ARG D 48 16.68 17.77 -42.56
N GLN D 49 17.55 17.30 -43.44
CA GLN D 49 18.72 16.51 -43.05
C GLN D 49 19.57 17.20 -42.03
N LYS D 50 19.88 18.47 -42.26
CA LYS D 50 20.59 19.27 -41.26
C LYS D 50 19.93 19.29 -39.88
N LYS D 51 18.64 19.58 -39.85
CA LYS D 51 17.84 19.61 -38.60
C LYS D 51 17.80 18.29 -37.85
N VAL D 52 17.65 17.17 -38.60
CA VAL D 52 17.50 15.85 -37.98
C VAL D 52 18.84 15.16 -37.61
N THR D 53 19.94 15.75 -38.05
CA THR D 53 21.29 15.15 -37.82
C THR D 53 22.00 15.78 -36.62
N PHE D 54 22.23 15.01 -35.55
CA PHE D 54 22.91 15.50 -34.35
C PHE D 54 23.36 14.37 -33.50
N ASP D 55 24.32 14.64 -32.61
CA ASP D 55 24.81 13.60 -31.71
C ASP D 55 23.81 13.44 -30.58
N ARG D 56 23.66 12.23 -30.05
CA ARG D 56 22.72 12.04 -28.92
C ARG D 56 23.47 11.70 -27.67
N LEU D 57 23.24 12.47 -26.61
CA LEU D 57 23.82 12.17 -25.28
C LEU D 57 22.67 11.76 -24.40
N GLN D 58 22.90 10.71 -23.68
CA GLN D 58 21.83 10.17 -22.85
C GLN D 58 22.44 9.66 -21.59
N VAL D 59 21.98 10.17 -20.47
CA VAL D 59 22.39 9.73 -19.17
C VAL D 59 21.10 9.37 -18.46
N LEU D 60 21.03 8.13 -18.00
CA LEU D 60 19.85 7.54 -17.34
C LEU D 60 20.07 7.50 -15.85
N ASP D 61 19.00 7.54 -15.05
CA ASP D 61 19.09 7.60 -13.60
C ASP D 61 18.07 6.66 -12.98
N ASP D 62 17.96 6.74 -11.66
CA ASP D 62 17.08 5.82 -10.88
C ASP D 62 15.59 6.00 -11.21
N HIS D 63 15.14 7.24 -11.40
CA HIS D 63 13.73 7.52 -11.75
C HIS D 63 13.39 6.77 -13.01
N TYR D 64 14.27 6.86 -14.02
CA TYR D 64 14.16 6.08 -15.25
C TYR D 64 14.08 4.60 -15.00
N ARG D 65 14.95 4.09 -14.10
CA ARG D 65 15.02 2.63 -13.86
C ARG D 65 13.75 2.15 -13.20
N ASP D 66 13.23 2.93 -12.24
CA ASP D 66 12.05 2.53 -11.49
C ASP D 66 10.79 2.50 -12.40
N VAL D 67 10.65 3.55 -13.21
CA VAL D 67 9.51 3.62 -14.17
C VAL D 67 9.59 2.46 -15.10
N LEU D 68 10.81 2.19 -15.64
CA LEU D 68 10.94 1.04 -16.59
C LEU D 68 10.55 -0.29 -15.96
N LYS D 69 11.00 -0.50 -14.69
CA LYS D 69 10.67 -1.74 -14.02
C LYS D 69 9.17 -1.90 -13.86
N GLU D 70 8.50 -0.78 -13.56
CA GLU D 70 7.03 -0.80 -13.39
C GLU D 70 6.30 -1.11 -14.71
N MET D 71 6.79 -0.53 -15.81
CA MET D 71 6.22 -0.84 -17.16
C MET D 71 6.40 -2.30 -17.50
N LYS D 72 7.57 -2.85 -17.23
CA LYS D 72 7.83 -4.25 -17.56
C LYS D 72 6.94 -5.22 -16.75
N ALA D 73 6.64 -4.90 -15.48
CA ALA D 73 5.74 -5.74 -14.67
C ALA D 73 4.33 -5.76 -15.27
N LYS D 74 3.85 -4.62 -15.78
CA LYS D 74 2.55 -4.60 -16.53
C LYS D 74 2.66 -5.36 -17.84
N ALA D 75 3.76 -5.18 -18.56
CA ALA D 75 3.93 -5.86 -19.85
C ALA D 75 3.94 -7.40 -19.69
N SER D 76 4.42 -7.89 -18.53
N SER D 76 4.41 -7.90 -18.54
CA SER D 76 4.48 -9.34 -18.23
CA SER D 76 4.47 -9.35 -18.27
C SER D 76 3.10 -10.01 -18.07
C SER D 76 3.09 -10.03 -18.15
N THR D 77 2.03 -9.22 -18.09
CA THR D 77 0.67 -9.76 -18.01
C THR D 77 0.06 -9.95 -19.37
N VAL D 78 0.81 -9.57 -20.41
CA VAL D 78 0.28 -9.63 -21.79
C VAL D 78 0.74 -10.91 -22.49
N LYS D 79 -0.23 -11.56 -23.14
CA LYS D 79 0.01 -12.68 -24.02
C LYS D 79 -0.26 -12.23 -25.45
N ALA D 80 0.69 -12.43 -26.37
CA ALA D 80 0.55 -11.98 -27.74
C ALA D 80 0.75 -13.13 -28.71
N LYS D 81 -0.02 -13.10 -29.78
CA LYS D 81 0.01 -14.22 -30.73
C LYS D 81 1.01 -13.95 -31.87
N LEU D 82 1.68 -15.00 -32.35
CA LEU D 82 2.44 -14.91 -33.55
C LEU D 82 1.46 -15.15 -34.73
N LEU D 83 1.32 -14.18 -35.63
CA LEU D 83 0.48 -14.36 -36.84
C LEU D 83 1.16 -15.23 -37.91
N SER D 84 0.37 -16.00 -38.65
CA SER D 84 0.89 -16.73 -39.81
C SER D 84 1.12 -15.71 -40.94
N VAL D 85 1.89 -16.09 -41.97
CA VAL D 85 2.11 -15.25 -43.13
C VAL D 85 0.82 -14.73 -43.70
N GLU D 86 -0.18 -15.62 -43.81
CA GLU D 86 -1.45 -15.34 -44.47
C GLU D 86 -2.27 -14.35 -43.67
N GLU D 87 -2.28 -14.52 -42.36
CA GLU D 87 -2.97 -13.54 -41.45
C GLU D 87 -2.34 -12.14 -41.55
N ALA D 88 -1.00 -12.05 -41.58
CA ALA D 88 -0.34 -10.73 -41.72
C ALA D 88 -0.48 -10.14 -43.11
N CYS D 89 -0.58 -11.02 -44.14
CA CYS D 89 -0.83 -10.50 -45.46
C CYS D 89 -2.18 -9.76 -45.51
N LYS D 90 -3.18 -10.39 -44.91
CA LYS D 90 -4.56 -9.80 -44.92
C LYS D 90 -4.65 -8.51 -44.10
N LEU D 91 -3.61 -8.21 -43.31
CA LEU D 91 -3.60 -6.94 -42.54
C LEU D 91 -2.84 -5.83 -43.23
N THR D 92 -2.29 -6.11 -44.42
CA THR D 92 -1.51 -5.13 -45.19
C THR D 92 -2.46 -4.13 -45.83
N PRO D 93 -2.10 -2.82 -45.76
CA PRO D 93 -2.98 -1.78 -46.36
C PRO D 93 -2.97 -1.94 -47.86
N PRO D 94 -4.14 -1.70 -48.51
CA PRO D 94 -4.34 -1.92 -49.97
C PRO D 94 -3.32 -1.19 -50.84
N HIS D 95 -2.86 -0.01 -50.46
CA HIS D 95 -1.95 0.77 -51.34
C HIS D 95 -0.56 0.96 -50.81
N SER D 96 -0.11 0.01 -49.99
CA SER D 96 1.26 0.05 -49.44
C SER D 96 2.29 -0.07 -50.58
N ALA D 97 3.47 0.53 -50.45
CA ALA D 97 4.49 0.52 -51.50
C ALA D 97 4.90 -0.91 -51.92
N LYS D 98 5.01 -1.14 -53.25
CA LYS D 98 5.27 -2.51 -53.75
C LYS D 98 6.70 -3.00 -53.34
N SER D 99 6.87 -4.30 -53.23
CA SER D 99 8.18 -4.89 -52.96
C SER D 99 9.15 -4.71 -54.13
N LYS D 100 10.44 -4.55 -53.85
CA LYS D 100 11.41 -4.54 -54.95
C LYS D 100 11.65 -5.95 -55.49
N PHE D 101 11.03 -6.95 -54.86
CA PHE D 101 11.20 -8.36 -55.22
C PHE D 101 10.02 -8.86 -56.07
N GLY D 102 9.35 -7.95 -56.77
CA GLY D 102 8.49 -8.30 -57.93
C GLY D 102 7.06 -8.63 -57.55
N TYR D 103 6.52 -7.93 -56.53
CA TYR D 103 5.12 -8.09 -56.20
C TYR D 103 4.65 -6.85 -55.43
N GLY D 104 3.33 -6.63 -55.35
CA GLY D 104 2.80 -5.47 -54.65
C GLY D 104 1.82 -5.76 -53.52
N ALA D 105 1.25 -4.71 -52.91
CA ALA D 105 0.30 -4.94 -51.82
C ALA D 105 -0.89 -5.77 -52.24
N LYS D 106 -1.38 -5.58 -53.47
CA LYS D 106 -2.53 -6.36 -53.97
C LYS D 106 -2.24 -7.86 -53.97
N ASP D 107 -1.03 -8.21 -54.43
CA ASP D 107 -0.57 -9.58 -54.42
C ASP D 107 -0.53 -10.18 -53.01
N VAL D 108 0.05 -9.40 -52.10
CA VAL D 108 0.16 -9.85 -50.70
C VAL D 108 -1.27 -10.12 -50.16
N ARG D 109 -2.16 -9.15 -50.33
CA ARG D 109 -3.56 -9.31 -49.84
C ARG D 109 -4.33 -10.51 -50.47
N ASN D 110 -4.04 -10.79 -51.76
CA ASN D 110 -4.63 -11.96 -52.43
C ASN D 110 -3.94 -13.26 -52.08
N LEU D 111 -2.90 -13.23 -51.24
CA LEU D 111 -2.13 -14.42 -50.95
C LEU D 111 -1.52 -15.05 -52.23
N SER D 112 -1.06 -14.20 -53.10
CA SER D 112 -0.24 -14.58 -54.26
C SER D 112 0.88 -15.43 -53.87
N SER D 113 1.10 -16.46 -54.68
CA SER D 113 2.10 -17.44 -54.36
C SER D 113 3.50 -16.81 -54.34
N LYS D 114 3.79 -15.93 -55.30
CA LYS D 114 5.11 -15.30 -55.33
C LYS D 114 5.38 -14.50 -53.98
N ALA D 115 4.38 -13.75 -53.59
CA ALA D 115 4.41 -12.88 -52.37
C ALA D 115 4.56 -13.66 -51.14
N VAL D 116 3.63 -14.57 -50.90
CA VAL D 116 3.73 -15.47 -49.74
C VAL D 116 5.01 -16.22 -49.54
N ASN D 117 5.56 -16.80 -50.60
N ASN D 117 5.54 -16.88 -50.59
CA ASN D 117 6.78 -17.55 -50.47
CA ASN D 117 6.80 -17.60 -50.46
C ASN D 117 8.00 -16.69 -50.29
C ASN D 117 7.95 -16.65 -50.19
N HIS D 118 7.96 -15.50 -50.85
CA HIS D 118 9.03 -14.54 -50.57
C HIS D 118 8.98 -14.09 -49.15
N ILE D 119 7.77 -13.80 -48.66
CA ILE D 119 7.60 -13.50 -47.22
C ILE D 119 8.11 -14.62 -46.31
N HIS D 120 7.83 -15.87 -46.66
CA HIS D 120 8.36 -16.98 -45.90
C HIS D 120 9.87 -16.92 -45.87
N SER D 121 10.51 -16.60 -47.00
CA SER D 121 12.01 -16.59 -47.05
C SER D 121 12.56 -15.41 -46.23
N VAL D 122 11.86 -14.27 -46.20
CA VAL D 122 12.32 -13.12 -45.35
C VAL D 122 12.23 -13.51 -43.88
N TRP D 123 11.13 -14.18 -43.51
CA TRP D 123 10.97 -14.67 -42.13
C TRP D 123 12.06 -15.64 -41.72
N LYS D 124 12.36 -16.61 -42.61
CA LYS D 124 13.41 -17.60 -42.25
C LYS D 124 14.73 -16.90 -42.12
N ASP D 125 15.00 -15.90 -42.96
CA ASP D 125 16.27 -15.14 -42.86
C ASP D 125 16.35 -14.33 -41.53
N LEU D 126 15.21 -13.77 -41.08
CA LEU D 126 15.21 -13.08 -39.76
C LEU D 126 15.53 -14.06 -38.64
N LEU D 127 15.05 -15.29 -38.75
CA LEU D 127 15.29 -16.22 -37.59
C LEU D 127 16.76 -16.74 -37.61
N GLU D 128 17.35 -16.87 -38.83
CA GLU D 128 18.74 -17.41 -38.92
C GLU D 128 19.81 -16.34 -38.78
N ASP D 129 19.47 -15.08 -39.10
CA ASP D 129 20.46 -14.01 -39.09
C ASP D 129 19.93 -12.90 -38.16
N THR D 130 20.65 -12.63 -37.07
CA THR D 130 20.19 -11.53 -36.13
C THR D 130 21.12 -10.36 -36.20
N VAL D 131 21.93 -10.32 -37.28
CA VAL D 131 23.06 -9.34 -37.31
C VAL D 131 22.99 -8.37 -38.48
N THR D 132 22.77 -8.87 -39.70
CA THR D 132 22.99 -8.05 -40.89
C THR D 132 21.92 -6.88 -40.94
N PRO D 133 22.39 -5.62 -41.04
CA PRO D 133 21.43 -4.51 -41.04
C PRO D 133 20.56 -4.66 -42.29
N ILE D 134 19.27 -4.40 -42.15
CA ILE D 134 18.31 -4.54 -43.24
C ILE D 134 18.24 -3.21 -44.00
N ASP D 135 18.22 -3.29 -45.30
CA ASP D 135 18.16 -2.11 -46.13
C ASP D 135 16.83 -1.35 -45.91
N THR D 136 16.90 -0.04 -46.07
CA THR D 136 15.64 0.78 -46.06
C THR D 136 15.71 1.84 -47.15
N THR D 137 14.52 2.29 -47.61
CA THR D 137 14.46 3.38 -48.59
C THR D 137 14.21 4.67 -47.78
N ILE D 138 14.87 5.76 -48.16
CA ILE D 138 14.63 7.10 -47.56
C ILE D 138 14.01 7.96 -48.68
N MET D 139 12.87 8.55 -48.40
CA MET D 139 12.18 9.43 -49.37
C MET D 139 11.83 10.75 -48.67
N ALA D 140 11.65 11.80 -49.48
CA ALA D 140 11.13 13.05 -48.97
C ALA D 140 9.61 12.96 -49.05
N LYS D 141 8.93 13.30 -47.99
CA LYS D 141 7.49 13.32 -47.96
C LYS D 141 6.98 14.63 -48.61
N ASN D 142 6.04 14.48 -49.51
CA ASN D 142 5.40 15.64 -50.15
C ASN D 142 4.11 15.95 -49.37
N GLU D 143 4.11 17.04 -48.61
CA GLU D 143 2.88 17.50 -47.92
C GLU D 143 2.53 18.96 -48.18
N VAL D 144 1.24 19.30 -48.02
CA VAL D 144 0.73 20.65 -48.30
C VAL D 144 0.65 21.53 -47.05
N PHE D 145 1.03 22.81 -47.18
CA PHE D 145 1.03 23.76 -46.12
C PHE D 145 0.72 25.13 -46.74
N CYS D 146 0.44 26.07 -45.86
CA CYS D 146 0.22 27.45 -46.26
C CYS D 146 1.39 28.28 -45.64
N VAL D 147 1.84 29.29 -46.37
CA VAL D 147 2.84 30.24 -45.86
C VAL D 147 2.29 31.05 -44.69
N GLN D 148 3.14 31.29 -43.68
CA GLN D 148 2.74 32.16 -42.56
C GLN D 148 3.79 33.24 -42.32
N PRO D 149 3.34 34.45 -41.93
CA PRO D 149 4.28 35.47 -41.46
C PRO D 149 4.95 35.02 -40.14
N GLU D 150 4.21 34.28 -39.31
CA GLU D 150 4.74 33.81 -38.04
C GLU D 150 5.92 32.82 -38.20
N LYS D 151 5.86 31.94 -39.19
CA LYS D 151 6.84 30.82 -39.35
C LYS D 151 8.31 31.25 -39.47
N GLY D 152 8.57 32.30 -40.26
CA GLY D 152 9.94 32.76 -40.53
C GLY D 152 10.59 31.95 -41.64
N GLY D 153 9.79 31.11 -42.31
CA GLY D 153 10.24 30.32 -43.45
C GLY D 153 9.26 29.20 -43.77
N ARG D 154 9.27 28.75 -45.03
CA ARG D 154 8.56 27.55 -45.47
C ARG D 154 9.10 26.29 -44.79
N LYS D 155 8.23 25.30 -44.61
CA LYS D 155 8.63 24.02 -44.03
C LYS D 155 9.41 23.16 -45.07
N PRO D 156 10.56 22.61 -44.67
CA PRO D 156 11.22 21.64 -45.55
C PRO D 156 10.47 20.29 -45.45
N ALA D 157 10.60 19.47 -46.51
CA ALA D 157 10.03 18.12 -46.54
C ALA D 157 10.40 17.31 -45.33
N ARG D 158 9.46 16.53 -44.80
CA ARG D 158 9.83 15.47 -43.84
C ARG D 158 10.48 14.29 -44.56
N LEU D 159 11.22 13.49 -43.82
CA LEU D 159 11.92 12.32 -44.41
C LEU D 159 11.25 11.06 -43.91
N ILE D 160 11.08 10.10 -44.82
N ILE D 160 10.98 10.13 -44.83
CA ILE D 160 10.32 8.87 -44.59
CA ILE D 160 10.33 8.88 -44.43
C ILE D 160 11.29 7.70 -44.79
C ILE D 160 11.32 7.76 -44.72
N VAL D 161 11.41 6.79 -43.82
CA VAL D 161 12.37 5.70 -43.92
C VAL D 161 11.60 4.40 -43.71
N PHE D 162 11.71 3.47 -44.66
CA PHE D 162 10.86 2.25 -44.59
C PHE D 162 11.59 1.05 -45.25
N PRO D 163 11.44 -0.13 -44.65
CA PRO D 163 12.03 -1.36 -45.25
C PRO D 163 11.07 -1.87 -46.35
N ASP D 164 11.48 -2.92 -47.03
CA ASP D 164 10.69 -3.47 -48.15
C ASP D 164 9.45 -4.14 -47.64
N LEU D 165 8.43 -4.22 -48.51
CA LEU D 165 7.13 -4.82 -48.18
C LEU D 165 7.18 -6.18 -47.56
N GLY D 166 8.05 -7.09 -48.07
CA GLY D 166 8.20 -8.42 -47.44
C GLY D 166 8.60 -8.29 -45.96
N VAL D 167 9.61 -7.48 -45.66
CA VAL D 167 9.97 -7.18 -44.24
C VAL D 167 8.74 -6.64 -43.45
N ARG D 168 7.99 -5.75 -44.09
CA ARG D 168 6.84 -5.10 -43.37
C ARG D 168 5.83 -6.15 -42.95
N VAL D 169 5.61 -7.17 -43.81
CA VAL D 169 4.62 -8.19 -43.47
C VAL D 169 5.14 -9.02 -42.31
N CYS D 170 6.45 -9.38 -42.31
CA CYS D 170 7.05 -10.11 -41.20
C CYS D 170 6.97 -9.30 -39.91
N GLU D 171 7.13 -7.98 -40.02
CA GLU D 171 6.97 -7.20 -38.76
C GLU D 171 5.58 -7.49 -38.13
N LYS D 172 4.55 -7.44 -38.95
CA LYS D 172 3.19 -7.74 -38.49
C LYS D 172 3.08 -9.16 -37.83
N MET D 173 3.65 -10.16 -38.51
CA MET D 173 3.71 -11.51 -37.92
C MET D 173 4.18 -11.51 -36.51
N ALA D 174 5.30 -10.82 -36.25
CA ALA D 174 5.98 -10.93 -34.98
C ALA D 174 5.31 -9.99 -33.96
N LEU D 175 4.83 -8.84 -34.47
CA LEU D 175 4.49 -7.72 -33.55
C LEU D 175 3.17 -7.04 -33.68
N TYR D 176 2.35 -7.40 -34.66
CA TYR D 176 1.06 -6.70 -34.79
C TYR D 176 0.22 -6.85 -33.52
N ASP D 177 0.14 -8.08 -32.97
CA ASP D 177 -0.64 -8.27 -31.73
C ASP D 177 -0.01 -7.52 -30.50
N VAL D 178 1.32 -7.50 -30.41
CA VAL D 178 1.99 -6.69 -29.38
C VAL D 178 1.63 -5.23 -29.50
N VAL D 179 1.88 -4.61 -30.66
CA VAL D 179 1.60 -3.11 -30.76
C VAL D 179 0.15 -2.78 -30.64
N SER D 180 -0.71 -3.78 -30.81
CA SER D 180 -2.17 -3.59 -30.78
C SER D 180 -2.74 -3.79 -29.40
N THR D 181 -1.99 -4.39 -28.49
CA THR D 181 -2.57 -4.72 -27.17
C THR D 181 -1.68 -4.33 -25.97
N LEU D 182 -0.36 -4.28 -26.18
N LEU D 182 -0.35 -4.27 -26.17
CA LEU D 182 0.56 -3.99 -25.09
CA LEU D 182 0.58 -3.98 -25.07
C LEU D 182 0.47 -2.54 -24.51
C LEU D 182 0.58 -2.53 -24.50
N PRO D 183 0.51 -1.50 -25.37
CA PRO D 183 0.56 -0.12 -24.84
C PRO D 183 -0.57 0.24 -23.85
N GLN D 184 -1.77 -0.22 -24.09
N GLN D 184 -1.77 -0.21 -24.12
CA GLN D 184 -2.91 0.10 -23.22
CA GLN D 184 -2.94 0.02 -23.27
C GLN D 184 -2.78 -0.60 -21.86
C GLN D 184 -2.71 -0.57 -21.89
N VAL D 185 -2.20 -1.80 -21.86
CA VAL D 185 -1.93 -2.48 -20.57
C VAL D 185 -0.85 -1.72 -19.79
N VAL D 186 0.20 -1.30 -20.48
CA VAL D 186 1.36 -0.67 -19.78
C VAL D 186 0.97 0.72 -19.27
N MET D 187 0.22 1.47 -20.09
CA MET D 187 0.06 2.92 -19.84
C MET D 187 -1.34 3.33 -19.39
N GLY D 188 -2.30 2.40 -19.51
CA GLY D 188 -3.69 2.63 -18.96
C GLY D 188 -4.30 3.86 -19.64
N SER D 189 -4.85 4.78 -18.84
N SER D 189 -4.86 4.78 -18.83
CA SER D 189 -5.55 5.95 -19.41
CA SER D 189 -5.57 5.93 -19.41
C SER D 189 -4.61 6.96 -20.08
C SER D 189 -4.62 6.96 -20.08
N SER D 190 -3.31 6.84 -19.83
CA SER D 190 -2.32 7.76 -20.44
C SER D 190 -2.14 7.42 -21.94
N TYR D 191 -2.58 6.23 -22.34
CA TYR D 191 -2.32 5.75 -23.75
C TYR D 191 -3.27 6.46 -24.73
N GLY D 192 -2.73 7.40 -25.52
CA GLY D 192 -3.62 8.22 -26.33
C GLY D 192 -4.37 7.57 -27.47
N PHE D 193 -3.81 6.53 -28.09
CA PHE D 193 -4.46 5.97 -29.30
C PHE D 193 -5.69 5.17 -28.99
N GLN D 194 -5.98 4.92 -27.72
CA GLN D 194 -7.25 4.23 -27.41
C GLN D 194 -8.46 5.18 -27.52
N TYR D 195 -8.22 6.48 -27.63
CA TYR D 195 -9.29 7.46 -27.59
C TYR D 195 -9.77 7.99 -28.97
N SER D 196 -11.09 8.05 -29.14
CA SER D 196 -11.70 8.96 -30.14
C SER D 196 -11.50 10.44 -29.61
N PRO D 197 -11.82 11.44 -30.48
CA PRO D 197 -11.76 12.82 -29.99
C PRO D 197 -12.70 13.04 -28.82
N GLY D 198 -13.89 12.43 -28.90
CA GLY D 198 -14.89 12.59 -27.78
C GLY D 198 -14.27 12.09 -26.50
N GLN D 199 -13.63 10.94 -26.56
CA GLN D 199 -12.97 10.33 -25.37
C GLN D 199 -11.74 11.03 -24.92
N ARG D 200 -10.95 11.56 -25.86
CA ARG D 200 -9.75 12.35 -25.47
C ARG D 200 -10.15 13.62 -24.76
N VAL D 201 -11.15 14.34 -25.29
CA VAL D 201 -11.47 15.63 -24.72
C VAL D 201 -12.11 15.30 -23.31
N GLU D 202 -12.87 14.19 -23.20
CA GLU D 202 -13.44 13.81 -21.88
C GLU D 202 -12.33 13.53 -20.86
N PHE D 203 -11.31 12.74 -21.27
CA PHE D 203 -10.20 12.46 -20.38
C PHE D 203 -9.44 13.75 -19.99
N LEU D 204 -9.18 14.62 -20.96
CA LEU D 204 -8.43 15.87 -20.61
C LEU D 204 -9.23 16.72 -19.64
N VAL D 205 -10.51 16.98 -19.97
CA VAL D 205 -11.32 17.84 -19.13
C VAL D 205 -11.53 17.24 -17.72
N ASN D 206 -11.83 15.91 -17.66
CA ASN D 206 -12.06 15.33 -16.27
C ASN D 206 -10.72 15.27 -15.48
N THR D 207 -9.60 15.01 -16.14
CA THR D 207 -8.29 15.08 -15.50
C THR D 207 -8.06 16.53 -14.96
N TRP D 208 -8.34 17.51 -15.77
CA TRP D 208 -8.20 18.89 -15.30
C TRP D 208 -9.13 19.19 -14.16
N LYS D 209 -10.38 18.77 -14.25
CA LYS D 209 -11.37 18.98 -13.17
C LYS D 209 -11.05 18.24 -11.86
N SER D 210 -10.32 17.16 -11.95
CA SER D 210 -10.00 16.35 -10.78
C SER D 210 -8.93 16.97 -9.90
N LYS D 211 -8.14 17.91 -10.41
CA LYS D 211 -7.06 18.51 -9.60
C LYS D 211 -7.64 19.60 -8.69
N LYS D 212 -7.08 19.71 -7.46
CA LYS D 212 -7.50 20.81 -6.56
C LYS D 212 -7.11 22.15 -7.15
N ASN D 213 -5.93 22.20 -7.76
CA ASN D 213 -5.39 23.46 -8.28
C ASN D 213 -4.54 23.10 -9.53
N PRO D 214 -5.19 22.93 -10.71
CA PRO D 214 -4.50 22.26 -11.84
C PRO D 214 -3.47 23.16 -12.50
N MET D 215 -2.42 22.54 -12.98
CA MET D 215 -1.50 23.24 -13.87
C MET D 215 -1.23 22.18 -14.94
N GLY D 216 -1.03 22.63 -16.18
CA GLY D 216 -0.70 21.62 -17.23
C GLY D 216 0.26 22.20 -18.25
N PHE D 217 0.89 21.33 -19.03
CA PHE D 217 1.71 21.82 -20.13
C PHE D 217 1.82 20.72 -21.21
N SER D 218 2.06 21.20 -22.44
CA SER D 218 2.52 20.30 -23.45
C SER D 218 4.06 20.34 -23.52
N TYR D 219 4.66 19.23 -23.90
CA TYR D 219 6.11 19.22 -23.98
C TYR D 219 6.43 18.77 -25.44
N ASP D 220 7.08 19.68 -26.18
CA ASP D 220 7.45 19.42 -27.57
C ASP D 220 8.91 18.98 -27.58
N THR D 221 9.15 17.72 -27.93
CA THR D 221 10.50 17.25 -28.05
C THR D 221 10.95 17.69 -29.47
N ARG D 222 12.20 18.14 -29.58
CA ARG D 222 12.66 18.65 -30.91
C ARG D 222 13.04 17.39 -31.75
N CYS D 223 12.35 17.18 -32.87
N CYS D 223 12.32 17.17 -32.85
CA CYS D 223 12.64 16.03 -33.84
CA CYS D 223 12.59 16.07 -33.81
C CYS D 223 12.66 14.71 -33.06
C CYS D 223 12.65 14.74 -33.07
N PHE D 224 11.53 14.34 -32.44
CA PHE D 224 11.52 13.16 -31.56
C PHE D 224 12.17 11.90 -32.14
N ASP D 225 11.86 11.57 -33.40
CA ASP D 225 12.42 10.31 -34.00
C ASP D 225 13.94 10.31 -33.98
N SER D 226 14.56 11.48 -34.20
CA SER D 226 16.06 11.59 -34.19
C SER D 226 16.62 11.49 -32.79
N THR D 227 15.82 11.85 -31.76
CA THR D 227 16.27 11.75 -30.44
C THR D 227 16.21 10.34 -29.85
N VAL D 228 15.52 9.44 -30.55
CA VAL D 228 15.39 8.06 -30.05
C VAL D 228 16.76 7.35 -30.26
N THR D 229 17.34 6.85 -29.17
CA THR D 229 18.67 6.24 -29.27
C THR D 229 18.56 4.73 -29.53
N GLU D 230 19.68 4.08 -29.90
CA GLU D 230 19.66 2.63 -30.01
C GLU D 230 19.33 1.97 -28.65
N ASN D 231 19.87 2.53 -27.55
N ASN D 231 19.82 2.55 -27.57
CA ASN D 231 19.53 2.10 -26.16
CA ASN D 231 19.46 2.05 -26.25
C ASN D 231 17.98 2.13 -25.96
C ASN D 231 17.95 2.12 -25.98
N ASP D 232 17.35 3.26 -26.32
CA ASP D 232 15.90 3.40 -26.22
C ASP D 232 15.20 2.26 -26.98
N ILE D 233 15.69 1.97 -28.19
CA ILE D 233 15.08 0.92 -29.02
C ILE D 233 15.28 -0.51 -28.47
N ARG D 234 16.43 -0.75 -27.84
CA ARG D 234 16.60 -2.00 -27.13
C ARG D 234 15.79 -2.09 -25.85
N VAL D 235 15.59 -0.96 -25.18
CA VAL D 235 14.73 -0.92 -23.98
C VAL D 235 13.30 -1.27 -24.43
N GLU D 236 12.84 -0.66 -25.54
N GLU D 236 12.88 -0.65 -25.52
CA GLU D 236 11.51 -1.01 -26.10
CA GLU D 236 11.59 -0.94 -26.12
C GLU D 236 11.42 -2.52 -26.35
C GLU D 236 11.44 -2.47 -26.36
N GLU D 237 12.46 -3.08 -26.97
CA GLU D 237 12.46 -4.50 -27.16
C GLU D 237 12.34 -5.28 -25.82
N SER D 238 13.13 -4.88 -24.81
CA SER D 238 13.02 -5.53 -23.49
C SER D 238 11.60 -5.58 -22.96
N ILE D 239 10.83 -4.50 -23.21
CA ILE D 239 9.40 -4.43 -22.85
C ILE D 239 8.54 -5.41 -23.61
N TYR D 240 8.68 -5.40 -24.95
CA TYR D 240 7.99 -6.42 -25.79
C TYR D 240 8.32 -7.83 -25.31
N GLN D 241 9.58 -8.08 -24.98
CA GLN D 241 9.98 -9.47 -24.58
C GLN D 241 9.40 -9.87 -23.20
N CYS D 242 8.92 -8.91 -22.38
CA CYS D 242 8.19 -9.30 -21.14
C CYS D 242 6.86 -10.00 -21.45
N CYS D 243 6.28 -9.75 -22.61
CA CYS D 243 5.09 -10.48 -23.04
C CYS D 243 5.35 -12.03 -23.06
N ASP D 244 4.29 -12.76 -22.90
CA ASP D 244 4.29 -14.21 -23.13
C ASP D 244 4.15 -14.36 -24.64
N LEU D 245 5.23 -14.79 -25.27
CA LEU D 245 5.31 -14.86 -26.76
C LEU D 245 5.79 -16.26 -27.22
N ALA D 246 5.44 -16.67 -28.44
CA ALA D 246 6.04 -17.89 -29.06
C ALA D 246 7.55 -17.75 -29.22
N PRO D 247 8.32 -18.86 -29.07
CA PRO D 247 9.76 -18.79 -29.29
C PRO D 247 10.16 -18.13 -30.62
N GLU D 248 9.47 -18.45 -31.71
CA GLU D 248 9.79 -17.85 -33.02
C GLU D 248 9.57 -16.33 -33.04
N ALA D 249 8.55 -15.88 -32.27
CA ALA D 249 8.26 -14.44 -32.13
C ALA D 249 9.37 -13.76 -31.39
N ARG D 250 9.93 -14.40 -30.35
CA ARG D 250 10.95 -13.75 -29.61
C ARG D 250 12.17 -13.57 -30.47
N GLN D 251 12.52 -14.62 -31.25
CA GLN D 251 13.68 -14.54 -32.09
C GLN D 251 13.49 -13.43 -33.16
N ALA D 252 12.35 -13.44 -33.84
CA ALA D 252 12.08 -12.40 -34.87
C ALA D 252 12.12 -10.98 -34.31
N ILE D 253 11.58 -10.81 -33.11
CA ILE D 253 11.57 -9.48 -32.49
C ILE D 253 13.01 -9.02 -32.18
N LYS D 254 13.85 -9.95 -31.72
N LYS D 254 13.85 -9.95 -31.70
CA LYS D 254 15.24 -9.63 -31.52
CA LYS D 254 15.28 -9.66 -31.51
C LYS D 254 15.93 -9.30 -32.81
C LYS D 254 15.92 -9.28 -32.82
N SER D 255 15.69 -10.10 -33.86
CA SER D 255 16.33 -9.88 -35.17
C SER D 255 15.88 -8.50 -35.74
N LEU D 256 14.57 -8.26 -35.74
CA LEU D 256 14.04 -6.98 -36.27
C LEU D 256 14.64 -5.81 -35.47
N THR D 257 14.78 -5.98 -34.15
CA THR D 257 15.34 -4.90 -33.36
C THR D 257 16.76 -4.63 -33.82
N GLU D 258 17.57 -5.70 -33.90
CA GLU D 258 18.99 -5.46 -34.16
C GLU D 258 19.31 -5.10 -35.61
N ARG D 259 18.49 -5.59 -36.55
CA ARG D 259 18.75 -5.43 -37.97
C ARG D 259 18.00 -4.27 -38.60
N LEU D 260 16.88 -3.85 -37.98
CA LEU D 260 16.06 -2.82 -38.58
C LEU D 260 15.77 -1.66 -37.60
N TYR D 261 15.19 -1.98 -36.44
CA TYR D 261 14.67 -0.90 -35.59
C TYR D 261 15.79 0.00 -35.06
N ILE D 262 16.92 -0.57 -34.65
CA ILE D 262 18.01 0.25 -34.06
C ILE D 262 18.75 1.09 -35.11
N GLY D 263 18.58 0.77 -36.39
CA GLY D 263 19.28 1.53 -37.39
C GLY D 263 19.65 0.67 -38.59
N GLY D 264 20.29 1.30 -39.56
CA GLY D 264 20.67 0.57 -40.79
C GLY D 264 20.91 1.55 -41.95
N PRO D 265 21.30 1.01 -43.13
CA PRO D 265 21.66 1.84 -44.28
C PRO D 265 20.41 2.46 -44.96
N LEU D 266 20.61 3.62 -45.58
CA LEU D 266 19.54 4.38 -46.25
C LEU D 266 19.82 4.39 -47.74
N THR D 267 18.83 3.97 -48.52
CA THR D 267 18.99 3.93 -49.96
C THR D 267 17.96 4.85 -50.58
N ASN D 268 18.38 5.68 -51.54
CA ASN D 268 17.40 6.52 -52.29
C ASN D 268 16.63 5.72 -53.34
N SER D 269 15.65 6.36 -53.97
CA SER D 269 14.82 5.74 -54.99
C SER D 269 15.62 5.26 -56.20
N LYS D 270 16.83 5.79 -56.37
CA LYS D 270 17.69 5.44 -57.52
C LYS D 270 18.65 4.29 -57.12
N GLY D 271 18.57 3.84 -55.87
CA GLY D 271 19.40 2.70 -55.39
C GLY D 271 20.79 3.09 -54.94
N GLN D 272 21.04 4.39 -54.80
CA GLN D 272 22.30 4.88 -54.28
C GLN D 272 22.29 4.86 -52.76
N ASN D 273 23.43 4.56 -52.16
CA ASN D 273 23.62 4.63 -50.73
C ASN D 273 23.66 6.08 -50.24
N CYS D 274 22.64 6.46 -49.44
CA CYS D 274 22.52 7.83 -48.89
C CYS D 274 23.18 7.99 -47.55
N GLY D 275 23.36 6.90 -46.83
CA GLY D 275 24.00 7.00 -45.50
C GLY D 275 23.44 5.99 -44.52
N TYR D 276 23.37 6.37 -43.26
CA TYR D 276 23.11 5.38 -42.21
C TYR D 276 22.31 6.03 -41.07
N ARG D 277 21.29 5.32 -40.61
CA ARG D 277 20.39 5.79 -39.54
C ARG D 277 20.73 5.08 -38.23
N ARG D 278 20.73 5.81 -37.10
CA ARG D 278 20.87 5.23 -35.79
C ARG D 278 19.76 5.75 -34.83
N CYS D 279 18.57 5.92 -35.37
CA CYS D 279 17.49 6.47 -34.55
C CYS D 279 16.21 5.83 -35.06
N ARG D 280 15.05 6.35 -34.67
CA ARG D 280 13.75 5.73 -35.12
C ARG D 280 13.56 5.94 -36.62
N ALA D 281 13.21 4.85 -37.34
CA ALA D 281 12.64 4.92 -38.71
C ALA D 281 11.15 5.32 -38.63
N SER D 282 10.72 6.25 -39.46
CA SER D 282 9.31 6.64 -39.47
C SER D 282 8.36 5.57 -39.94
N GLY D 283 8.81 4.69 -40.87
CA GLY D 283 7.91 3.77 -41.54
C GLY D 283 8.05 2.31 -41.14
N VAL D 284 8.38 2.06 -39.89
CA VAL D 284 8.33 0.69 -39.37
C VAL D 284 7.08 0.42 -38.56
N LEU D 285 6.76 -0.86 -38.29
CA LEU D 285 5.50 -1.14 -37.60
C LEU D 285 5.44 -0.54 -36.16
N THR D 286 6.60 -0.55 -35.48
CA THR D 286 6.66 -0.19 -34.05
C THR D 286 6.82 1.32 -33.81
N THR D 287 6.85 2.15 -34.86
CA THR D 287 7.11 3.59 -34.64
C THR D 287 6.07 4.24 -33.67
N SER D 288 4.77 4.13 -33.94
CA SER D 288 3.80 4.82 -33.04
C SER D 288 3.80 4.19 -31.64
N CYS D 289 3.77 2.85 -31.53
CA CYS D 289 3.80 2.18 -30.22
C CYS D 289 5.14 2.46 -29.51
N GLY D 290 6.26 2.33 -30.26
CA GLY D 290 7.59 2.64 -29.62
C GLY D 290 7.71 4.08 -29.14
N ASN D 291 7.25 5.05 -29.96
CA ASN D 291 7.41 6.42 -29.57
C ASN D 291 6.53 6.66 -28.36
N THR D 292 5.33 6.05 -28.32
CA THR D 292 4.42 6.30 -27.18
C THR D 292 5.08 5.77 -25.91
N LEU D 293 5.51 4.50 -25.95
CA LEU D 293 6.15 3.91 -24.77
C LEU D 293 7.36 4.69 -24.34
N THR D 294 8.18 5.12 -25.28
CA THR D 294 9.44 5.84 -24.96
C THR D 294 9.19 7.22 -24.35
N CYS D 295 8.30 7.97 -24.98
CA CYS D 295 7.91 9.28 -24.49
C CYS D 295 7.32 9.11 -23.08
N TYR D 296 6.46 8.11 -22.89
CA TYR D 296 5.77 7.92 -21.60
C TYR D 296 6.82 7.53 -20.53
N LEU D 297 7.76 6.64 -20.93
CA LEU D 297 8.84 6.31 -19.95
C LEU D 297 9.65 7.52 -19.52
N LYS D 298 10.19 8.26 -20.47
CA LYS D 298 10.98 9.46 -20.19
C LYS D 298 10.21 10.52 -19.43
N ALA D 299 8.95 10.80 -19.86
CA ALA D 299 8.20 11.78 -19.18
C ALA D 299 7.80 11.37 -17.77
N SER D 300 7.41 10.10 -17.56
CA SER D 300 7.04 9.68 -16.23
C SER D 300 8.29 9.79 -15.27
N ALA D 301 9.46 9.41 -15.78
CA ALA D 301 10.72 9.52 -14.99
C ALA D 301 11.00 10.98 -14.73
N ALA D 302 10.86 11.84 -15.75
CA ALA D 302 11.09 13.28 -15.57
C ALA D 302 10.12 13.95 -14.56
N CYS D 303 8.85 13.52 -14.54
N CYS D 303 8.86 13.50 -14.51
CA CYS D 303 7.87 13.96 -13.54
CA CYS D 303 7.90 13.96 -13.51
C CYS D 303 8.45 13.68 -12.11
C CYS D 303 8.39 13.65 -12.07
N ARG D 304 9.03 12.49 -11.92
CA ARG D 304 9.59 12.08 -10.62
C ARG D 304 10.82 12.90 -10.28
N ALA D 305 11.64 13.17 -11.29
CA ALA D 305 12.82 14.03 -11.11
C ALA D 305 12.46 15.44 -10.70
N ALA D 306 11.41 16.00 -11.33
CA ALA D 306 10.97 17.34 -11.08
C ALA D 306 10.08 17.47 -9.85
N LYS D 307 9.70 16.35 -9.27
CA LYS D 307 8.80 16.30 -8.11
C LYS D 307 7.46 16.93 -8.40
N LEU D 308 6.96 16.78 -9.63
CA LEU D 308 5.65 17.27 -9.97
C LEU D 308 4.66 16.48 -9.10
N GLN D 309 3.61 17.15 -8.68
CA GLN D 309 2.63 16.51 -7.81
C GLN D 309 1.47 15.92 -8.60
N ASP D 310 1.22 14.63 -8.40
CA ASP D 310 0.05 13.99 -9.03
C ASP D 310 0.01 14.24 -10.56
N CYS D 311 1.08 13.89 -11.23
N CYS D 311 1.09 13.89 -11.23
CA CYS D 311 1.24 14.18 -12.67
CA CYS D 311 1.18 14.02 -12.68
C CYS D 311 0.53 13.13 -13.55
C CYS D 311 0.27 13.04 -13.33
N THR D 312 -0.53 13.54 -14.28
CA THR D 312 -1.28 12.63 -15.15
C THR D 312 -0.74 12.90 -16.54
N MET D 313 -0.21 11.86 -17.19
CA MET D 313 0.35 11.97 -18.54
C MET D 313 -0.71 11.56 -19.55
N LEU D 314 -0.60 12.15 -20.74
CA LEU D 314 -1.45 11.71 -21.89
C LEU D 314 -0.51 11.71 -23.06
N VAL D 315 -0.22 10.53 -23.60
CA VAL D 315 0.90 10.43 -24.57
C VAL D 315 0.31 9.84 -25.88
N ASN D 316 0.62 10.47 -27.00
CA ASN D 316 0.13 9.98 -28.31
C ASN D 316 1.31 10.00 -29.26
N GLY D 317 1.98 8.87 -29.42
CA GLY D 317 3.25 8.88 -30.16
C GLY D 317 4.29 9.77 -29.46
N ASP D 318 4.82 10.77 -30.20
CA ASP D 318 5.74 11.72 -29.55
C ASP D 318 5.04 12.90 -28.85
N ASP D 319 3.69 12.98 -28.93
CA ASP D 319 2.99 14.07 -28.39
C ASP D 319 2.75 13.84 -26.89
N LEU D 320 3.06 14.83 -26.11
CA LEU D 320 3.01 14.68 -24.61
C LEU D 320 2.28 15.84 -23.97
N VAL D 321 1.27 15.53 -23.14
N VAL D 321 1.25 15.57 -23.14
CA VAL D 321 0.60 16.50 -22.28
CA VAL D 321 0.65 16.64 -22.34
C VAL D 321 0.83 16.00 -20.88
C VAL D 321 0.55 16.12 -20.91
N VAL D 322 0.95 16.95 -19.94
CA VAL D 322 0.96 16.58 -18.50
C VAL D 322 0.02 17.53 -17.76
N ILE D 323 -0.84 16.97 -16.89
CA ILE D 323 -1.74 17.77 -16.03
C ILE D 323 -1.42 17.37 -14.60
N CYS D 324 -1.20 18.34 -13.73
N CYS D 324 -1.13 18.34 -13.73
CA CYS D 324 -0.72 18.02 -12.39
CA CYS D 324 -0.69 18.02 -12.37
C CYS D 324 -1.30 19.00 -11.39
C CYS D 324 -1.39 18.91 -11.38
N GLU D 325 -0.93 18.80 -10.12
CA GLU D 325 -1.34 19.71 -9.06
C GLU D 325 -0.37 20.87 -9.01
N SER D 326 -0.86 22.12 -9.09
CA SER D 326 0.04 23.28 -8.99
C SER D 326 0.70 23.32 -7.58
N ALA D 327 2.00 23.59 -7.53
CA ALA D 327 2.67 23.85 -6.27
C ALA D 327 2.84 25.37 -5.99
N GLY D 328 2.25 26.18 -6.84
CA GLY D 328 2.39 27.64 -6.77
C GLY D 328 3.07 28.07 -8.05
N THR D 329 2.84 29.31 -8.47
CA THR D 329 3.28 29.72 -9.80
C THR D 329 4.80 29.69 -9.94
N GLN D 330 5.53 30.20 -8.94
CA GLN D 330 6.99 30.15 -8.93
C GLN D 330 7.53 28.73 -8.87
N GLU D 331 6.89 27.91 -8.03
CA GLU D 331 7.31 26.53 -7.85
C GLU D 331 7.07 25.72 -9.20
N ASP D 332 5.94 25.99 -9.84
CA ASP D 332 5.60 25.27 -11.12
C ASP D 332 6.63 25.66 -12.15
N ALA D 333 6.98 26.94 -12.25
CA ALA D 333 7.93 27.35 -13.27
C ALA D 333 9.30 26.72 -13.06
N ALA D 334 9.74 26.68 -11.79
CA ALA D 334 10.99 26.01 -11.49
C ALA D 334 10.98 24.47 -11.74
N SER D 335 9.90 23.81 -11.32
N SER D 335 9.89 23.82 -11.32
CA SER D 335 9.78 22.36 -11.50
CA SER D 335 9.75 22.37 -11.49
C SER D 335 9.72 21.96 -12.98
C SER D 335 9.70 21.97 -12.97
N LEU D 336 9.11 22.81 -13.80
CA LEU D 336 9.01 22.53 -15.25
C LEU D 336 10.45 22.63 -15.88
N ARG D 337 11.28 23.56 -15.39
CA ARG D 337 12.67 23.61 -15.85
C ARG D 337 13.41 22.35 -15.47
N VAL D 338 13.17 21.82 -14.27
CA VAL D 338 13.83 20.57 -13.89
C VAL D 338 13.31 19.41 -14.74
N PHE D 339 12.01 19.40 -14.97
CA PHE D 339 11.41 18.31 -15.83
C PHE D 339 12.11 18.31 -17.18
N THR D 340 12.28 19.49 -17.76
CA THR D 340 12.92 19.67 -19.05
C THR D 340 14.38 19.26 -19.03
N GLU D 341 15.11 19.66 -17.95
CA GLU D 341 16.49 19.11 -17.82
C GLU D 341 16.56 17.60 -17.71
N ALA D 342 15.61 16.95 -17.00
CA ALA D 342 15.58 15.49 -16.92
C ALA D 342 15.27 14.90 -18.31
N MET D 343 14.25 15.46 -19.01
CA MET D 343 13.98 14.93 -20.38
C MET D 343 15.25 15.11 -21.26
N THR D 344 15.94 16.26 -21.11
CA THR D 344 17.13 16.51 -21.94
C THR D 344 18.17 15.44 -21.64
N ARG D 345 18.37 15.13 -20.35
CA ARG D 345 19.36 14.12 -19.98
C ARG D 345 18.94 12.77 -20.62
N TYR D 346 17.64 12.56 -20.77
CA TYR D 346 17.12 11.28 -21.29
C TYR D 346 17.14 11.24 -22.82
N SER D 347 17.69 12.28 -23.43
CA SER D 347 17.70 12.44 -24.88
C SER D 347 16.31 12.75 -25.44
N ALA D 348 15.59 13.61 -24.74
CA ALA D 348 14.41 14.24 -25.34
C ALA D 348 14.40 15.72 -25.03
N PRO D 349 15.37 16.49 -25.55
CA PRO D 349 15.36 17.94 -25.35
C PRO D 349 14.21 18.62 -26.05
N PRO D 350 13.79 19.82 -25.58
CA PRO D 350 12.63 20.45 -26.14
C PRO D 350 12.89 21.27 -27.40
N GLY D 351 11.88 21.45 -28.23
CA GLY D 351 11.87 22.47 -29.29
C GLY D 351 11.49 23.79 -28.66
N ASP D 352 10.22 24.05 -28.58
CA ASP D 352 9.70 25.18 -27.77
C ASP D 352 9.94 24.84 -26.30
N PRO D 353 10.54 25.73 -25.52
CA PRO D 353 10.62 25.43 -24.09
C PRO D 353 9.15 25.36 -23.53
N PRO D 354 8.86 24.39 -22.65
CA PRO D 354 7.50 24.21 -22.15
C PRO D 354 7.09 25.34 -21.24
N GLN D 355 5.79 25.64 -21.20
CA GLN D 355 5.35 26.68 -20.26
C GLN D 355 4.15 26.19 -19.43
N PRO D 356 4.11 26.55 -18.13
CA PRO D 356 2.94 26.18 -17.34
C PRO D 356 1.69 26.87 -17.84
N GLU D 357 0.52 26.20 -17.81
CA GLU D 357 -0.72 26.89 -18.14
C GLU D 357 -1.71 26.56 -17.04
N TYR D 358 -2.67 27.46 -16.80
CA TYR D 358 -3.63 27.31 -15.72
C TYR D 358 -4.97 27.41 -16.28
N ASP D 359 -5.03 27.22 -17.60
CA ASP D 359 -6.34 27.16 -18.29
C ASP D 359 -6.17 26.06 -19.32
N LEU D 360 -7.02 25.04 -19.25
CA LEU D 360 -6.86 23.87 -20.13
C LEU D 360 -6.94 24.31 -21.64
N GLU D 361 -7.79 25.31 -21.92
CA GLU D 361 -7.99 25.75 -23.32
C GLU D 361 -6.74 26.32 -23.96
N LEU D 362 -5.77 26.74 -23.14
CA LEU D 362 -4.54 27.36 -23.63
C LEU D 362 -3.48 26.32 -24.01
N ILE D 363 -3.71 25.03 -23.72
CA ILE D 363 -2.70 24.03 -24.05
C ILE D 363 -3.00 23.46 -25.46
N THR D 364 -1.93 23.39 -26.29
CA THR D 364 -2.02 22.76 -27.60
C THR D 364 -1.35 21.43 -27.50
N SER D 365 -2.09 20.36 -27.87
CA SER D 365 -1.48 18.98 -27.89
C SER D 365 -2.21 18.23 -28.99
N CYS D 366 -1.48 17.37 -29.68
CA CYS D 366 -1.96 16.74 -30.92
C CYS D 366 -2.49 17.88 -31.84
N SER D 367 -1.75 19.03 -31.85
CA SER D 367 -2.05 20.19 -32.73
C SER D 367 -3.38 20.83 -32.39
N SER D 368 -3.97 20.50 -31.25
CA SER D 368 -5.38 20.82 -31.03
C SER D 368 -5.52 21.44 -29.66
N ASN D 369 -6.58 22.20 -29.43
CA ASN D 369 -6.83 22.77 -28.09
C ASN D 369 -8.28 22.49 -27.75
N VAL D 370 -8.57 22.35 -26.45
CA VAL D 370 -9.96 22.25 -25.96
C VAL D 370 -10.68 23.60 -26.09
N SER D 371 -11.95 23.57 -26.53
CA SER D 371 -12.79 24.78 -26.59
C SER D 371 -14.17 24.38 -26.16
N VAL D 372 -15.07 25.35 -25.94
CA VAL D 372 -16.35 25.02 -25.43
C VAL D 372 -17.43 25.66 -26.33
N ALA D 373 -18.56 24.94 -26.41
CA ALA D 373 -19.70 25.44 -27.15
C ALA D 373 -20.90 24.96 -26.36
N HIS D 374 -22.10 25.14 -26.92
CA HIS D 374 -23.32 24.66 -26.28
C HIS D 374 -24.13 23.76 -27.16
N ASP D 375 -24.72 22.70 -26.61
CA ASP D 375 -25.54 21.82 -27.40
C ASP D 375 -27.03 22.29 -27.43
N ALA D 376 -27.90 21.48 -28.01
CA ALA D 376 -29.33 21.86 -28.23
C ALA D 376 -30.08 22.18 -26.93
N SER D 377 -29.68 21.54 -25.83
CA SER D 377 -30.30 21.83 -24.52
C SER D 377 -29.57 22.93 -23.72
N GLY D 378 -28.64 23.66 -24.33
CA GLY D 378 -27.96 24.78 -23.65
C GLY D 378 -26.73 24.34 -22.82
N LYS D 379 -26.55 23.02 -22.69
CA LYS D 379 -25.47 22.48 -21.84
C LYS D 379 -24.09 22.76 -22.50
N ARG D 380 -23.10 23.10 -21.69
CA ARG D 380 -21.70 23.24 -22.14
C ARG D 380 -21.17 21.90 -22.67
N VAL D 381 -20.51 21.93 -23.84
CA VAL D 381 -19.87 20.73 -24.40
C VAL D 381 -18.47 21.14 -24.78
N TYR D 382 -17.51 20.30 -24.37
CA TYR D 382 -16.11 20.59 -24.69
C TYR D 382 -15.80 19.81 -25.90
N TYR D 383 -14.92 20.34 -26.74
CA TYR D 383 -14.51 19.61 -27.95
C TYR D 383 -13.11 20.06 -28.36
N LEU D 384 -12.46 19.31 -29.26
CA LEU D 384 -11.13 19.68 -29.70
C LEU D 384 -11.17 20.43 -31.01
N THR D 385 -10.34 21.45 -31.13
CA THR D 385 -10.29 22.20 -32.39
C THR D 385 -8.88 22.59 -32.65
N ARG D 386 -8.61 23.27 -33.76
CA ARG D 386 -7.25 23.73 -34.11
C ARG D 386 -7.38 24.89 -35.05
N ASP D 387 -6.26 25.61 -35.25
CA ASP D 387 -6.24 26.64 -36.24
C ASP D 387 -6.51 25.94 -37.60
N PRO D 388 -7.49 26.44 -38.41
CA PRO D 388 -7.94 25.71 -39.57
C PRO D 388 -7.07 25.95 -40.80
N THR D 389 -5.98 26.71 -40.65
CA THR D 389 -5.10 27.07 -41.81
C THR D 389 -4.61 25.93 -42.64
N THR D 390 -4.00 24.95 -41.99
CA THR D 390 -3.47 23.82 -42.75
C THR D 390 -4.56 22.94 -43.32
N PRO D 391 -5.60 22.63 -42.51
CA PRO D 391 -6.72 21.86 -43.09
C PRO D 391 -7.33 22.52 -44.36
N LEU D 392 -7.51 23.83 -44.33
CA LEU D 392 -8.14 24.54 -45.49
C LEU D 392 -7.16 24.56 -46.73
N ALA D 393 -5.89 24.80 -46.50
CA ALA D 393 -4.88 24.74 -47.61
C ALA D 393 -4.85 23.37 -48.27
N ARG D 394 -4.85 22.33 -47.44
CA ARG D 394 -4.90 21.00 -47.97
C ARG D 394 -6.21 20.68 -48.68
N ALA D 395 -7.30 21.22 -48.11
CA ALA D 395 -8.61 21.06 -48.82
C ALA D 395 -8.60 21.68 -50.23
N ALA D 396 -8.01 22.86 -50.33
CA ALA D 396 -7.93 23.58 -51.64
C ALA D 396 -7.11 22.71 -52.63
N TRP D 397 -6.01 22.17 -52.13
CA TRP D 397 -5.16 21.29 -52.93
C TRP D 397 -5.91 20.07 -53.42
N GLU D 398 -6.66 19.43 -52.52
CA GLU D 398 -7.36 18.19 -52.83
C GLU D 398 -8.57 18.44 -53.76
N THR D 399 -9.08 19.67 -53.76
CA THR D 399 -10.14 20.06 -54.67
C THR D 399 -9.56 20.22 -56.08
N ALA D 400 -8.34 20.76 -56.20
CA ALA D 400 -7.70 21.07 -57.51
C ALA D 400 -7.02 19.85 -58.14
N ARG D 401 -6.51 18.93 -57.32
CA ARG D 401 -5.77 17.78 -57.81
C ARG D 401 -6.28 16.50 -57.18
N HIS D 402 -6.33 15.43 -57.95
N HIS D 402 -6.30 15.43 -57.97
CA HIS D 402 -6.73 14.12 -57.43
CA HIS D 402 -6.58 14.07 -57.49
C HIS D 402 -5.58 13.55 -56.58
C HIS D 402 -5.49 13.64 -56.53
N THR D 403 -5.88 13.24 -55.33
CA THR D 403 -4.89 12.76 -54.36
C THR D 403 -5.32 11.40 -53.81
N PRO D 404 -4.35 10.49 -53.55
CA PRO D 404 -4.68 9.17 -53.01
C PRO D 404 -5.21 9.23 -51.55
N VAL D 405 -4.66 10.16 -50.77
CA VAL D 405 -5.08 10.37 -49.38
C VAL D 405 -5.80 11.72 -49.25
N ASN D 406 -6.98 11.69 -48.66
CA ASN D 406 -7.84 12.86 -48.55
C ASN D 406 -7.80 13.40 -47.12
N SER D 407 -6.95 14.38 -46.86
CA SER D 407 -6.94 15.02 -45.54
C SER D 407 -8.28 15.63 -45.19
N TRP D 408 -9.07 16.07 -46.18
CA TRP D 408 -10.29 16.80 -45.83
C TRP D 408 -11.24 15.86 -45.09
N LEU D 409 -11.28 14.62 -45.51
CA LEU D 409 -12.14 13.59 -44.94
C LEU D 409 -11.68 13.27 -43.50
N GLY D 410 -10.36 13.07 -43.29
CA GLY D 410 -9.82 12.85 -41.97
C GLY D 410 -10.12 14.02 -41.09
N ASN D 411 -10.08 15.24 -41.66
CA ASN D 411 -10.37 16.42 -40.86
C ASN D 411 -11.82 16.53 -40.52
N ILE D 412 -12.73 16.18 -41.43
CA ILE D 412 -14.15 16.21 -41.07
C ILE D 412 -14.40 15.21 -39.92
N ILE D 413 -13.76 14.03 -40.00
CA ILE D 413 -14.01 12.96 -39.04
C ILE D 413 -13.43 13.36 -37.67
N MET D 414 -12.21 13.87 -37.66
CA MET D 414 -11.57 14.22 -36.32
C MET D 414 -12.03 15.51 -35.72
N TYR D 415 -12.45 16.45 -36.59
CA TYR D 415 -12.84 17.79 -36.12
C TYR D 415 -14.31 18.08 -36.42
N ALA D 416 -15.12 17.03 -36.48
CA ALA D 416 -16.57 17.16 -36.80
C ALA D 416 -17.35 18.20 -35.93
N PRO D 417 -16.98 18.39 -34.66
CA PRO D 417 -17.83 19.34 -33.89
C PRO D 417 -17.40 20.76 -34.12
N THR D 418 -16.29 21.00 -34.87
CA THR D 418 -15.81 22.37 -34.95
C THR D 418 -16.60 23.20 -35.93
N LEU D 419 -16.54 24.50 -35.72
CA LEU D 419 -17.28 25.46 -36.53
C LEU D 419 -16.76 25.41 -37.97
N TRP D 420 -15.44 25.32 -38.13
CA TRP D 420 -14.84 25.36 -39.46
C TRP D 420 -15.01 24.04 -40.21
N ALA D 421 -14.94 22.88 -39.51
CA ALA D 421 -15.12 21.59 -40.30
C ALA D 421 -16.59 21.54 -40.77
N ARG D 422 -17.51 22.07 -39.94
CA ARG D 422 -18.96 21.92 -40.26
C ARG D 422 -19.39 22.90 -41.33
N MET D 423 -19.07 24.17 -41.10
CA MET D 423 -19.48 25.22 -42.03
C MET D 423 -18.73 25.18 -43.34
N ILE D 424 -17.45 24.87 -43.31
CA ILE D 424 -16.66 24.91 -44.54
C ILE D 424 -16.39 23.58 -45.18
N LEU D 425 -15.72 22.67 -44.47
CA LEU D 425 -15.34 21.41 -45.11
C LEU D 425 -16.53 20.56 -45.53
N MET D 426 -17.50 20.42 -44.65
CA MET D 426 -18.68 19.60 -44.95
C MET D 426 -19.45 20.20 -46.17
N THR D 427 -19.63 21.50 -46.13
CA THR D 427 -20.43 22.21 -47.18
C THR D 427 -19.72 22.08 -48.51
N HIS D 428 -18.43 22.35 -48.50
CA HIS D 428 -17.63 22.37 -49.73
C HIS D 428 -17.57 20.97 -50.37
N PHE D 429 -17.17 19.97 -49.61
CA PHE D 429 -16.99 18.64 -50.12
C PHE D 429 -18.31 17.91 -50.40
N PHE D 430 -19.35 18.13 -49.57
CA PHE D 430 -20.61 17.56 -49.96
C PHE D 430 -21.17 18.17 -51.26
N SER D 431 -20.93 19.46 -51.47
CA SER D 431 -21.32 20.11 -52.75
C SER D 431 -20.59 19.43 -53.97
N ILE D 432 -19.30 19.21 -53.84
CA ILE D 432 -18.50 18.51 -54.91
C ILE D 432 -19.02 17.11 -55.14
N LEU D 433 -19.24 16.36 -54.06
CA LEU D 433 -19.64 14.96 -54.17
C LEU D 433 -21.04 14.86 -54.82
N LEU D 434 -21.96 15.76 -54.47
CA LEU D 434 -23.26 15.78 -55.12
C LEU D 434 -23.07 16.06 -56.62
N ALA D 435 -22.26 17.09 -56.95
CA ALA D 435 -22.05 17.48 -58.35
C ALA D 435 -21.40 16.38 -59.18
N GLN D 436 -20.41 15.70 -58.61
CA GLN D 436 -19.71 14.61 -59.29
C GLN D 436 -20.42 13.28 -59.16
N GLU D 437 -21.57 13.27 -58.48
CA GLU D 437 -22.37 12.06 -58.20
C GLU D 437 -21.52 10.96 -57.57
N GLN D 438 -20.79 11.34 -56.53
CA GLN D 438 -19.80 10.45 -55.95
C GLN D 438 -19.96 10.26 -54.43
N LEU D 439 -21.18 10.50 -53.93
CA LEU D 439 -21.47 10.33 -52.47
C LEU D 439 -21.18 8.90 -51.94
N GLU D 440 -21.33 7.93 -52.82
CA GLU D 440 -21.30 6.53 -52.42
C GLU D 440 -19.93 5.87 -52.60
N LYS D 441 -19.00 6.59 -53.22
CA LYS D 441 -17.64 6.11 -53.49
C LYS D 441 -16.76 6.17 -52.24
N ALA D 442 -16.25 5.01 -51.79
CA ALA D 442 -15.34 4.93 -50.67
C ALA D 442 -14.07 5.67 -50.87
N LEU D 443 -13.58 6.33 -49.80
CA LEU D 443 -12.33 7.08 -49.92
C LEU D 443 -11.37 6.64 -48.83
N ASP D 444 -10.09 6.65 -49.14
CA ASP D 444 -9.07 6.36 -48.17
C ASP D 444 -8.81 7.61 -47.33
N CYS D 445 -8.64 7.40 -46.04
CA CYS D 445 -8.10 8.50 -45.24
C CYS D 445 -7.18 7.94 -44.21
N GLN D 446 -6.26 8.79 -43.75
CA GLN D 446 -5.19 8.33 -42.89
C GLN D 446 -5.20 9.18 -41.66
N ILE D 447 -5.27 8.54 -40.50
CA ILE D 447 -5.45 9.33 -39.22
C ILE D 447 -4.39 8.78 -38.25
N TYR D 448 -3.40 9.61 -37.96
CA TYR D 448 -2.32 9.32 -36.97
C TYR D 448 -1.76 7.92 -37.18
N GLY D 449 -1.62 7.53 -38.45
CA GLY D 449 -0.98 6.28 -38.85
C GLY D 449 -1.90 5.13 -39.08
N ALA D 450 -3.20 5.29 -38.81
CA ALA D 450 -4.19 4.25 -39.17
C ALA D 450 -4.91 4.61 -40.47
N CYS D 451 -5.18 3.66 -41.36
CA CYS D 451 -5.71 3.96 -42.71
C CYS D 451 -7.09 3.35 -42.75
N TYR D 452 -8.08 4.10 -43.30
CA TYR D 452 -9.47 3.61 -43.29
C TYR D 452 -10.01 3.78 -44.73
N SER D 453 -11.02 3.02 -45.08
CA SER D 453 -11.75 3.21 -46.33
C SER D 453 -13.14 3.65 -45.87
N ILE D 454 -13.49 4.89 -46.21
CA ILE D 454 -14.72 5.55 -45.70
C ILE D 454 -15.64 6.06 -46.84
N GLU D 455 -16.89 5.58 -46.86
CA GLU D 455 -17.93 6.17 -47.71
C GLU D 455 -18.48 7.46 -47.01
N PRO D 456 -18.48 8.59 -47.71
CA PRO D 456 -18.95 9.87 -47.10
C PRO D 456 -20.36 9.79 -46.58
N LEU D 457 -21.23 8.98 -47.23
CA LEU D 457 -22.60 8.82 -46.78
C LEU D 457 -22.74 8.23 -45.37
N ASP D 458 -21.69 7.61 -44.89
CA ASP D 458 -21.63 7.10 -43.51
C ASP D 458 -21.09 8.06 -42.46
N LEU D 459 -20.73 9.30 -42.88
CA LEU D 459 -20.26 10.29 -41.88
C LEU D 459 -21.16 10.51 -40.65
N PRO D 460 -22.52 10.63 -40.81
CA PRO D 460 -23.34 10.84 -39.59
C PRO D 460 -23.14 9.81 -38.47
N GLN D 461 -23.22 8.53 -38.79
CA GLN D 461 -23.03 7.51 -37.71
C GLN D 461 -21.56 7.48 -37.19
N ILE D 462 -20.60 7.74 -38.05
CA ILE D 462 -19.20 7.79 -37.63
C ILE D 462 -18.99 8.90 -36.68
N ILE D 463 -19.50 10.05 -37.05
CA ILE D 463 -19.39 11.19 -36.20
C ILE D 463 -20.09 10.95 -34.89
N GLU D 464 -21.30 10.38 -34.90
CA GLU D 464 -21.97 10.16 -33.61
C GLU D 464 -21.14 9.20 -32.74
N ARG D 465 -20.54 8.20 -33.37
CA ARG D 465 -19.75 7.23 -32.61
C ARG D 465 -18.50 7.88 -31.99
N LEU D 466 -17.82 8.76 -32.76
CA LEU D 466 -16.58 9.37 -32.28
C LEU D 466 -16.75 10.62 -31.42
N HIS D 467 -17.91 11.33 -31.55
CA HIS D 467 -18.01 12.56 -30.83
C HIS D 467 -19.27 12.65 -30.03
N GLY D 468 -20.27 11.81 -30.30
CA GLY D 468 -21.56 11.98 -29.57
C GLY D 468 -22.53 12.79 -30.47
N LEU D 469 -23.82 12.63 -30.23
CA LEU D 469 -24.86 13.36 -30.97
C LEU D 469 -24.72 14.86 -30.90
N SER D 470 -24.10 15.37 -29.82
CA SER D 470 -24.00 16.79 -29.68
C SER D 470 -23.21 17.48 -30.80
N ALA D 471 -22.33 16.73 -31.49
CA ALA D 471 -21.47 17.32 -32.55
C ALA D 471 -22.39 17.91 -33.68
N PHE D 472 -23.65 17.47 -33.79
CA PHE D 472 -24.58 18.03 -34.78
C PHE D 472 -25.45 19.19 -34.26
N SER D 473 -25.26 19.64 -33.01
N SER D 473 -25.26 19.64 -33.01
CA SER D 473 -26.09 20.70 -32.47
CA SER D 473 -26.10 20.72 -32.46
C SER D 473 -25.29 21.69 -31.66
C SER D 473 -25.29 21.82 -31.83
N LEU D 474 -23.97 21.69 -31.83
CA LEU D 474 -23.13 22.75 -31.18
C LEU D 474 -23.35 24.15 -31.75
N HIS D 475 -23.46 25.10 -30.85
CA HIS D 475 -23.63 26.48 -31.25
C HIS D 475 -23.12 27.33 -30.10
N SER D 476 -23.19 28.65 -30.25
CA SER D 476 -22.53 29.57 -29.28
C SER D 476 -21.04 29.20 -29.04
N TYR D 477 -20.26 29.12 -30.13
CA TYR D 477 -18.83 28.85 -30.03
C TYR D 477 -18.19 30.06 -29.35
N SER D 478 -16.97 29.89 -28.88
CA SER D 478 -16.31 30.94 -28.04
C SER D 478 -15.84 32.03 -28.96
N PRO D 479 -15.83 33.28 -28.46
CA PRO D 479 -15.46 34.39 -29.31
C PRO D 479 -14.08 34.22 -29.84
N GLY D 480 -13.17 33.67 -29.00
CA GLY D 480 -11.81 33.43 -29.45
C GLY D 480 -11.74 32.41 -30.61
N GLU D 481 -12.61 31.40 -30.55
CA GLU D 481 -12.62 30.37 -31.66
C GLU D 481 -13.19 30.99 -32.96
N ILE D 482 -14.31 31.71 -32.84
CA ILE D 482 -14.92 32.38 -34.02
C ILE D 482 -13.88 33.34 -34.65
N ASN D 483 -13.23 34.14 -33.81
N ASN D 483 -13.22 34.16 -33.82
CA ASN D 483 -12.23 35.11 -34.29
CA ASN D 483 -12.21 35.11 -34.33
C ASN D 483 -11.06 34.46 -35.04
C ASN D 483 -11.09 34.42 -35.09
N ARG D 484 -10.57 33.30 -34.54
CA ARG D 484 -9.48 32.58 -35.19
C ARG D 484 -9.96 32.09 -36.57
N VAL D 485 -11.17 31.51 -36.60
CA VAL D 485 -11.68 30.99 -37.88
C VAL D 485 -11.82 32.15 -38.86
N ALA D 486 -12.52 33.19 -38.42
CA ALA D 486 -12.83 34.32 -39.32
C ALA D 486 -11.55 34.96 -39.86
N SER D 487 -10.55 35.15 -38.99
N SER D 487 -10.57 35.16 -38.98
CA SER D 487 -9.25 35.68 -39.40
CA SER D 487 -9.24 35.67 -39.33
C SER D 487 -8.51 34.81 -40.37
C SER D 487 -8.53 34.83 -40.35
N CYS D 488 -8.58 33.48 -40.20
CA CYS D 488 -8.00 32.59 -41.13
C CYS D 488 -8.66 32.74 -42.51
N LEU D 489 -9.99 32.83 -42.50
CA LEU D 489 -10.72 32.94 -43.76
C LEU D 489 -10.27 34.23 -44.54
N ARG D 490 -10.17 35.36 -43.84
CA ARG D 490 -9.71 36.64 -44.48
C ARG D 490 -8.30 36.48 -45.02
N LYS D 491 -7.42 35.87 -44.20
CA LYS D 491 -6.04 35.64 -44.56
C LYS D 491 -5.89 34.80 -45.85
N LEU D 492 -6.70 33.75 -45.99
CA LEU D 492 -6.57 32.83 -47.14
C LEU D 492 -7.39 33.22 -48.37
N GLY D 493 -8.32 34.14 -48.22
CA GLY D 493 -9.20 34.48 -49.30
C GLY D 493 -10.33 33.45 -49.43
N VAL D 494 -10.78 32.94 -48.28
CA VAL D 494 -11.92 31.99 -48.23
C VAL D 494 -13.19 32.87 -47.97
N PRO D 495 -14.31 32.59 -48.66
CA PRO D 495 -15.56 33.36 -48.37
C PRO D 495 -15.88 33.30 -46.90
N PRO D 496 -16.44 34.38 -46.32
CA PRO D 496 -16.74 34.43 -44.89
C PRO D 496 -17.83 33.41 -44.51
N LEU D 497 -17.95 33.13 -43.22
CA LEU D 497 -18.90 32.07 -42.73
C LEU D 497 -20.38 32.31 -43.22
N ARG D 498 -20.82 33.57 -43.30
CA ARG D 498 -22.19 33.81 -43.85
C ARG D 498 -22.42 33.25 -45.22
N VAL D 499 -21.40 33.26 -46.08
CA VAL D 499 -21.56 32.70 -47.42
C VAL D 499 -21.71 31.17 -47.30
N TRP D 500 -20.93 30.55 -46.38
CA TRP D 500 -20.98 29.07 -46.16
C TRP D 500 -22.33 28.61 -45.64
N ARG D 501 -22.94 29.41 -44.79
CA ARG D 501 -24.28 29.15 -44.28
C ARG D 501 -25.29 29.06 -45.46
N HIS D 502 -25.23 29.97 -46.41
CA HIS D 502 -26.16 29.94 -47.63
C HIS D 502 -25.83 28.79 -48.56
N ARG D 503 -24.56 28.52 -48.81
CA ARG D 503 -24.18 27.38 -49.58
C ARG D 503 -24.68 26.05 -48.94
N ALA D 504 -24.60 25.92 -47.65
CA ALA D 504 -24.96 24.71 -46.98
C ALA D 504 -26.46 24.47 -46.98
N ARG D 505 -27.27 25.52 -46.88
CA ARG D 505 -28.69 25.37 -47.02
C ARG D 505 -29.04 24.73 -48.39
N SER D 506 -28.36 25.15 -49.42
CA SER D 506 -28.61 24.55 -50.73
C SER D 506 -28.11 23.08 -50.81
N VAL D 507 -26.87 22.81 -50.31
CA VAL D 507 -26.33 21.44 -50.28
C VAL D 507 -27.28 20.52 -49.46
N ARG D 508 -27.72 21.02 -48.29
CA ARG D 508 -28.61 20.27 -47.41
C ARG D 508 -29.90 19.90 -48.18
N ALA D 509 -30.46 20.89 -48.83
CA ALA D 509 -31.73 20.64 -49.57
C ALA D 509 -31.52 19.53 -50.65
N ARG D 510 -30.47 19.65 -51.45
CA ARG D 510 -30.16 18.64 -52.49
C ARG D 510 -29.95 17.25 -51.89
N LEU D 511 -29.26 17.17 -50.74
CA LEU D 511 -29.09 15.88 -50.04
C LEU D 511 -30.45 15.29 -49.64
N LEU D 512 -31.29 16.07 -48.92
CA LEU D 512 -32.60 15.61 -48.49
C LEU D 512 -33.45 15.07 -49.71
N SER D 513 -33.35 15.70 -50.87
CA SER D 513 -34.19 15.30 -52.03
C SER D 513 -33.77 13.87 -52.55
N GLN D 514 -32.58 13.39 -52.15
CA GLN D 514 -32.10 12.10 -52.67
C GLN D 514 -32.54 10.92 -51.80
N GLY D 515 -32.98 11.22 -50.59
CA GLY D 515 -33.56 10.20 -49.68
C GLY D 515 -32.44 9.36 -49.08
N GLY D 516 -32.80 8.37 -48.26
CA GLY D 516 -31.84 7.33 -47.83
C GLY D 516 -30.68 7.91 -47.00
N ARG D 517 -29.46 7.39 -47.23
CA ARG D 517 -28.28 7.90 -46.52
C ARG D 517 -27.95 9.36 -46.86
N ALA D 518 -28.13 9.76 -48.14
CA ALA D 518 -27.90 11.17 -48.51
C ALA D 518 -28.81 12.08 -47.69
N ALA D 519 -30.07 11.67 -47.44
CA ALA D 519 -30.98 12.51 -46.63
C ALA D 519 -30.55 12.57 -45.18
N THR D 520 -30.04 11.44 -44.66
CA THR D 520 -29.53 11.48 -43.31
C THR D 520 -28.36 12.48 -43.21
N CYS D 521 -27.47 12.49 -44.19
CA CYS D 521 -26.35 13.49 -44.21
C CYS D 521 -26.89 14.92 -44.22
N GLY D 522 -27.84 15.20 -45.09
CA GLY D 522 -28.52 16.50 -45.08
C GLY D 522 -29.09 16.85 -43.70
N LYS D 523 -29.82 15.89 -43.12
CA LYS D 523 -30.53 16.15 -41.88
C LYS D 523 -29.52 16.38 -40.71
N TYR D 524 -28.54 15.47 -40.54
CA TYR D 524 -27.65 15.56 -39.35
C TYR D 524 -26.51 16.54 -39.59
N LEU D 525 -25.80 16.43 -40.75
CA LEU D 525 -24.57 17.25 -40.90
C LEU D 525 -24.87 18.74 -41.03
N PHE D 526 -26.10 19.06 -41.51
CA PHE D 526 -26.45 20.42 -41.88
C PHE D 526 -27.59 21.04 -41.12
N ASN D 527 -27.96 20.44 -40.00
CA ASN D 527 -29.04 20.98 -39.16
C ASN D 527 -28.63 22.36 -38.62
N TRP D 528 -27.32 22.60 -38.49
CA TRP D 528 -26.83 23.94 -38.07
C TRP D 528 -27.18 25.02 -39.05
N ALA D 529 -27.35 24.67 -40.36
CA ALA D 529 -27.50 25.73 -41.39
C ALA D 529 -28.93 26.35 -41.43
N VAL D 530 -29.92 25.63 -40.93
CA VAL D 530 -31.33 26.07 -41.05
C VAL D 530 -31.88 26.70 -39.79
N LYS D 531 -32.89 27.59 -39.91
CA LYS D 531 -33.44 28.29 -38.74
C LYS D 531 -34.39 27.37 -37.94
N THR D 532 -35.22 26.61 -38.63
CA THR D 532 -36.09 25.63 -38.00
C THR D 532 -35.42 24.24 -37.98
N LYS D 533 -34.91 23.83 -36.81
CA LYS D 533 -34.14 22.56 -36.68
C LYS D 533 -34.97 21.29 -36.76
N LEU D 534 -34.43 20.23 -37.34
CA LEU D 534 -35.01 18.92 -37.24
C LEU D 534 -34.64 18.24 -35.91
N LYS D 535 -35.47 17.31 -35.46
CA LYS D 535 -35.20 16.56 -34.23
C LYS D 535 -34.17 15.49 -34.51
N LEU D 536 -32.99 15.63 -33.91
CA LEU D 536 -31.91 14.66 -34.20
C LEU D 536 -31.84 13.60 -33.07
N THR D 537 -32.15 12.37 -33.45
CA THR D 537 -32.15 11.26 -32.52
C THR D 537 -30.97 10.35 -32.80
N PRO D 538 -30.57 9.52 -31.81
CA PRO D 538 -29.47 8.58 -32.08
C PRO D 538 -29.70 7.73 -33.33
N ILE D 539 -28.72 7.66 -34.24
CA ILE D 539 -28.80 6.88 -35.45
C ILE D 539 -28.62 5.38 -35.12
N PRO D 540 -29.57 4.53 -35.56
CA PRO D 540 -29.49 3.09 -35.31
C PRO D 540 -28.25 2.44 -35.94
N ALA D 541 -27.82 2.96 -37.10
CA ALA D 541 -26.65 2.42 -37.81
C ALA D 541 -25.27 2.72 -37.17
N ALA D 542 -25.24 3.38 -36.01
CA ALA D 542 -23.99 3.82 -35.36
C ALA D 542 -23.20 2.66 -34.74
N SER D 543 -23.93 1.70 -34.17
CA SER D 543 -23.33 0.51 -33.54
C SER D 543 -22.94 -0.56 -34.57
N GLN D 544 -23.50 -0.47 -35.78
CA GLN D 544 -23.18 -1.38 -36.89
C GLN D 544 -21.74 -1.24 -37.42
N LEU D 545 -21.06 -0.14 -37.08
CA LEU D 545 -19.70 0.13 -37.56
C LEU D 545 -18.57 -0.46 -36.68
N ASP D 546 -17.71 -1.25 -37.31
CA ASP D 546 -16.50 -1.71 -36.64
C ASP D 546 -15.51 -0.55 -36.50
N LEU D 547 -15.34 0.18 -37.61
CA LEU D 547 -14.41 1.29 -37.67
C LEU D 547 -12.97 0.93 -37.28
N SER D 548 -12.56 -0.29 -37.58
CA SER D 548 -11.16 -0.69 -37.47
C SER D 548 -10.44 -0.27 -38.76
N GLY D 549 -9.12 -0.22 -38.72
CA GLY D 549 -8.40 0.17 -39.89
C GLY D 549 -7.13 -0.63 -40.09
N TRP D 550 -6.24 -0.17 -40.97
CA TRP D 550 -4.96 -0.85 -41.18
C TRP D 550 -3.86 0.07 -40.73
N PHE D 551 -2.83 -0.46 -40.07
CA PHE D 551 -1.64 0.37 -39.76
C PHE D 551 -0.85 0.73 -41.03
N VAL D 552 -0.62 2.04 -41.23
CA VAL D 552 -0.01 2.56 -42.46
C VAL D 552 1.49 2.19 -42.66
N ALA D 553 1.88 1.97 -43.94
CA ALA D 553 3.24 1.51 -44.32
C ALA D 553 4.37 2.51 -43.98
N1 JT1 E . -32.49 -1.87 10.96
N2 JT1 E . -30.55 -2.82 9.22
S3 JT1 E . -29.19 -2.57 8.41
C4 JT1 E . -28.80 -0.92 8.57
O5 JT1 E . -29.42 -2.84 7.05
O6 JT1 E . -28.06 -3.27 9.12
C7 JT1 E . -28.08 -0.47 9.72
C8 JT1 E . -27.68 0.90 9.77
C9 JT1 E . -27.98 1.71 8.67
C10 JT1 E . -28.63 1.28 7.51
C11 JT1 E . -29.00 -0.07 7.47
C12 JT1 E . -31.78 -2.36 8.55
C13 JT1 E . -32.51 -1.44 9.59
C14 JT1 E . -31.22 -2.39 11.53
C15 JT1 E . -30.56 -3.38 10.57
C16 JT1 E . -32.73 -3.53 8.19
O17 JT1 E . -33.98 -3.34 7.94
N18 JT1 E . -32.18 -4.81 8.22
C19 JT1 E . -33.02 -5.88 7.66
C20 JT1 E . -33.02 -6.07 6.16
C21 JT1 E . -34.21 -5.78 5.45
C22 JT1 E . -34.22 -5.90 4.06
C23 JT1 E . -33.08 -6.41 3.42
C24 JT1 E . -31.90 -6.67 4.14
C25 JT1 E . -31.86 -6.49 5.50
C26 JT1 E . -33.68 -2.21 11.61
S27 JT1 E . -35.27 -1.83 10.87
N28 JT1 E . -33.68 -2.74 12.82
C29 JT1 E . -35.01 -2.89 13.21
C30 JT1 E . -35.97 -2.47 12.26
C31 JT1 E . -37.30 -2.66 12.63
N32 JT1 E . -37.61 -3.18 13.85
C33 JT1 E . -36.63 -3.60 14.68
N34 JT1 E . -35.31 -3.49 14.44
O35 JT1 E . -33.02 -6.65 2.09
C36 JT1 E . -32.71 -5.60 1.22
C40 JT1 E . -27.52 3.15 8.65
C44 JT1 E . -36.96 -4.24 16.01
C45 JT1 E . -38.07 -3.65 16.88
C46 JT1 E . -38.23 -5.00 16.21
F37 JT1 E . -32.62 -6.11 0.00
F38 JT1 E . -31.56 -5.07 1.56
F39 JT1 E . -33.60 -4.62 1.22
F41 JT1 E . -28.37 4.06 8.14
F42 JT1 E . -26.37 3.31 7.88
F43 JT1 E . -27.11 3.75 9.77
F47 JT1 E . -30.87 -7.16 3.45
N1 JT1 F . 37.07 24.63 18.07
N2 JT1 F . 38.93 23.76 16.17
S3 JT1 F . 40.19 23.94 15.21
C4 JT1 F . 40.70 25.55 15.24
O5 JT1 F . 39.88 23.67 13.91
O6 JT1 F . 41.37 23.25 15.80
C7 JT1 F . 41.51 26.02 16.34
C8 JT1 F . 41.95 27.40 16.36
C9 JT1 F . 41.52 28.17 15.26
C10 JT1 F . 40.76 27.73 14.19
C11 JT1 F . 40.34 26.40 14.15
C12 JT1 F . 37.60 24.17 15.62
C13 JT1 F . 36.89 25.03 16.67
C14 JT1 F . 38.40 24.14 18.53
C15 JT1 F . 39.03 23.23 17.48
C16 JT1 F . 36.66 23.01 15.25
O17 JT1 F . 35.43 23.22 15.04
N18 JT1 F . 37.14 21.76 15.19
C19 JT1 F . 36.40 20.63 14.62
C20 JT1 F . 36.28 20.40 13.17
C21 JT1 F . 35.03 20.60 12.52
C22 JT1 F . 34.89 20.35 11.13
C23 JT1 F . 35.99 20.01 10.43
C24 JT1 F . 37.28 19.91 11.10
C25 JT1 F . 37.40 20.04 12.44
C26 JT1 F . 35.97 24.22 18.76
S27 JT1 F . 34.32 24.60 18.09
N28 JT1 F . 35.96 23.62 19.89
C29 JT1 F . 34.70 23.40 20.36
C30 JT1 F . 33.66 23.92 19.47
C31 JT1 F . 32.36 23.63 19.88
N32 JT1 F . 32.06 23.03 21.08
C33 JT1 F . 33.14 22.61 21.86
N34 JT1 F . 34.44 22.77 21.53
O35 JT1 F . 35.93 19.78 9.08
C36 JT1 F . 36.26 20.83 8.20
C40 JT1 F . 42.06 29.60 15.21
C44 JT1 F . 32.88 21.88 23.16
C45 JT1 F . 31.74 22.23 24.10
C46 JT1 F . 31.60 21.03 23.21
F37 JT1 F . 36.25 20.33 6.94
F38 JT1 F . 37.52 21.30 8.33
F39 JT1 F . 35.47 21.86 8.32
F41 JT1 F . 41.19 30.49 14.79
F42 JT1 F . 43.14 29.70 14.33
F43 JT1 F . 42.59 30.07 16.37
F47 JT1 F . 38.28 19.46 10.39
CL CL G . 26.95 34.74 25.99
N1 JT1 H . 4.97 -38.54 18.44
N2 JT1 H . 2.96 -37.02 19.63
S3 JT1 H . 1.38 -36.55 19.67
C4 JT1 H . 0.59 -37.12 18.30
O5 JT1 H . 1.37 -35.15 19.66
O6 JT1 H . 0.71 -37.24 20.72
C7 JT1 H . 0.13 -38.45 18.28
C8 JT1 H . -0.59 -38.87 17.11
C9 JT1 H . -0.84 -37.94 16.09
C10 JT1 H . -0.41 -36.60 16.09
C11 JT1 H . 0.33 -36.19 17.23
C12 JT1 H . 3.88 -36.28 18.80
C13 JT1 H . 4.56 -37.26 17.82
C14 JT1 H . 4.06 -39.22 19.42
C15 JT1 H . 3.44 -38.15 20.37
C16 JT1 H . 4.94 -35.41 19.51
O17 JT1 H . 5.89 -34.92 18.84
N18 JT1 H . 4.76 -35.19 20.85
C19 JT1 H . 5.58 -34.24 21.54
C20 JT1 H . 5.22 -32.79 21.48
C21 JT1 H . 6.12 -31.92 20.81
C22 JT1 H . 5.84 -30.55 20.74
C23 JT1 H . 4.72 -30.07 21.34
C24 JT1 H . 3.81 -30.98 21.97
C25 JT1 H . 4.06 -32.34 22.04
C26 JT1 H . 6.36 -38.75 18.55
S27 JT1 H . 7.56 -37.78 17.61
N28 JT1 H . 6.85 -39.75 19.27
C29 JT1 H . 8.23 -39.75 19.16
C30 JT1 H . 8.78 -38.77 18.28
C31 JT1 H . 10.18 -38.77 18.13
N32 JT1 H . 10.93 -39.68 18.80
C33 JT1 H . 10.29 -40.58 19.62
N34 JT1 H . 8.96 -40.66 19.81
O35 JT1 H . 4.42 -28.71 21.35
C36 JT1 H . 3.57 -28.20 20.35
C40 JT1 H . -1.65 -38.36 14.87
C44 JT1 H . 11.12 -41.58 20.38
C45 JT1 H . 12.39 -42.19 19.78
C46 JT1 H . 12.49 -41.13 20.90
F37 JT1 H . 3.31 -26.92 20.73
F38 JT1 H . 2.42 -28.88 20.18
F39 JT1 H . 4.09 -28.29 19.18
F41 JT1 H . -1.18 -37.87 13.70
F42 JT1 H . -2.93 -37.87 14.91
F43 JT1 H . -1.85 -39.67 14.70
F47 JT1 H . 2.78 -30.49 22.54
CL CL I . 14.01 -45.77 6.80
N1 JT1 J . -6.65 5.25 -34.29
N2 JT1 J . -8.69 6.88 -33.30
S3 JT1 J . -10.18 7.39 -33.43
C4 JT1 J . -10.83 6.95 -34.94
O5 JT1 J . -10.15 8.81 -33.42
O6 JT1 J . -11.04 6.69 -32.46
C7 JT1 J . -11.34 5.65 -35.08
C8 JT1 J . -11.96 5.25 -36.29
C9 JT1 J . -11.97 6.20 -37.33
C10 JT1 J . -11.52 7.50 -37.19
C11 JT1 J . -10.92 7.86 -35.98
C12 JT1 J . -7.67 7.59 -34.08
C13 JT1 J . -7.00 6.50 -34.96
C14 JT1 J . -7.69 4.63 -33.42
C15 JT1 J . -8.30 5.72 -32.54
C16 JT1 J . -6.61 8.31 -33.21
O17 JT1 J . -5.51 8.69 -33.67
N18 JT1 J . -6.92 8.54 -31.92
C19 JT1 J . -6.01 9.33 -31.09
C20 JT1 J . -6.32 10.80 -31.16
C21 JT1 J . -5.32 11.61 -31.80
C22 JT1 J . -5.50 13.02 -31.80
C23 JT1 J . -6.68 13.54 -31.33
C24 JT1 J . -7.67 12.68 -30.76
C25 JT1 J . -7.50 11.32 -30.62
C26 JT1 J . -5.32 4.88 -34.12
S27 JT1 J . -3.93 5.82 -34.88
N28 JT1 J . -4.96 3.85 -33.39
C29 JT1 J . -3.61 3.69 -33.46
C30 JT1 J . -2.88 4.72 -34.22
C31 JT1 J . -1.49 4.63 -34.23
N32 JT1 J . -0.85 3.62 -33.60
C33 JT1 J . -1.63 2.71 -32.87
N34 JT1 J . -2.98 2.70 -32.81
O35 JT1 J . -6.92 14.93 -31.30
C36 JT1 J . -7.69 15.49 -32.35
C40 JT1 J . -12.68 5.86 -38.61
C44 JT1 J . -1.01 1.54 -32.15
C45 JT1 J . 0.13 0.75 -32.78
C46 JT1 J . 0.39 1.70 -31.63
F37 JT1 J . -7.95 16.78 -32.06
F38 JT1 J . -8.87 14.84 -32.54
F39 JT1 J . -7.13 15.38 -33.50
F41 JT1 J . -12.16 6.33 -39.76
F42 JT1 J . -13.94 6.37 -38.58
F43 JT1 J . -12.94 4.55 -38.80
F47 JT1 J . -8.72 13.26 -30.21
#